data_5CAZ
# 
_entry.id   5CAZ 
# 
_audit_conform.dict_name       mmcif_pdbx.dic 
_audit_conform.dict_version    5.379 
_audit_conform.dict_location   http://mmcif.pdb.org/dictionaries/ascii/mmcif_pdbx.dic 
# 
loop_
_database_2.database_id 
_database_2.database_code 
_database_2.pdbx_database_accession 
_database_2.pdbx_DOI 
PDB   5CAZ         pdb_00005caz 10.2210/pdb5caz/pdb 
WWPDB D_1000211323 ?            ?                   
# 
_pdbx_database_related.db_name        PDB 
_pdbx_database_related.details        . 
_pdbx_database_related.db_id          5CB7 
_pdbx_database_related.content_type   unspecified 
# 
_pdbx_database_status.status_code                     REL 
_pdbx_database_status.status_code_sf                  REL 
_pdbx_database_status.status_code_mr                  ? 
_pdbx_database_status.entry_id                        5CAZ 
_pdbx_database_status.recvd_initial_deposition_date   2015-06-30 
_pdbx_database_status.SG_entry                        N 
_pdbx_database_status.deposit_site                    RCSB 
_pdbx_database_status.process_site                    RCSB 
_pdbx_database_status.status_code_cs                  ? 
_pdbx_database_status.methods_development_category    ? 
_pdbx_database_status.pdb_format_compatible           Y 
_pdbx_database_status.status_code_nmr_data            ? 
# 
loop_
_audit_author.name 
_audit_author.pdbx_ordinal 
'Yu, X.'        1 
'Blanchard, H.' 2 
# 
_citation.abstract                  ? 
_citation.abstract_id_CAS           ? 
_citation.book_id_ISBN              ? 
_citation.book_publisher            ? 
_citation.book_publisher_city       ? 
_citation.book_title                ? 
_citation.coordinate_linkage        ? 
_citation.country                   GE 
_citation.database_id_Medline       ? 
_citation.details                   ? 
_citation.id                        primary 
_citation.journal_abbrev            Chembiochem 
_citation.journal_id_ASTM           ? 
_citation.journal_id_CSD            ? 
_citation.journal_id_ISSN           1439-7633 
_citation.journal_full              ? 
_citation.journal_issue             ? 
_citation.journal_volume            16 
_citation.language                  ? 
_citation.page_first                2176 
_citation.page_last                 2181 
_citation.title                     
'Substantial Receptor-induced Structural Rearrangement of Rotavirus VP8*: Potential Implications for Cross-Species Infection.' 
_citation.year                      2015 
_citation.database_id_CSD           ? 
_citation.pdbx_database_id_DOI      10.1002/cbic.201500360 
_citation.pdbx_database_id_PubMed   26250751 
_citation.unpublished_flag          ? 
# 
loop_
_citation_author.citation_id 
_citation_author.name 
_citation_author.ordinal 
_citation_author.identifier_ORCID 
primary 'Yu, X.'           1 ? 
primary 'Mishra, R.'       2 ? 
primary 'Holloway, G.'     3 ? 
primary 'von Itzstein, M.' 4 ? 
primary 'Coulson, B.S.'    5 ? 
primary 'Blanchard, H.'    6 ? 
# 
_cell.entry_id           5CAZ 
_cell.length_a           62.810 
_cell.length_b           62.810 
_cell.length_c           74.640 
_cell.angle_alpha        90.00 
_cell.angle_beta         90.00 
_cell.angle_gamma        120.00 
_cell.Z_PDB              6 
_cell.pdbx_unique_axis   ? 
# 
_symmetry.entry_id                         5CAZ 
_symmetry.space_group_name_H-M             'P 65' 
_symmetry.pdbx_full_space_group_name_H-M   ? 
_symmetry.cell_setting                     ? 
_symmetry.Int_Tables_number                170 
# 
loop_
_entity.id 
_entity.type 
_entity.src_method 
_entity.pdbx_description 
_entity.formula_weight 
_entity.pdbx_number_of_molecules 
_entity.pdbx_ec 
_entity.pdbx_mutation 
_entity.pdbx_fragment 
_entity.details 
1 polymer     man 'Outer capsid protein VP4' 18379.334 1   ? Y149D 'unp residues 64-224' ? 
2 non-polymer syn 'ISOPROPYL ALCOHOL'        60.095    7   ? ?     ?                     ? 
3 non-polymer syn 'SULFATE ION'              96.063    1   ? ?     ?                     ? 
4 non-polymer syn GLYCEROL                   92.094    1   ? ?     ?                     ? 
5 water       nat water                      18.015    183 ? ?     ?                     ? 
# 
_entity_name_com.entity_id   1 
_entity_name_com.name        Hemagglutinin 
# 
_entity_poly.entity_id                      1 
_entity_poly.type                           'polypeptide(L)' 
_entity_poly.nstd_linkage                   no 
_entity_poly.nstd_monomer                   no 
_entity_poly.pdbx_seq_one_letter_code       
;TLDGPYQPTSLNLPVDYWMLIAPTREGKVAEGTNTTDRWFACVLVEPNVQNTQRQYVLDGQNVQLHVSNDSSTSWKFILF
IKLTPDGTYTQYSTLSTPHKLCAWMKRDNRVYWYQGATPNASESYYLTINNDNSNVSSDAEFYLIPQSQTAMCTQYINNG
L
;
_entity_poly.pdbx_seq_one_letter_code_can   
;TLDGPYQPTSLNLPVDYWMLIAPTREGKVAEGTNTTDRWFACVLVEPNVQNTQRQYVLDGQNVQLHVSNDSSTSWKFILF
IKLTPDGTYTQYSTLSTPHKLCAWMKRDNRVYWYQGATPNASESYYLTINNDNSNVSSDAEFYLIPQSQTAMCTQYINNG
L
;
_entity_poly.pdbx_strand_id                 A 
_entity_poly.pdbx_target_identifier         ? 
# 
loop_
_entity_poly_seq.entity_id 
_entity_poly_seq.num 
_entity_poly_seq.mon_id 
_entity_poly_seq.hetero 
1 1   THR n 
1 2   LEU n 
1 3   ASP n 
1 4   GLY n 
1 5   PRO n 
1 6   TYR n 
1 7   GLN n 
1 8   PRO n 
1 9   THR n 
1 10  SER n 
1 11  LEU n 
1 12  ASN n 
1 13  LEU n 
1 14  PRO n 
1 15  VAL n 
1 16  ASP n 
1 17  TYR n 
1 18  TRP n 
1 19  MET n 
1 20  LEU n 
1 21  ILE n 
1 22  ALA n 
1 23  PRO n 
1 24  THR n 
1 25  ARG n 
1 26  GLU n 
1 27  GLY n 
1 28  LYS n 
1 29  VAL n 
1 30  ALA n 
1 31  GLU n 
1 32  GLY n 
1 33  THR n 
1 34  ASN n 
1 35  THR n 
1 36  THR n 
1 37  ASP n 
1 38  ARG n 
1 39  TRP n 
1 40  PHE n 
1 41  ALA n 
1 42  CYS n 
1 43  VAL n 
1 44  LEU n 
1 45  VAL n 
1 46  GLU n 
1 47  PRO n 
1 48  ASN n 
1 49  VAL n 
1 50  GLN n 
1 51  ASN n 
1 52  THR n 
1 53  GLN n 
1 54  ARG n 
1 55  GLN n 
1 56  TYR n 
1 57  VAL n 
1 58  LEU n 
1 59  ASP n 
1 60  GLY n 
1 61  GLN n 
1 62  ASN n 
1 63  VAL n 
1 64  GLN n 
1 65  LEU n 
1 66  HIS n 
1 67  VAL n 
1 68  SER n 
1 69  ASN n 
1 70  ASP n 
1 71  SER n 
1 72  SER n 
1 73  THR n 
1 74  SER n 
1 75  TRP n 
1 76  LYS n 
1 77  PHE n 
1 78  ILE n 
1 79  LEU n 
1 80  PHE n 
1 81  ILE n 
1 82  LYS n 
1 83  LEU n 
1 84  THR n 
1 85  PRO n 
1 86  ASP n 
1 87  GLY n 
1 88  THR n 
1 89  TYR n 
1 90  THR n 
1 91  GLN n 
1 92  TYR n 
1 93  SER n 
1 94  THR n 
1 95  LEU n 
1 96  SER n 
1 97  THR n 
1 98  PRO n 
1 99  HIS n 
1 100 LYS n 
1 101 LEU n 
1 102 CYS n 
1 103 ALA n 
1 104 TRP n 
1 105 MET n 
1 106 LYS n 
1 107 ARG n 
1 108 ASP n 
1 109 ASN n 
1 110 ARG n 
1 111 VAL n 
1 112 TYR n 
1 113 TRP n 
1 114 TYR n 
1 115 GLN n 
1 116 GLY n 
1 117 ALA n 
1 118 THR n 
1 119 PRO n 
1 120 ASN n 
1 121 ALA n 
1 122 SER n 
1 123 GLU n 
1 124 SER n 
1 125 TYR n 
1 126 TYR n 
1 127 LEU n 
1 128 THR n 
1 129 ILE n 
1 130 ASN n 
1 131 ASN n 
1 132 ASP n 
1 133 ASN n 
1 134 SER n 
1 135 ASN n 
1 136 VAL n 
1 137 SER n 
1 138 SER n 
1 139 ASP n 
1 140 ALA n 
1 141 GLU n 
1 142 PHE n 
1 143 TYR n 
1 144 LEU n 
1 145 ILE n 
1 146 PRO n 
1 147 GLN n 
1 148 SER n 
1 149 GLN n 
1 150 THR n 
1 151 ALA n 
1 152 MET n 
1 153 CYS n 
1 154 THR n 
1 155 GLN n 
1 156 TYR n 
1 157 ILE n 
1 158 ASN n 
1 159 ASN n 
1 160 GLY n 
1 161 LEU n 
# 
_entity_src_gen.entity_id                          1 
_entity_src_gen.pdbx_src_id                        1 
_entity_src_gen.pdbx_alt_source_flag               sample 
_entity_src_gen.pdbx_seq_type                      'Biological sequence' 
_entity_src_gen.pdbx_beg_seq_num                   1 
_entity_src_gen.pdbx_end_seq_num                   161 
_entity_src_gen.gene_src_common_name               RV-A 
_entity_src_gen.gene_src_genus                     ? 
_entity_src_gen.pdbx_gene_src_gene                 ? 
_entity_src_gen.gene_src_species                   ? 
_entity_src_gen.gene_src_strain                    'Human/Japan/K8/1977 G1-P3A[9]-Ix-Rx-Cx-Mx-A1-Nx-Tx-Ex-H3' 
_entity_src_gen.gene_src_tissue                    ? 
_entity_src_gen.gene_src_tissue_fraction           ? 
_entity_src_gen.gene_src_details                   ? 
_entity_src_gen.pdbx_gene_src_fragment             ? 
_entity_src_gen.pdbx_gene_src_scientific_name      'Rotavirus A (strain Human/Japan/K8/1977 G1-P3A[9]-Ix-Rx-Cx-Mx-A1-Nx-Tx-Ex-H3)' 
_entity_src_gen.pdbx_gene_src_ncbi_taxonomy_id     39012 
_entity_src_gen.pdbx_gene_src_variant              ? 
_entity_src_gen.pdbx_gene_src_cell_line            ? 
_entity_src_gen.pdbx_gene_src_atcc                 ? 
_entity_src_gen.pdbx_gene_src_organ                ? 
_entity_src_gen.pdbx_gene_src_organelle            ? 
_entity_src_gen.pdbx_gene_src_cell                 ? 
_entity_src_gen.pdbx_gene_src_cellular_location    ? 
_entity_src_gen.host_org_common_name               ? 
_entity_src_gen.pdbx_host_org_scientific_name      'Escherichia coli' 
_entity_src_gen.pdbx_host_org_ncbi_taxonomy_id     562 
_entity_src_gen.host_org_genus                     ? 
_entity_src_gen.pdbx_host_org_gene                 ? 
_entity_src_gen.pdbx_host_org_organ                ? 
_entity_src_gen.host_org_species                   ? 
_entity_src_gen.pdbx_host_org_tissue               ? 
_entity_src_gen.pdbx_host_org_tissue_fraction      ? 
_entity_src_gen.pdbx_host_org_strain               ? 
_entity_src_gen.pdbx_host_org_variant              ? 
_entity_src_gen.pdbx_host_org_cell_line            ? 
_entity_src_gen.pdbx_host_org_atcc                 ? 
_entity_src_gen.pdbx_host_org_culture_collection   ? 
_entity_src_gen.pdbx_host_org_cell                 ? 
_entity_src_gen.pdbx_host_org_organelle            ? 
_entity_src_gen.pdbx_host_org_cellular_location    ? 
_entity_src_gen.pdbx_host_org_vector_type          ? 
_entity_src_gen.pdbx_host_org_vector               ? 
_entity_src_gen.host_org_details                   ? 
_entity_src_gen.expression_system_id               ? 
_entity_src_gen.plasmid_name                       ? 
_entity_src_gen.plasmid_details                    ? 
_entity_src_gen.pdbx_description                   ? 
# 
_struct_ref.id                         1 
_struct_ref.db_name                    UNP 
_struct_ref.db_code                    VP4_ROTHJ 
_struct_ref.pdbx_db_accession          Q01641 
_struct_ref.pdbx_db_isoform            ? 
_struct_ref.entity_id                  1 
_struct_ref.pdbx_seq_one_letter_code   
;TLDGPYQPTSLNLPVDYWMLIAPTREGKVAEGTNTTDRWFACVLVEPNVQNTQRQYVLDGQNVQLHVSNDSSTSWKFILF
IKLTPYGTYTQYSTLSTPHKLCAWMKRDNRVYWYQGATPNASESYYLTINNDNSNVSSDAEFYLIPQSQTAMCTQYINNG
L
;
_struct_ref.pdbx_align_begin           64 
# 
_struct_ref_seq.align_id                      1 
_struct_ref_seq.ref_id                        1 
_struct_ref_seq.pdbx_PDB_id_code              5CAZ 
_struct_ref_seq.pdbx_strand_id                A 
_struct_ref_seq.seq_align_beg                 1 
_struct_ref_seq.pdbx_seq_align_beg_ins_code   ? 
_struct_ref_seq.seq_align_end                 161 
_struct_ref_seq.pdbx_seq_align_end_ins_code   ? 
_struct_ref_seq.pdbx_db_accession             Q01641 
_struct_ref_seq.db_align_beg                  64 
_struct_ref_seq.pdbx_db_align_beg_ins_code    ? 
_struct_ref_seq.db_align_end                  224 
_struct_ref_seq.pdbx_db_align_end_ins_code    ? 
_struct_ref_seq.pdbx_auth_seq_align_beg       64 
_struct_ref_seq.pdbx_auth_seq_align_end       224 
# 
_struct_ref_seq_dif.align_id                     1 
_struct_ref_seq_dif.pdbx_pdb_id_code             5CAZ 
_struct_ref_seq_dif.mon_id                       ASP 
_struct_ref_seq_dif.pdbx_pdb_strand_id           A 
_struct_ref_seq_dif.seq_num                      86 
_struct_ref_seq_dif.pdbx_pdb_ins_code            ? 
_struct_ref_seq_dif.pdbx_seq_db_name             UNP 
_struct_ref_seq_dif.pdbx_seq_db_accession_code   Q01641 
_struct_ref_seq_dif.db_mon_id                    TYR 
_struct_ref_seq_dif.pdbx_seq_db_seq_num          149 
_struct_ref_seq_dif.details                      'engineered mutation' 
_struct_ref_seq_dif.pdbx_auth_seq_num            149 
_struct_ref_seq_dif.pdbx_ordinal                 1 
# 
loop_
_chem_comp.id 
_chem_comp.type 
_chem_comp.mon_nstd_flag 
_chem_comp.name 
_chem_comp.pdbx_synonyms 
_chem_comp.formula 
_chem_comp.formula_weight 
ALA 'L-peptide linking' y ALANINE             ?                               'C3 H7 N O2'     89.093  
ARG 'L-peptide linking' y ARGININE            ?                               'C6 H15 N4 O2 1' 175.209 
ASN 'L-peptide linking' y ASPARAGINE          ?                               'C4 H8 N2 O3'    132.118 
ASP 'L-peptide linking' y 'ASPARTIC ACID'     ?                               'C4 H7 N O4'     133.103 
CYS 'L-peptide linking' y CYSTEINE            ?                               'C3 H7 N O2 S'   121.158 
GLN 'L-peptide linking' y GLUTAMINE           ?                               'C5 H10 N2 O3'   146.144 
GLU 'L-peptide linking' y 'GLUTAMIC ACID'     ?                               'C5 H9 N O4'     147.129 
GLY 'peptide linking'   y GLYCINE             ?                               'C2 H5 N O2'     75.067  
GOL non-polymer         . GLYCEROL            'GLYCERIN; PROPANE-1,2,3-TRIOL' 'C3 H8 O3'       92.094  
HIS 'L-peptide linking' y HISTIDINE           ?                               'C6 H10 N3 O2 1' 156.162 
HOH non-polymer         . WATER               ?                               'H2 O'           18.015  
ILE 'L-peptide linking' y ISOLEUCINE          ?                               'C6 H13 N O2'    131.173 
IPA non-polymer         . 'ISOPROPYL ALCOHOL' 2-PROPANOL                      'C3 H8 O'        60.095  
LEU 'L-peptide linking' y LEUCINE             ?                               'C6 H13 N O2'    131.173 
LYS 'L-peptide linking' y LYSINE              ?                               'C6 H15 N2 O2 1' 147.195 
MET 'L-peptide linking' y METHIONINE          ?                               'C5 H11 N O2 S'  149.211 
PHE 'L-peptide linking' y PHENYLALANINE       ?                               'C9 H11 N O2'    165.189 
PRO 'L-peptide linking' y PROLINE             ?                               'C5 H9 N O2'     115.130 
SER 'L-peptide linking' y SERINE              ?                               'C3 H7 N O3'     105.093 
SO4 non-polymer         . 'SULFATE ION'       ?                               'O4 S -2'        96.063  
THR 'L-peptide linking' y THREONINE           ?                               'C4 H9 N O3'     119.119 
TRP 'L-peptide linking' y TRYPTOPHAN          ?                               'C11 H12 N2 O2'  204.225 
TYR 'L-peptide linking' y TYROSINE            ?                               'C9 H11 N O3'    181.189 
VAL 'L-peptide linking' y VALINE              ?                               'C5 H11 N O2'    117.146 
# 
_exptl.absorpt_coefficient_mu     ? 
_exptl.absorpt_correction_T_max   ? 
_exptl.absorpt_correction_T_min   ? 
_exptl.absorpt_correction_type    ? 
_exptl.absorpt_process_details    ? 
_exptl.entry_id                   5CAZ 
_exptl.crystals_number            ? 
_exptl.details                    ? 
_exptl.method                     'X-RAY DIFFRACTION' 
_exptl.method_details             ? 
# 
_exptl_crystal.colour                      ? 
_exptl_crystal.density_diffrn              ? 
_exptl_crystal.density_Matthews            2.31 
_exptl_crystal.density_method              ? 
_exptl_crystal.density_percent_sol         46.81 
_exptl_crystal.description                 ? 
_exptl_crystal.F_000                       ? 
_exptl_crystal.id                          1 
_exptl_crystal.preparation                 ? 
_exptl_crystal.size_max                    ? 
_exptl_crystal.size_mid                    ? 
_exptl_crystal.size_min                    ? 
_exptl_crystal.size_rad                    ? 
_exptl_crystal.colour_lustre               ? 
_exptl_crystal.colour_modifier             ? 
_exptl_crystal.colour_primary              ? 
_exptl_crystal.density_meas                ? 
_exptl_crystal.density_meas_esd            ? 
_exptl_crystal.density_meas_gt             ? 
_exptl_crystal.density_meas_lt             ? 
_exptl_crystal.density_meas_temp           ? 
_exptl_crystal.density_meas_temp_esd       ? 
_exptl_crystal.density_meas_temp_gt        ? 
_exptl_crystal.density_meas_temp_lt        ? 
_exptl_crystal.pdbx_crystal_image_url      ? 
_exptl_crystal.pdbx_crystal_image_format   ? 
_exptl_crystal.pdbx_mosaicity              ? 
_exptl_crystal.pdbx_mosaicity_esd          ? 
# 
_exptl_crystal_grow.apparatus       ? 
_exptl_crystal_grow.atmosphere      ? 
_exptl_crystal_grow.crystal_id      1 
_exptl_crystal_grow.details         ? 
_exptl_crystal_grow.method          'VAPOR DIFFUSION, HANGING DROP' 
_exptl_crystal_grow.method_ref      ? 
_exptl_crystal_grow.pH              ? 
_exptl_crystal_grow.pressure        ? 
_exptl_crystal_grow.pressure_esd    ? 
_exptl_crystal_grow.seeding         ? 
_exptl_crystal_grow.seeding_ref     ? 
_exptl_crystal_grow.temp            293 
_exptl_crystal_grow.temp_details    ? 
_exptl_crystal_grow.temp_esd        ? 
_exptl_crystal_grow.time            ? 
_exptl_crystal_grow.pdbx_details    '2 M ammonium sulphate and 5% (v/v) isopropanol' 
_exptl_crystal_grow.pdbx_pH_range   ? 
# 
_diffrn.ambient_environment    ? 
_diffrn.ambient_temp           100 
_diffrn.ambient_temp_details   ? 
_diffrn.ambient_temp_esd       ? 
_diffrn.crystal_id             1 
_diffrn.crystal_support        ? 
_diffrn.crystal_treatment      ? 
_diffrn.details                ? 
_diffrn.id                     1 
_diffrn.ambient_pressure       ? 
_diffrn.ambient_pressure_esd   ? 
_diffrn.ambient_pressure_gt    ? 
_diffrn.ambient_pressure_lt    ? 
_diffrn.ambient_temp_gt        ? 
_diffrn.ambient_temp_lt        ? 
# 
_diffrn_detector.details                      ? 
_diffrn_detector.detector                     CCD 
_diffrn_detector.diffrn_id                    1 
_diffrn_detector.type                         'ADSC QUANTUM 315r' 
_diffrn_detector.area_resol_mean              ? 
_diffrn_detector.dtime                        ? 
_diffrn_detector.pdbx_frames_total            ? 
_diffrn_detector.pdbx_collection_time_total   ? 
_diffrn_detector.pdbx_collection_date         2012-11-27 
# 
_diffrn_radiation.collimation                      ? 
_diffrn_radiation.diffrn_id                        1 
_diffrn_radiation.filter_edge                      ? 
_diffrn_radiation.inhomogeneity                    ? 
_diffrn_radiation.monochromator                    ? 
_diffrn_radiation.polarisn_norm                    ? 
_diffrn_radiation.polarisn_ratio                   ? 
_diffrn_radiation.probe                            ? 
_diffrn_radiation.type                             ? 
_diffrn_radiation.xray_symbol                      ? 
_diffrn_radiation.wavelength_id                    1 
_diffrn_radiation.pdbx_monochromatic_or_laue_m_l   M 
_diffrn_radiation.pdbx_wavelength_list             ? 
_diffrn_radiation.pdbx_wavelength                  ? 
_diffrn_radiation.pdbx_diffrn_protocol             'SINGLE WAVELENGTH' 
_diffrn_radiation.pdbx_analyzer                    ? 
_diffrn_radiation.pdbx_scattering_type             x-ray 
# 
_diffrn_radiation_wavelength.id           1 
_diffrn_radiation_wavelength.wavelength   0.954 
_diffrn_radiation_wavelength.wt           1.0 
# 
_diffrn_source.current                     ? 
_diffrn_source.details                     ? 
_diffrn_source.diffrn_id                   1 
_diffrn_source.power                       ? 
_diffrn_source.size                        ? 
_diffrn_source.source                      SYNCHROTRON 
_diffrn_source.target                      ? 
_diffrn_source.type                        'AUSTRALIAN SYNCHROTRON BEAMLINE MX2' 
_diffrn_source.voltage                     ? 
_diffrn_source.take-off_angle              ? 
_diffrn_source.pdbx_wavelength_list        0.954 
_diffrn_source.pdbx_wavelength             ? 
_diffrn_source.pdbx_synchrotron_beamline   MX2 
_diffrn_source.pdbx_synchrotron_site       'Australian Synchrotron' 
# 
_reflns.pdbx_diffrn_id               1 
_reflns.pdbx_ordinal                 1 
_reflns.entry_id                     5CAZ 
_reflns.observed_criterion_sigma_I   ? 
_reflns.observed_criterion_sigma_F   ? 
_reflns.d_resolution_low             54.400 
_reflns.d_resolution_high            1.800 
_reflns.number_obs                   15568 
_reflns.number_all                   ? 
_reflns.percent_possible_obs         100.0 
_reflns.pdbx_Rmerge_I_obs            ? 
_reflns.pdbx_Rsym_value              ? 
_reflns.pdbx_netI_over_sigmaI        5.3000 
_reflns.B_iso_Wilson_estimate        ? 
_reflns.pdbx_redundancy              10.00 
# 
_refine.pdbx_refine_id                           'X-RAY DIFFRACTION' 
_refine.entry_id                                 5CAZ 
_refine.pdbx_diffrn_id                           1 
_refine.pdbx_TLS_residual_ADP_flag               ? 
_refine.ls_number_reflns_obs                     14744 
_refine.ls_number_reflns_all                     ? 
_refine.pdbx_ls_sigma_I                          ? 
_refine.pdbx_ls_sigma_F                          ? 
_refine.pdbx_data_cutoff_high_absF               ? 
_refine.pdbx_data_cutoff_low_absF                ? 
_refine.pdbx_data_cutoff_high_rms_absF           ? 
_refine.ls_d_res_low                             54.39 
_refine.ls_d_res_high                            1.80 
_refine.ls_percent_reflns_obs                    100.0 
_refine.ls_R_factor_obs                          0.175 
_refine.ls_R_factor_all                          ? 
_refine.ls_R_factor_R_work                       0.173 
_refine.ls_R_factor_R_free                       0.216 
_refine.ls_R_factor_R_free_error                 ? 
_refine.ls_R_factor_R_free_error_details         ? 
_refine.ls_percent_reflns_R_free                 5.100 
_refine.ls_number_reflns_R_free                  790 
_refine.ls_number_parameters                     ? 
_refine.ls_number_restraints                     ? 
_refine.occupancy_min                            ? 
_refine.occupancy_max                            ? 
_refine.correlation_coeff_Fo_to_Fc               0.958 
_refine.correlation_coeff_Fo_to_Fc_free          0.931 
_refine.B_iso_mean                               20.09 
_refine.aniso_B[1][1]                            -0.53000 
_refine.aniso_B[2][2]                            -0.53000 
_refine.aniso_B[3][3]                            1.72000 
_refine.aniso_B[1][2]                            -0.26000 
_refine.aniso_B[1][3]                            0.00000 
_refine.aniso_B[2][3]                            0.00000 
_refine.solvent_model_details                    MASK 
_refine.solvent_model_param_ksol                 ? 
_refine.solvent_model_param_bsol                 ? 
_refine.pdbx_solvent_vdw_probe_radii             1.20 
_refine.pdbx_solvent_ion_probe_radii             0.80 
_refine.pdbx_solvent_shrinkage_radii             0.80 
_refine.pdbx_ls_cross_valid_method               THROUGHOUT 
_refine.details                                  
;HYDROGENS HAVE BEEN USED IF PRESENT IN
 THE INPUT. There is an unmodeled positive difference density (near sidechains of residue 154 and 129), which might be derived from impurities in isopropanol of the crystallization condition.
;
_refine.pdbx_starting_model                      4DRR 
_refine.pdbx_method_to_determine_struct          'MOLECULAR REPLACEMENT' 
_refine.pdbx_isotropic_thermal_model             ? 
_refine.pdbx_stereochemistry_target_values       'MAXIMUM LIKELIHOOD' 
_refine.pdbx_stereochem_target_val_spec_case     ? 
_refine.pdbx_R_Free_selection_details            RANDOM 
_refine.pdbx_overall_ESU_R                       0.134 
_refine.pdbx_overall_ESU_R_Free                  0.128 
_refine.overall_SU_ML                            0.083 
_refine.pdbx_overall_phase_error                 ? 
_refine.overall_SU_B                             2.605 
_refine.overall_SU_R_Cruickshank_DPI             ? 
_refine.pdbx_overall_SU_R_free_Cruickshank_DPI   ? 
_refine.pdbx_overall_SU_R_Blow_DPI               ? 
_refine.pdbx_overall_SU_R_free_Blow_DPI          ? 
# 
_refine_hist.pdbx_refine_id                   'X-RAY DIFFRACTION' 
_refine_hist.cycle_id                         LAST 
_refine_hist.pdbx_number_atoms_protein        1295 
_refine_hist.pdbx_number_atoms_nucleic_acid   0 
_refine_hist.pdbx_number_atoms_ligand         39 
_refine_hist.number_atoms_solvent             183 
_refine_hist.number_atoms_total               1517 
_refine_hist.d_res_high                       1.80 
_refine_hist.d_res_low                        54.39 
# 
loop_
_refine_ls_restr.type 
_refine_ls_restr.dev_ideal 
_refine_ls_restr.dev_ideal_target 
_refine_ls_restr.weight 
_refine_ls_restr.number 
_refine_ls_restr.pdbx_refine_id 
_refine_ls_restr.pdbx_restraint_function 
r_bond_refined_d             0.010  0.020  ? 1385 'X-RAY DIFFRACTION' ? 
r_bond_other_d               ?      ?      ? ?    'X-RAY DIFFRACTION' ? 
r_angle_refined_deg          1.309  1.944  ? 1895 'X-RAY DIFFRACTION' ? 
r_angle_other_deg            ?      ?      ? ?    'X-RAY DIFFRACTION' ? 
r_dihedral_angle_1_deg       6.610  5.000  ? 171  'X-RAY DIFFRACTION' ? 
r_dihedral_angle_2_deg       35.374 25.224 ? 67   'X-RAY DIFFRACTION' ? 
r_dihedral_angle_3_deg       13.071 15.000 ? 211  'X-RAY DIFFRACTION' ? 
r_dihedral_angle_4_deg       5.536  15.000 ? 5    'X-RAY DIFFRACTION' ? 
r_chiral_restr               0.097  0.200  ? 215  'X-RAY DIFFRACTION' ? 
r_gen_planes_refined         0.006  0.021  ? 1055 'X-RAY DIFFRACTION' ? 
r_gen_planes_other           ?      ?      ? ?    'X-RAY DIFFRACTION' ? 
r_nbd_refined                ?      ?      ? ?    'X-RAY DIFFRACTION' ? 
r_nbd_other                  ?      ?      ? ?    'X-RAY DIFFRACTION' ? 
r_nbtor_refined              ?      ?      ? ?    'X-RAY DIFFRACTION' ? 
r_nbtor_other                ?      ?      ? ?    'X-RAY DIFFRACTION' ? 
r_xyhbond_nbd_refined        ?      ?      ? ?    'X-RAY DIFFRACTION' ? 
r_xyhbond_nbd_other          ?      ?      ? ?    'X-RAY DIFFRACTION' ? 
r_metal_ion_refined          ?      ?      ? ?    'X-RAY DIFFRACTION' ? 
r_metal_ion_other            ?      ?      ? ?    'X-RAY DIFFRACTION' ? 
r_symmetry_vdw_refined       ?      ?      ? ?    'X-RAY DIFFRACTION' ? 
r_symmetry_vdw_other         ?      ?      ? ?    'X-RAY DIFFRACTION' ? 
r_symmetry_hbond_refined     ?      ?      ? ?    'X-RAY DIFFRACTION' ? 
r_symmetry_hbond_other       ?      ?      ? ?    'X-RAY DIFFRACTION' ? 
r_symmetry_metal_ion_refined ?      ?      ? ?    'X-RAY DIFFRACTION' ? 
r_symmetry_metal_ion_other   ?      ?      ? ?    'X-RAY DIFFRACTION' ? 
r_mcbond_it                  0.990  1.694  ? 657  'X-RAY DIFFRACTION' ? 
r_mcbond_other               ?      ?      ? ?    'X-RAY DIFFRACTION' ? 
r_mcangle_it                 1.614  2.534  ? 822  'X-RAY DIFFRACTION' ? 
r_mcangle_other              ?      ?      ? ?    'X-RAY DIFFRACTION' ? 
r_scbond_it                  1.668  1.943  ? 728  'X-RAY DIFFRACTION' ? 
r_scbond_other               ?      ?      ? ?    'X-RAY DIFFRACTION' ? 
r_scangle_it                 ?      ?      ? ?    'X-RAY DIFFRACTION' ? 
r_scangle_other              ?      ?      ? ?    'X-RAY DIFFRACTION' ? 
r_long_range_B_refined       5.348  16.068 ? 2283 'X-RAY DIFFRACTION' ? 
r_long_range_B_other         ?      ?      ? ?    'X-RAY DIFFRACTION' ? 
r_rigid_bond_restr           ?      ?      ? ?    'X-RAY DIFFRACTION' ? 
r_sphericity_free            ?      ?      ? ?    'X-RAY DIFFRACTION' ? 
r_sphericity_bonded          ?      ?      ? ?    'X-RAY DIFFRACTION' ? 
# 
_refine_ls_shell.pdbx_refine_id                   'X-RAY DIFFRACTION' 
_refine_ls_shell.pdbx_total_number_of_bins_used   20 
_refine_ls_shell.d_res_high                       1.80 
_refine_ls_shell.d_res_low                        1.85 
_refine_ls_shell.number_reflns_R_work             1111 
_refine_ls_shell.R_factor_R_work                  0.2070 
_refine_ls_shell.percent_reflns_obs               100.0 
_refine_ls_shell.R_factor_R_free                  0.2540 
_refine_ls_shell.R_factor_R_free_error            ? 
_refine_ls_shell.percent_reflns_R_free            ? 
_refine_ls_shell.number_reflns_R_free             54 
_refine_ls_shell.number_reflns_all                ? 
_refine_ls_shell.R_factor_all                     ? 
_refine_ls_shell.R_factor_obs                     ? 
_refine_ls_shell.number_reflns_obs                ? 
# 
_struct.entry_id                     5CAZ 
_struct.title                        'Crystallographic structure of apo human rotavirus K8 VP8*' 
_struct.pdbx_model_details           ? 
_struct.pdbx_formula_weight          ? 
_struct.pdbx_formula_weight_method   ? 
_struct.pdbx_model_type_details      ? 
_struct.pdbx_CASP_flag               ? 
# 
_struct_keywords.entry_id        5CAZ 
_struct_keywords.text            'carbohydrate-recognizing protein, lectin, rotavirus, VP8*, viral protein, sugard binding protein' 
_struct_keywords.pdbx_keywords   'viral protein, sugard binding protein' 
# 
loop_
_struct_asym.id 
_struct_asym.pdbx_blank_PDB_chainid_flag 
_struct_asym.pdbx_modified 
_struct_asym.entity_id 
_struct_asym.details 
A N N 1 ? 
B N N 2 ? 
C N N 2 ? 
D N N 2 ? 
E N N 2 ? 
F N N 2 ? 
G N N 2 ? 
H N N 2 ? 
I N N 3 ? 
J N N 4 ? 
K N N 5 ? 
# 
_struct_conf.conf_type_id            HELX_P 
_struct_conf.id                      HELX_P1 
_struct_conf.pdbx_PDB_helix_id       AA1 
_struct_conf.beg_label_comp_id       GLN 
_struct_conf.beg_label_asym_id       A 
_struct_conf.beg_label_seq_id        149 
_struct_conf.pdbx_beg_PDB_ins_code   ? 
_struct_conf.end_label_comp_id       GLY 
_struct_conf.end_label_asym_id       A 
_struct_conf.end_label_seq_id        160 
_struct_conf.pdbx_end_PDB_ins_code   ? 
_struct_conf.beg_auth_comp_id        GLN 
_struct_conf.beg_auth_asym_id        A 
_struct_conf.beg_auth_seq_id         212 
_struct_conf.end_auth_comp_id        GLY 
_struct_conf.end_auth_asym_id        A 
_struct_conf.end_auth_seq_id         223 
_struct_conf.pdbx_PDB_helix_class    1 
_struct_conf.details                 ? 
_struct_conf.pdbx_PDB_helix_length   12 
# 
_struct_conf_type.id          HELX_P 
_struct_conf_type.criteria    ? 
_struct_conf_type.reference   ? 
# 
loop_
_struct_mon_prot_cis.pdbx_id 
_struct_mon_prot_cis.label_comp_id 
_struct_mon_prot_cis.label_seq_id 
_struct_mon_prot_cis.label_asym_id 
_struct_mon_prot_cis.label_alt_id 
_struct_mon_prot_cis.pdbx_PDB_ins_code 
_struct_mon_prot_cis.auth_comp_id 
_struct_mon_prot_cis.auth_seq_id 
_struct_mon_prot_cis.auth_asym_id 
_struct_mon_prot_cis.pdbx_label_comp_id_2 
_struct_mon_prot_cis.pdbx_label_seq_id_2 
_struct_mon_prot_cis.pdbx_label_asym_id_2 
_struct_mon_prot_cis.pdbx_PDB_ins_code_2 
_struct_mon_prot_cis.pdbx_auth_comp_id_2 
_struct_mon_prot_cis.pdbx_auth_seq_id_2 
_struct_mon_prot_cis.pdbx_auth_asym_id_2 
_struct_mon_prot_cis.pdbx_PDB_model_num 
_struct_mon_prot_cis.pdbx_omega_angle 
1 GLY 4   A . ? GLY 67  A PRO 5   A ? PRO 68  A 1 4.37 
2 THR 118 A . ? THR 181 A PRO 119 A ? PRO 182 A 1 9.92 
# 
loop_
_struct_sheet.id 
_struct_sheet.type 
_struct_sheet.number_strands 
_struct_sheet.details 
AA1 ? 11 ? 
AA2 ? 6  ? 
AA3 ? 2  ? 
# 
loop_
_struct_sheet_order.sheet_id 
_struct_sheet_order.range_id_1 
_struct_sheet_order.range_id_2 
_struct_sheet_order.offset 
_struct_sheet_order.sense 
AA1 1  2  ? anti-parallel 
AA1 2  3  ? anti-parallel 
AA1 3  4  ? anti-parallel 
AA1 4  5  ? anti-parallel 
AA1 5  6  ? parallel      
AA1 6  7  ? anti-parallel 
AA1 7  8  ? anti-parallel 
AA1 8  9  ? anti-parallel 
AA1 9  10 ? anti-parallel 
AA1 10 11 ? anti-parallel 
AA2 1  2  ? anti-parallel 
AA2 2  3  ? anti-parallel 
AA2 3  4  ? anti-parallel 
AA2 4  5  ? anti-parallel 
AA2 5  6  ? anti-parallel 
AA3 1  2  ? anti-parallel 
# 
loop_
_struct_sheet_range.sheet_id 
_struct_sheet_range.id 
_struct_sheet_range.beg_label_comp_id 
_struct_sheet_range.beg_label_asym_id 
_struct_sheet_range.beg_label_seq_id 
_struct_sheet_range.pdbx_beg_PDB_ins_code 
_struct_sheet_range.end_label_comp_id 
_struct_sheet_range.end_label_asym_id 
_struct_sheet_range.end_label_seq_id 
_struct_sheet_range.pdbx_end_PDB_ins_code 
_struct_sheet_range.beg_auth_comp_id 
_struct_sheet_range.beg_auth_asym_id 
_struct_sheet_range.beg_auth_seq_id 
_struct_sheet_range.end_auth_comp_id 
_struct_sheet_range.end_auth_asym_id 
_struct_sheet_range.end_auth_seq_id 
AA1 1  ASP A 3   ? TYR A 6   ? ASP A 66  TYR A 69  
AA1 2  PHE A 142 ? PRO A 146 ? PHE A 205 PRO A 209 
AA1 3  TYR A 17  ? ILE A 21  ? TYR A 80  ILE A 84  
AA1 4  CYS A 102 ? ARG A 107 ? CYS A 165 ARG A 170 
AA1 5  ARG A 110 ? ALA A 117 ? ARG A 173 ALA A 180 
AA1 6  THR A 90  ? THR A 97  ? THR A 153 THR A 160 
AA1 7  TRP A 75  ? LYS A 82  ? TRP A 138 LYS A 145 
AA1 8  TRP A 39  ? VAL A 45  ? TRP A 102 VAL A 108 
AA1 9  GLY A 27  ? THR A 33  ? GLY A 90  THR A 96  
AA1 10 ASN A 135 ? SER A 138 ? ASN A 198 SER A 201 
AA1 11 THR A 9   ? LEU A 11  ? THR A 72  LEU A 74  
AA2 1  ASP A 3   ? TYR A 6   ? ASP A 66  TYR A 69  
AA2 2  PHE A 142 ? PRO A 146 ? PHE A 205 PRO A 209 
AA2 3  TYR A 17  ? ILE A 21  ? TYR A 80  ILE A 84  
AA2 4  CYS A 102 ? ARG A 107 ? CYS A 165 ARG A 170 
AA2 5  ARG A 110 ? ALA A 117 ? ARG A 173 ALA A 180 
AA2 6  SER A 122 ? LEU A 127 ? SER A 185 LEU A 190 
AA3 1  VAL A 49  ? LEU A 58  ? VAL A 112 LEU A 121 
AA3 2  GLN A 61  ? ASN A 69  ? GLN A 124 ASN A 132 
# 
loop_
_pdbx_struct_sheet_hbond.sheet_id 
_pdbx_struct_sheet_hbond.range_id_1 
_pdbx_struct_sheet_hbond.range_id_2 
_pdbx_struct_sheet_hbond.range_1_label_atom_id 
_pdbx_struct_sheet_hbond.range_1_label_comp_id 
_pdbx_struct_sheet_hbond.range_1_label_asym_id 
_pdbx_struct_sheet_hbond.range_1_label_seq_id 
_pdbx_struct_sheet_hbond.range_1_PDB_ins_code 
_pdbx_struct_sheet_hbond.range_1_auth_atom_id 
_pdbx_struct_sheet_hbond.range_1_auth_comp_id 
_pdbx_struct_sheet_hbond.range_1_auth_asym_id 
_pdbx_struct_sheet_hbond.range_1_auth_seq_id 
_pdbx_struct_sheet_hbond.range_2_label_atom_id 
_pdbx_struct_sheet_hbond.range_2_label_comp_id 
_pdbx_struct_sheet_hbond.range_2_label_asym_id 
_pdbx_struct_sheet_hbond.range_2_label_seq_id 
_pdbx_struct_sheet_hbond.range_2_PDB_ins_code 
_pdbx_struct_sheet_hbond.range_2_auth_atom_id 
_pdbx_struct_sheet_hbond.range_2_auth_comp_id 
_pdbx_struct_sheet_hbond.range_2_auth_asym_id 
_pdbx_struct_sheet_hbond.range_2_auth_seq_id 
AA1 1  2  N TYR A 6   ? N TYR A 69  O PHE A 142 ? O PHE A 205 
AA1 2  3  O ILE A 145 ? O ILE A 208 N TRP A 18  ? N TRP A 81  
AA1 3  4  N MET A 19  ? N MET A 82  O TRP A 104 ? O TRP A 167 
AA1 4  5  N MET A 105 ? N MET A 168 O TYR A 112 ? O TYR A 175 
AA1 5  6  O GLY A 116 ? O GLY A 179 N SER A 96  ? N SER A 159 
AA1 6  7  O TYR A 92  ? O TYR A 155 N LEU A 79  ? N LEU A 142 
AA1 7  8  O PHE A 80  ? O PHE A 143 N ALA A 41  ? N ALA A 104 
AA1 8  9  O PHE A 40  ? O PHE A 103 N GLY A 32  ? N GLY A 95  
AA1 9  10 N GLU A 31  ? N GLU A 94  O SER A 137 ? O SER A 200 
AA1 10 11 O VAL A 136 ? O VAL A 199 N LEU A 11  ? N LEU A 74  
AA2 1  2  N TYR A 6   ? N TYR A 69  O PHE A 142 ? O PHE A 205 
AA2 2  3  O ILE A 145 ? O ILE A 208 N TRP A 18  ? N TRP A 81  
AA2 3  4  N MET A 19  ? N MET A 82  O TRP A 104 ? O TRP A 167 
AA2 4  5  N MET A 105 ? N MET A 168 O TYR A 112 ? O TYR A 175 
AA2 5  6  N TRP A 113 ? N TRP A 176 O SER A 124 ? O SER A 187 
AA3 1  2  N ARG A 54  ? N ARG A 117 O LEU A 65  ? O LEU A 128 
# 
loop_
_struct_site.id 
_struct_site.pdbx_evidence_code 
_struct_site.pdbx_auth_asym_id 
_struct_site.pdbx_auth_comp_id 
_struct_site.pdbx_auth_seq_id 
_struct_site.pdbx_auth_ins_code 
_struct_site.pdbx_num_residues 
_struct_site.details 
AC1 Software A IPA 301 ? 7 'binding site for residue IPA A 301' 
AC2 Software A IPA 302 ? 7 'binding site for residue IPA A 302' 
AC3 Software A IPA 303 ? 4 'binding site for residue IPA A 303' 
AC4 Software A IPA 304 ? 4 'binding site for residue IPA A 304' 
AC5 Software A IPA 305 ? 6 'binding site for residue IPA A 305' 
AC6 Software A IPA 306 ? 6 'binding site for residue IPA A 306' 
AC7 Software A IPA 307 ? 3 'binding site for residue IPA A 307' 
AC8 Software A SO4 308 ? 5 'binding site for residue SO4 A 308' 
AC9 Software A GOL 309 ? 8 'binding site for residue GOL A 309' 
# 
loop_
_struct_site_gen.id 
_struct_site_gen.site_id 
_struct_site_gen.pdbx_num_res 
_struct_site_gen.label_comp_id 
_struct_site_gen.label_asym_id 
_struct_site_gen.label_seq_id 
_struct_site_gen.pdbx_auth_ins_code 
_struct_site_gen.auth_comp_id 
_struct_site_gen.auth_asym_id 
_struct_site_gen.auth_seq_id 
_struct_site_gen.label_atom_id 
_struct_site_gen.label_alt_id 
_struct_site_gen.symmetry 
_struct_site_gen.details 
1  AC1 7 PRO A 23  ? PRO A 86  . ? 1_555 ? 
2  AC1 7 THR A 24  ? THR A 87  . ? 1_555 ? 
3  AC1 7 ARG A 25  ? ARG A 88  . ? 1_555 ? 
4  AC1 7 GLN A 55  ? GLN A 118 . ? 3_655 ? 
5  AC1 7 HOH K .   ? HOH A 494 . ? 1_555 ? 
6  AC1 7 HOH K .   ? HOH A 511 . ? 1_555 ? 
7  AC1 7 HOH K .   ? HOH A 571 . ? 1_555 ? 
8  AC2 7 GLN A 61  ? GLN A 124 . ? 1_555 ? 
9  AC2 7 TRP A 75  ? TRP A 138 . ? 2_544 ? 
10 AC2 7 LYS A 100 ? LYS A 163 . ? 2_544 ? 
11 AC2 7 HOH K .   ? HOH A 410 . ? 2_544 ? 
12 AC2 7 HOH K .   ? HOH A 412 . ? 1_555 ? 
13 AC2 7 HOH K .   ? HOH A 472 . ? 1_555 ? 
14 AC2 7 HOH K .   ? HOH A 500 . ? 1_555 ? 
15 AC3 4 ASN A 69  ? ASN A 132 . ? 1_555 ? 
16 AC3 4 ASP A 70  ? ASP A 133 . ? 1_555 ? 
17 AC3 4 SER A 71  ? SER A 134 . ? 1_555 ? 
18 AC3 4 LYS A 76  ? LYS A 139 . ? 1_555 ? 
19 AC4 4 SER A 93  ? SER A 156 . ? 1_555 ? 
20 AC4 4 THR A 94  ? THR A 157 . ? 1_555 ? 
21 AC4 4 GLN A 115 ? GLN A 178 . ? 1_555 ? 
22 AC4 4 HOH K .   ? HOH A 521 . ? 1_555 ? 
23 AC5 6 ASN A 51  ? ASN A 114 . ? 1_555 ? 
24 AC5 6 THR A 52  ? THR A 115 . ? 1_555 ? 
25 AC5 6 GLN A 53  ? GLN A 116 . ? 1_555 ? 
26 AC5 6 HIS A 66  ? HIS A 129 . ? 1_555 ? 
27 AC5 6 GLN A 147 ? GLN A 210 . ? 4_654 ? 
28 AC5 6 SER A 148 ? SER A 211 . ? 4_654 ? 
29 AC6 6 LEU A 83  ? LEU A 146 . ? 1_555 ? 
30 AC6 6 THR A 84  ? THR A 147 . ? 1_555 ? 
31 AC6 6 GLY A 87  ? GLY A 150 . ? 1_555 ? 
32 AC6 6 THR A 88  ? THR A 151 . ? 1_555 ? 
33 AC6 6 GLN A 155 ? GLN A 218 . ? 4_654 ? 
34 AC6 6 HOH K .   ? HOH A 446 . ? 1_555 ? 
35 AC7 3 ARG A 54  ? ARG A 117 . ? 1_555 ? 
36 AC7 3 GLN A 55  ? GLN A 118 . ? 1_555 ? 
37 AC7 3 HOH K .   ? HOH A 535 . ? 1_555 ? 
38 AC8 5 THR A 52  ? THR A 115 . ? 1_555 ? 
39 AC8 5 ARG A 54  ? ARG A 117 . ? 1_555 ? 
40 AC8 5 HOH K .   ? HOH A 429 . ? 1_555 ? 
41 AC8 5 HOH K .   ? HOH A 499 . ? 1_555 ? 
42 AC8 5 HOH K .   ? HOH A 502 . ? 1_555 ? 
43 AC9 8 CYS A 42  ? CYS A 105 . ? 1_555 ? 
44 AC9 8 PHE A 77  ? PHE A 140 . ? 1_555 ? 
45 AC9 8 SER A 93  ? SER A 156 . ? 1_555 ? 
46 AC9 8 THR A 94  ? THR A 157 . ? 1_555 ? 
47 AC9 8 LEU A 95  ? LEU A 158 . ? 1_555 ? 
48 AC9 8 TRP A 113 ? TRP A 176 . ? 1_555 ? 
49 AC9 8 TYR A 114 ? TYR A 177 . ? 1_555 ? 
50 AC9 8 HOH K .   ? HOH A 405 . ? 1_555 ? 
# 
_atom_sites.entry_id                    5CAZ 
_atom_sites.fract_transf_matrix[1][1]   -0.01827833 
_atom_sites.fract_transf_matrix[1][2]   0.00029677 
_atom_sites.fract_transf_matrix[1][3]   0.00194572 
_atom_sites.fract_transf_matrix[2][1]   -0.01010417 
_atom_sites.fract_transf_matrix[2][2]   -0.01417666 
_atom_sites.fract_transf_matrix[2][3]   -0.00590758 
_atom_sites.fract_transf_matrix[3][1]   0.00118240 
_atom_sites.fract_transf_matrix[3][2]   -0.00584276 
_atom_sites.fract_transf_matrix[3][3]   0.01199877 
_atom_sites.fract_transf_vector[1]      0.431038 
_atom_sites.fract_transf_vector[2]      -0.087821 
_atom_sites.fract_transf_vector[3]      -0.009432 
# 
loop_
_atom_type.symbol 
C 
N 
O 
S 
# 
loop_
_atom_site.group_PDB 
_atom_site.id 
_atom_site.type_symbol 
_atom_site.label_atom_id 
_atom_site.label_alt_id 
_atom_site.label_comp_id 
_atom_site.label_asym_id 
_atom_site.label_entity_id 
_atom_site.label_seq_id 
_atom_site.pdbx_PDB_ins_code 
_atom_site.Cartn_x 
_atom_site.Cartn_y 
_atom_site.Cartn_z 
_atom_site.occupancy 
_atom_site.B_iso_or_equiv 
_atom_site.pdbx_formal_charge 
_atom_site.auth_seq_id 
_atom_site.auth_comp_id 
_atom_site.auth_asym_id 
_atom_site.auth_atom_id 
_atom_site.pdbx_PDB_model_num 
ATOM   1    N N   . THR A 1 1   ? 2.929   -10.065 16.593  1.00 44.17 ? 64  THR A N   1 
ATOM   2    C CA  . THR A 1 1   ? 4.021   -9.257  17.196  1.00 42.91 ? 64  THR A CA  1 
ATOM   3    C C   . THR A 1 1   ? 4.383   -8.087  16.271  1.00 40.92 ? 64  THR A C   1 
ATOM   4    O O   . THR A 1 1   ? 4.623   -8.272  15.071  1.00 40.82 ? 64  THR A O   1 
ATOM   5    C CB  . THR A 1 1   ? 5.256   -10.128 17.559  1.00 43.51 ? 64  THR A CB  1 
ATOM   6    O OG1 . THR A 1 1   ? 5.940   -9.555  18.680  1.00 45.34 ? 64  THR A OG1 1 
ATOM   7    C CG2 . THR A 1 1   ? 6.237   -10.291 16.376  1.00 42.02 ? 64  THR A CG2 1 
ATOM   8    N N   . LEU A 1 2   ? 4.373   -6.882  16.833  1.00 36.82 ? 65  LEU A N   1 
ATOM   9    C CA  . LEU A 1 2   ? 4.753   -5.685  16.095  1.00 32.65 ? 65  LEU A CA  1 
ATOM   10   C C   . LEU A 1 2   ? 6.248   -5.507  16.161  1.00 29.60 ? 65  LEU A C   1 
ATOM   11   O O   . LEU A 1 2   ? 6.788   -5.190  17.209  1.00 29.25 ? 65  LEU A O   1 
ATOM   12   C CB  . LEU A 1 2   ? 4.113   -4.443  16.704  1.00 33.45 ? 65  LEU A CB  1 
ATOM   13   C CG  . LEU A 1 2   ? 2.723   -3.995  16.302  1.00 34.25 ? 65  LEU A CG  1 
ATOM   14   C CD1 . LEU A 1 2   ? 2.463   -2.689  17.029  1.00 34.68 ? 65  LEU A CD1 1 
ATOM   15   C CD2 . LEU A 1 2   ? 2.589   -3.814  14.797  1.00 32.17 ? 65  LEU A CD2 1 
ATOM   16   N N   . ASP A 1 3   ? 6.912   -5.725  15.037  1.00 25.83 ? 66  ASP A N   1 
ATOM   17   C CA  . ASP A 1 3   ? 8.336   -5.470  14.925  1.00 22.92 ? 66  ASP A CA  1 
ATOM   18   C C   . ASP A 1 3   ? 8.535   -4.057  14.358  1.00 21.06 ? 66  ASP A C   1 
ATOM   19   O O   . ASP A 1 3   ? 8.150   -3.774  13.231  1.00 20.67 ? 66  ASP A O   1 
ATOM   20   C CB  . ASP A 1 3   ? 8.970   -6.531  14.027  1.00 21.97 ? 66  ASP A CB  1 
ATOM   21   C CG  . ASP A 1 3   ? 10.445  -6.303  13.807  1.00 22.65 ? 66  ASP A CG  1 
ATOM   22   O OD1 . ASP A 1 3   ? 11.112  -5.834  14.752  1.00 23.67 ? 66  ASP A OD1 1 
ATOM   23   O OD2 . ASP A 1 3   ? 10.950  -6.622  12.704  1.00 21.70 ? 66  ASP A OD2 1 
ATOM   24   N N   . GLY A 1 4   ? 9.109   -3.160  15.151  1.00 19.89 ? 67  GLY A N   1 
ATOM   25   C CA  . GLY A 1 4   ? 9.307   -1.780  14.701  1.00 18.97 ? 67  GLY A CA  1 
ATOM   26   C C   . GLY A 1 4   ? 9.074   -0.738  15.776  1.00 18.55 ? 67  GLY A C   1 
ATOM   27   O O   . GLY A 1 4   ? 9.092   -1.078  16.975  1.00 19.35 ? 67  GLY A O   1 
ATOM   28   N N   . PRO A 1 5   ? 8.860   0.520   15.380  1.00 17.04 ? 68  PRO A N   1 
ATOM   29   C CA  . PRO A 1 5   ? 8.749   0.918   13.961  1.00 16.57 ? 68  PRO A CA  1 
ATOM   30   C C   . PRO A 1 5   ? 10.096  1.086   13.242  1.00 16.29 ? 68  PRO A C   1 
ATOM   31   O O   . PRO A 1 5   ? 11.162  1.196   13.888  1.00 16.31 ? 68  PRO A O   1 
ATOM   32   C CB  . PRO A 1 5   ? 8.066   2.279   14.051  1.00 16.65 ? 68  PRO A CB  1 
ATOM   33   C CG  . PRO A 1 5   ? 8.623   2.859   15.332  1.00 16.22 ? 68  PRO A CG  1 
ATOM   34   C CD  . PRO A 1 5   ? 8.751   1.687   16.279  1.00 17.04 ? 68  PRO A CD  1 
ATOM   35   N N   . TYR A 1 6   ? 10.020  1.103   11.912  1.00 14.29 ? 69  TYR A N   1 
ATOM   36   C CA  . TYR A 1 6   ? 11.168  1.292   11.044  1.00 14.48 ? 69  TYR A CA  1 
ATOM   37   C C   . TYR A 1 6   ? 11.021  2.584   10.253  1.00 14.48 ? 69  TYR A C   1 
ATOM   38   O O   . TYR A 1 6   ? 9.909   2.964   9.862   1.00 14.00 ? 69  TYR A O   1 
ATOM   39   C CB  . TYR A 1 6   ? 11.270  0.106   10.083  1.00 13.83 ? 69  TYR A CB  1 
ATOM   40   C CG  . TYR A 1 6   ? 11.697  -1.182  10.738  1.00 14.41 ? 69  TYR A CG  1 
ATOM   41   C CD1 . TYR A 1 6   ? 13.035  -1.390  11.105  1.00 14.20 ? 69  TYR A CD1 1 
ATOM   42   C CD2 . TYR A 1 6   ? 10.780  -2.206  10.977  1.00 14.39 ? 69  TYR A CD2 1 
ATOM   43   C CE1 . TYR A 1 6   ? 13.448  -2.585  11.700  1.00 14.59 ? 69  TYR A CE1 1 
ATOM   44   C CE2 . TYR A 1 6   ? 11.179  -3.411  11.572  1.00 14.85 ? 69  TYR A CE2 1 
ATOM   45   C CZ  . TYR A 1 6   ? 12.507  -3.596  11.937  1.00 14.66 ? 69  TYR A CZ  1 
ATOM   46   O OH  . TYR A 1 6   ? 12.893  -4.793  12.510  1.00 15.34 ? 69  TYR A OH  1 
ATOM   47   N N   . GLN A 1 7   ? 12.147  3.248   9.977   1.00 14.56 ? 70  GLN A N   1 
ATOM   48   C CA  . GLN A 1 7   ? 12.128  4.479   9.205   1.00 15.45 ? 70  GLN A CA  1 
ATOM   49   C C   . GLN A 1 7   ? 12.011  4.135   7.724   1.00 14.36 ? 70  GLN A C   1 
ATOM   50   O O   . GLN A 1 7   ? 12.361  3.029   7.328   1.00 14.34 ? 70  GLN A O   1 
ATOM   51   C CB  . GLN A 1 7   ? 13.399  5.309   9.459   1.00 17.40 ? 70  GLN A CB  1 
ATOM   52   C CG  . GLN A 1 7   ? 13.515  5.824   10.900  1.00 20.83 ? 70  GLN A CG  1 
ATOM   53   C CD  . GLN A 1 7   ? 12.285  6.582   11.376  1.00 23.50 ? 70  GLN A CD  1 
ATOM   54   O OE1 . GLN A 1 7   ? 11.845  7.546   10.744  1.00 26.80 ? 70  GLN A OE1 1 
ATOM   55   N NE2 . GLN A 1 7   ? 11.713  6.140   12.501  1.00 26.65 ? 70  GLN A NE2 1 
ATOM   56   N N   . PRO A 1 8   ? 11.498  5.078   6.911   1.00 13.81 ? 71  PRO A N   1 
ATOM   57   C CA  . PRO A 1 8   ? 11.347  4.897   5.464   1.00 13.89 ? 71  PRO A CA  1 
ATOM   58   C C   . PRO A 1 8   ? 12.613  4.373   4.803   1.00 13.73 ? 71  PRO A C   1 
ATOM   59   O O   . PRO A 1 8   ? 13.705  4.781   5.170   1.00 13.51 ? 71  PRO A O   1 
ATOM   60   C CB  . PRO A 1 8   ? 11.064  6.320   4.984   1.00 14.30 ? 71  PRO A CB  1 
ATOM   61   C CG  . PRO A 1 8   ? 10.268  6.899   6.084   1.00 14.39 ? 71  PRO A CG  1 
ATOM   62   C CD  . PRO A 1 8   ? 10.896  6.352   7.352   1.00 14.31 ? 71  PRO A CD  1 
ATOM   63   N N   . THR A 1 9   ? 12.458  3.477   3.830   1.00 13.55 ? 72  THR A N   1 
ATOM   64   C CA  . THR A 1 9   ? 13.587  2.832   3.176   1.00 13.33 ? 72  THR A CA  1 
ATOM   65   C C   . THR A 1 9   ? 13.095  2.003   1.983   1.00 13.22 ? 72  THR A C   1 
ATOM   66   O O   . THR A 1 9   ? 11.889  1.894   1.759   1.00 12.79 ? 72  THR A O   1 
ATOM   67   C CB  . THR A 1 9   ? 14.375  1.930   4.172   1.00 13.18 ? 72  THR A CB  1 
ATOM   68   O OG1 . THR A 1 9   ? 15.560  1.420   3.538   1.00 13.93 ? 72  THR A OG1 1 
ATOM   69   C CG2 . THR A 1 9   ? 13.491  0.776   4.677   1.00 13.51 ? 72  THR A CG2 1 
ATOM   70   N N   . SER A 1 10  ? 14.039  1.434   1.235   1.00 13.52 ? 73  SER A N   1 
ATOM   71   C CA  . SER A 1 10  ? 13.765  0.579   0.075   1.00 14.66 ? 73  SER A CA  1 
ATOM   72   C C   . SER A 1 10  ? 14.619  -0.657  0.240   1.00 14.46 ? 73  SER A C   1 
ATOM   73   O O   . SER A 1 10  ? 15.802  -0.551  0.584   1.00 15.02 ? 73  SER A O   1 
ATOM   74   C CB  . SER A 1 10  ? 14.169  1.258   -1.233  1.00 16.20 ? 73  SER A CB  1 
ATOM   75   O OG  . SER A 1 10  ? 13.598  2.556   -1.321  1.00 19.92 ? 73  SER A OG  1 
ATOM   76   N N   . LEU A 1 11  ? 14.034  -1.826  -0.001  1.00 14.13 ? 74  LEU A N   1 
ATOM   77   C CA  . LEU A 1 11  ? 14.767  -3.087  0.101   1.00 14.65 ? 74  LEU A CA  1 
ATOM   78   C C   . LEU A 1 11  ? 14.018  -4.194  -0.603  1.00 14.93 ? 74  LEU A C   1 
ATOM   79   O O   . LEU A 1 11  ? 12.845  -4.017  -1.000  1.00 15.05 ? 74  LEU A O   1 
ATOM   80   C CB  . LEU A 1 11  ? 14.966  -3.507  1.567   1.00 14.56 ? 74  LEU A CB  1 
ATOM   81   C CG  . LEU A 1 11  ? 13.752  -4.117  2.294   1.00 14.56 ? 74  LEU A CG  1 
ATOM   82   C CD1 . LEU A 1 11  ? 14.222  -4.749  3.593   1.00 15.80 ? 74  LEU A CD1 1 
ATOM   83   C CD2 . LEU A 1 11  ? 12.653  -3.086  2.549   1.00 15.56 ? 74  LEU A CD2 1 
ATOM   84   N N   . ASN A 1 12  ? 14.690  -5.339  -0.734  1.00 14.33 ? 75  ASN A N   1 
ATOM   85   C CA  . ASN A 1 12  ? 14.026  -6.583  -1.109  1.00 15.63 ? 75  ASN A CA  1 
ATOM   86   C C   . ASN A 1 12  ? 13.421  -7.199  0.149   1.00 16.29 ? 75  ASN A C   1 
ATOM   87   O O   . ASN A 1 12  ? 14.130  -7.816  0.956   1.00 15.90 ? 75  ASN A O   1 
ATOM   88   C CB  . ASN A 1 12  ? 14.999  -7.577  -1.780  1.00 16.21 ? 75  ASN A CB  1 
ATOM   89   C CG  . ASN A 1 12  ? 14.275  -8.791  -2.363  1.00 18.32 ? 75  ASN A CG  1 
ATOM   90   O OD1 . ASN A 1 12  ? 13.160  -9.118  -1.951  1.00 19.70 ? 75  ASN A OD1 1 
ATOM   91   N ND2 . ASN A 1 12  ? 14.901  -9.459  -3.311  1.00 19.41 ? 75  ASN A ND2 1 
ATOM   92   N N   . LEU A 1 13  ? 12.116  -7.027  0.312   1.00 16.76 ? 76  LEU A N   1 
ATOM   93   C CA  . LEU A 1 13  ? 11.421  -7.517  1.498   1.00 18.06 ? 76  LEU A CA  1 
ATOM   94   C C   . LEU A 1 13  ? 11.340  -9.052  1.547   1.00 18.52 ? 76  LEU A C   1 
ATOM   95   O O   . LEU A 1 13  ? 10.911  -9.678  0.575   1.00 18.20 ? 76  LEU A O   1 
ATOM   96   C CB  . LEU A 1 13  ? 10.012  -6.935  1.537   1.00 19.34 ? 76  LEU A CB  1 
ATOM   97   C CG  . LEU A 1 13  ? 9.231   -7.216  2.822   1.00 20.82 ? 76  LEU A CG  1 
ATOM   98   C CD1 . LEU A 1 13  ? 9.821   -6.405  3.965   1.00 20.72 ? 76  LEU A CD1 1 
ATOM   99   C CD2 . LEU A 1 13  ? 7.762   -6.911  2.593   1.00 20.55 ? 76  LEU A CD2 1 
ATOM   100  N N   . PRO A 1 14  ? 11.727  -9.671  2.693   1.00 18.04 ? 77  PRO A N   1 
ATOM   101  C CA  . PRO A 1 14  ? 11.565  -11.122 2.787   1.00 17.85 ? 77  PRO A CA  1 
ATOM   102  C C   . PRO A 1 14  ? 10.106  -11.501 2.680   1.00 17.02 ? 77  PRO A C   1 
ATOM   103  O O   . PRO A 1 14  ? 9.236   -10.718 3.099   1.00 17.72 ? 77  PRO A O   1 
ATOM   104  C CB  . PRO A 1 14  ? 12.058  -11.460 4.204   1.00 18.03 ? 77  PRO A CB  1 
ATOM   105  C CG  . PRO A 1 14  ? 12.949  -10.320 4.565   1.00 19.12 ? 77  PRO A CG  1 
ATOM   106  C CD  . PRO A 1 14  ? 12.334  -9.107  3.909   1.00 18.68 ? 77  PRO A CD  1 
ATOM   107  N N   . VAL A 1 15  ? 9.844   -12.692 2.140   1.00 16.51 ? 78  VAL A N   1 
ATOM   108  C CA  . VAL A 1 15  ? 8.482   -13.212 2.052   1.00 16.25 ? 78  VAL A CA  1 
ATOM   109  C C   . VAL A 1 15  ? 7.877   -13.417 3.443   1.00 17.37 ? 78  VAL A C   1 
ATOM   110  O O   . VAL A 1 15  ? 8.621   -13.562 4.425   1.00 17.76 ? 78  VAL A O   1 
ATOM   111  C CB  . VAL A 1 15  ? 8.374   -14.518 1.235   1.00 16.76 ? 78  VAL A CB  1 
ATOM   112  C CG1 . VAL A 1 15  ? 8.684   -14.260 -0.250  1.00 17.58 ? 78  VAL A CG1 1 
ATOM   113  C CG2 . VAL A 1 15  ? 9.242   -15.638 1.823   1.00 17.42 ? 78  VAL A CG2 1 
ATOM   114  N N   . ASP A 1 16  ? 6.543   -13.374 3.501   1.00 17.81 ? 79  ASP A N   1 
ATOM   115  C CA  . ASP A 1 16  ? 5.737   -13.681 4.698   1.00 19.06 ? 79  ASP A CA  1 
ATOM   116  C C   . ASP A 1 16  ? 5.849   -12.684 5.855   1.00 18.87 ? 79  ASP A C   1 
ATOM   117  O O   . ASP A 1 16  ? 5.796   -13.078 7.022   1.00 20.38 ? 79  ASP A O   1 
ATOM   118  C CB  . ASP A 1 16  ? 6.024   -15.117 5.174   1.00 21.17 ? 79  ASP A CB  1 
ATOM   119  C CG  . ASP A 1 16  ? 5.716   -16.153 4.104   1.00 23.54 ? 79  ASP A CG  1 
ATOM   120  O OD1 . ASP A 1 16  ? 4.907   -15.868 3.207   1.00 25.57 ? 79  ASP A OD1 1 
ATOM   121  O OD2 . ASP A 1 16  ? 6.313   -17.242 4.133   1.00 26.20 ? 79  ASP A OD2 1 
ATOM   122  N N   . TYR A 1 17  ? 6.016   -11.406 5.524   1.00 17.19 ? 80  TYR A N   1 
ATOM   123  C CA  . TYR A 1 17  ? 6.004   -10.321 6.504   1.00 16.93 ? 80  TYR A CA  1 
ATOM   124  C C   . TYR A 1 17  ? 5.122   -9.206  5.982   1.00 16.11 ? 80  TYR A C   1 
ATOM   125  O O   . TYR A 1 17  ? 5.369   -8.684  4.893   1.00 14.74 ? 80  TYR A O   1 
ATOM   126  C CB  . TYR A 1 17  ? 7.418   -9.783  6.742   1.00 18.37 ? 80  TYR A CB  1 
ATOM   127  C CG  . TYR A 1 17  ? 8.229   -10.728 7.593   1.00 19.53 ? 80  TYR A CG  1 
ATOM   128  C CD1 . TYR A 1 17  ? 9.101   -11.644 7.013   1.00 20.27 ? 80  TYR A CD1 1 
ATOM   129  C CD2 . TYR A 1 17  ? 8.083   -10.732 8.978   1.00 21.00 ? 80  TYR A CD2 1 
ATOM   130  C CE1 . TYR A 1 17  ? 9.831   -12.536 7.803   1.00 23.01 ? 80  TYR A CE1 1 
ATOM   131  C CE2 . TYR A 1 17  ? 8.806   -11.607 9.777   1.00 22.74 ? 80  TYR A CE2 1 
ATOM   132  C CZ  . TYR A 1 17  ? 9.679   -12.504 9.183   1.00 23.59 ? 80  TYR A CZ  1 
ATOM   133  O OH  . TYR A 1 17  ? 10.394  -13.385 9.968   1.00 25.70 ? 80  TYR A OH  1 
ATOM   134  N N   . TRP A 1 18  ? 4.077   -8.864  6.733   1.00 14.51 ? 81  TRP A N   1 
ATOM   135  C CA  . TRP A 1 18  ? 3.294   -7.676  6.414   1.00 13.63 ? 81  TRP A CA  1 
ATOM   136  C C   . TRP A 1 18  ? 4.121   -6.462  6.748   1.00 14.01 ? 81  TRP A C   1 
ATOM   137  O O   . TRP A 1 18  ? 4.717   -6.407  7.827   1.00 13.38 ? 81  TRP A O   1 
ATOM   138  C CB  . TRP A 1 18  ? 2.013   -7.610  7.256   1.00 13.49 ? 81  TRP A CB  1 
ATOM   139  C CG  . TRP A 1 18  ? 0.972   -8.626  6.888   1.00 13.96 ? 81  TRP A CG  1 
ATOM   140  C CD1 . TRP A 1 18  ? 0.731   -9.818  7.505   1.00 13.92 ? 81  TRP A CD1 1 
ATOM   141  C CD2 . TRP A 1 18  ? 0.016   -8.517  5.814   1.00 14.35 ? 81  TRP A CD2 1 
ATOM   142  N NE1 . TRP A 1 18  ? -0.329  -10.463 6.881   1.00 14.71 ? 81  TRP A NE1 1 
ATOM   143  C CE2 . TRP A 1 18  ? -0.779  -9.687  5.842   1.00 14.40 ? 81  TRP A CE2 1 
ATOM   144  C CE3 . TRP A 1 18  ? -0.236  -7.545  4.833   1.00 14.44 ? 81  TRP A CE3 1 
ATOM   145  C CZ2 . TRP A 1 18  ? -1.820  -9.913  4.926   1.00 14.52 ? 81  TRP A CZ2 1 
ATOM   146  C CZ3 . TRP A 1 18  ? -1.274  -7.762  3.921   1.00 14.16 ? 81  TRP A CZ3 1 
ATOM   147  C CH2 . TRP A 1 18  ? -2.051  -8.948  3.974   1.00 14.51 ? 81  TRP A CH2 1 
ATOM   148  N N   . MET A 1 19  ? 4.175   -5.516  5.810   1.00 14.07 ? 82  MET A N   1 
ATOM   149  C CA  A MET A 1 19  ? 4.632   -4.155  6.097   0.50 13.95 ? 82  MET A CA  1 
ATOM   150  C CA  B MET A 1 19  ? 4.644   -4.173  6.084   0.50 14.32 ? 82  MET A CA  1 
ATOM   151  C C   . MET A 1 19  ? 3.400   -3.347  6.450   1.00 14.26 ? 82  MET A C   1 
ATOM   152  O O   . MET A 1 19  ? 2.555   -3.059  5.589   1.00 14.18 ? 82  MET A O   1 
ATOM   153  C CB  A MET A 1 19  ? 5.293   -3.492  4.884   0.50 13.78 ? 82  MET A CB  1 
ATOM   154  C CB  B MET A 1 19  ? 5.362   -3.624  4.838   0.50 14.84 ? 82  MET A CB  1 
ATOM   155  C CG  A MET A 1 19  ? 6.707   -3.916  4.567   0.50 13.44 ? 82  MET A CG  1 
ATOM   156  C CG  B MET A 1 19  ? 6.035   -2.276  4.992   0.50 15.05 ? 82  MET A CG  1 
ATOM   157  S SD  A MET A 1 19  ? 7.202   -3.069  3.060   0.50 12.84 ? 82  MET A SD  1 
ATOM   158  S SD  B MET A 1 19  ? 6.793   -1.692  3.453   0.50 16.05 ? 82  MET A SD  1 
ATOM   159  C CE  A MET A 1 19  ? 7.697   -1.478  3.704   0.50 12.98 ? 82  MET A CE  1 
ATOM   160  C CE  B MET A 1 19  ? 8.338   -2.588  3.476   0.50 15.85 ? 82  MET A CE  1 
ATOM   161  N N   . LEU A 1 20  ? 3.267   -3.000  7.731   1.00 14.03 ? 83  LEU A N   1 
ATOM   162  C CA  . LEU A 1 20  ? 2.147   -2.184  8.172   1.00 14.20 ? 83  LEU A CA  1 
ATOM   163  C C   . LEU A 1 20  ? 2.606   -0.731  8.230   1.00 14.14 ? 83  LEU A C   1 
ATOM   164  O O   . LEU A 1 20  ? 3.415   -0.378  9.081   1.00 13.72 ? 83  LEU A O   1 
ATOM   165  C CB  . LEU A 1 20  ? 1.650   -2.648  9.545   1.00 14.16 ? 83  LEU A CB  1 
ATOM   166  C CG  . LEU A 1 20  ? 0.503   -1.876  10.212  1.00 14.01 ? 83  LEU A CG  1 
ATOM   167  C CD1 . LEU A 1 20  ? -0.778  -2.063  9.423   1.00 14.74 ? 83  LEU A CD1 1 
ATOM   168  C CD2 . LEU A 1 20  ? 0.336   -2.388  11.653  1.00 15.31 ? 83  LEU A CD2 1 
ATOM   169  N N   . ILE A 1 21  ? 2.108   0.082   7.301   1.00 13.93 ? 84  ILE A N   1 
ATOM   170  C CA  . ILE A 1 21  ? 2.649   1.424   7.063   1.00 14.10 ? 84  ILE A CA  1 
ATOM   171  C C   . ILE A 1 21  ? 1.738   2.471   7.690   1.00 14.38 ? 84  ILE A C   1 
ATOM   172  O O   . ILE A 1 21  ? 0.525   2.411   7.531   1.00 13.71 ? 84  ILE A O   1 
ATOM   173  C CB  . ILE A 1 21  ? 2.853   1.690   5.547   1.00 13.74 ? 84  ILE A CB  1 
ATOM   174  C CG1 . ILE A 1 21  ? 3.621   0.519   4.922   1.00 13.89 ? 84  ILE A CG1 1 
ATOM   175  C CG2 . ILE A 1 21  ? 3.607   2.993   5.352   1.00 14.28 ? 84  ILE A CG2 1 
ATOM   176  C CD1 . ILE A 1 21  ? 3.680   0.505   3.404   1.00 14.31 ? 84  ILE A CD1 1 
ATOM   177  N N   . ALA A 1 22  ? 2.333   3.424   8.405   1.00 14.37 ? 85  ALA A N   1 
ATOM   178  C CA  . ALA A 1 22  ? 1.589   4.348   9.263   1.00 14.29 ? 85  ALA A CA  1 
ATOM   179  C C   . ALA A 1 22  ? 1.946   5.802   8.952   1.00 14.67 ? 85  ALA A C   1 
ATOM   180  O O   . ALA A 1 22  ? 2.641   6.459   9.754   1.00 14.71 ? 85  ALA A O   1 
ATOM   181  C CB  . ALA A 1 22  ? 1.873   4.035   10.736  1.00 15.46 ? 85  ALA A CB  1 
ATOM   182  N N   . PRO A 1 23  ? 1.481   6.315   7.795   1.00 14.81 ? 86  PRO A N   1 
ATOM   183  C CA  . PRO A 1 23  ? 1.750   7.703   7.443   1.00 15.31 ? 86  PRO A CA  1 
ATOM   184  C C   . PRO A 1 23  ? 0.926   8.687   8.294   1.00 16.48 ? 86  PRO A C   1 
ATOM   185  O O   . PRO A 1 23  ? -0.094  8.294   8.891   1.00 17.39 ? 86  PRO A O   1 
ATOM   186  C CB  . PRO A 1 23  ? 1.298   7.790   5.988   1.00 15.01 ? 86  PRO A CB  1 
ATOM   187  C CG  . PRO A 1 23  ? 0.308   6.696   5.795   1.00 15.40 ? 86  PRO A CG  1 
ATOM   188  C CD  . PRO A 1 23  ? 0.626   5.632   6.792   1.00 14.88 ? 86  PRO A CD  1 
ATOM   189  N N   . THR A 1 24  ? 1.374   9.944   8.351   1.00 16.58 ? 87  THR A N   1 
ATOM   190  C CA  . THR A 1 24  ? 0.615   10.989  9.039   1.00 16.47 ? 87  THR A CA  1 
ATOM   191  C C   . THR A 1 24  ? -0.091  11.940  8.060   1.00 16.71 ? 87  THR A C   1 
ATOM   192  O O   . THR A 1 24  ? -1.067  12.610  8.419   1.00 17.02 ? 87  THR A O   1 
ATOM   193  C CB  . THR A 1 24  ? 1.502   11.809  10.016  1.00 17.14 ? 87  THR A CB  1 
ATOM   194  O OG1 . THR A 1 24  ? 2.521   12.490  9.278   1.00 17.03 ? 87  THR A OG1 1 
ATOM   195  C CG2 . THR A 1 24  ? 2.153   10.903  11.084  1.00 17.12 ? 87  THR A CG2 1 
ATOM   196  N N   . ARG A 1 25  ? 0.409   12.014  6.832   1.00 17.66 ? 88  ARG A N   1 
ATOM   197  C CA  . ARG A 1 25  ? -0.038  13.028  5.863   1.00 18.88 ? 88  ARG A CA  1 
ATOM   198  C C   . ARG A 1 25  ? -0.377  12.389  4.517   1.00 18.16 ? 88  ARG A C   1 
ATOM   199  O O   . ARG A 1 25  ? 0.171   11.335  4.168   1.00 17.07 ? 88  ARG A O   1 
ATOM   200  C CB  . ARG A 1 25  ? 1.067   14.072  5.615   1.00 22.84 ? 88  ARG A CB  1 
ATOM   201  C CG  . ARG A 1 25  ? 1.608   14.810  6.838   1.00 29.14 ? 88  ARG A CG  1 
ATOM   202  C CD  . ARG A 1 25  ? 2.855   15.603  6.449   1.00 35.46 ? 88  ARG A CD  1 
ATOM   203  N NE  . ARG A 1 25  ? 3.259   16.572  7.473   1.00 43.10 ? 88  ARG A NE  1 
ATOM   204  C CZ  . ARG A 1 25  ? 4.069   16.307  8.498   1.00 46.22 ? 88  ARG A CZ  1 
ATOM   205  N NH1 . ARG A 1 25  ? 4.574   15.090  8.672   1.00 48.52 ? 88  ARG A NH1 1 
ATOM   206  N NH2 . ARG A 1 25  ? 4.369   17.268  9.362   1.00 50.59 ? 88  ARG A NH2 1 
ATOM   207  N N   . GLU A 1 26  ? -1.266  13.037  3.764   1.00 17.84 ? 89  GLU A N   1 
ATOM   208  C CA  . GLU A 1 26  ? -1.608  12.601  2.407   1.00 18.05 ? 89  GLU A CA  1 
ATOM   209  C C   . GLU A 1 26  ? -0.367  12.611  1.504   1.00 16.63 ? 89  GLU A C   1 
ATOM   210  O O   . GLU A 1 26  ? 0.606   13.354  1.756   1.00 16.28 ? 89  GLU A O   1 
ATOM   211  C CB  . GLU A 1 26  ? -2.715  13.501  1.818   1.00 19.88 ? 89  GLU A CB  1 
ATOM   212  C CG  . GLU A 1 26  ? -2.341  14.988  1.684   1.00 23.59 ? 89  GLU A CG  1 
ATOM   213  C CD  . GLU A 1 26  ? -2.624  15.827  2.941   1.00 27.39 ? 89  GLU A CD  1 
ATOM   214  O OE1 . GLU A 1 26  ? -2.747  15.279  4.074   1.00 29.81 ? 89  GLU A OE1 1 
ATOM   215  O OE2 . GLU A 1 26  ? -2.715  17.066  2.796   1.00 30.81 ? 89  GLU A OE2 1 
ATOM   216  N N   . GLY A 1 27  ? -0.382  11.762  0.482   1.00 15.40 ? 90  GLY A N   1 
ATOM   217  C CA  . GLY A 1 27  ? 0.719   11.687  -0.475  1.00 15.10 ? 90  GLY A CA  1 
ATOM   218  C C   . GLY A 1 27  ? 1.119   10.263  -0.788  1.00 15.01 ? 90  GLY A C   1 
ATOM   219  O O   . GLY A 1 27  ? 0.445   9.300   -0.372  1.00 14.26 ? 90  GLY A O   1 
ATOM   220  N N   . LYS A 1 28  ? 2.230   10.114  -1.506  1.00 14.74 ? 91  LYS A N   1 
ATOM   221  C CA  . LYS A 1 28  ? 2.728   8.781   -1.837  1.00 16.02 ? 91  LYS A CA  1 
ATOM   222  C C   . LYS A 1 28  ? 3.126   8.025   -0.579  1.00 15.85 ? 91  LYS A C   1 
ATOM   223  O O   . LYS A 1 28  ? 3.821   8.575   0.293   1.00 15.63 ? 91  LYS A O   1 
ATOM   224  C CB  . LYS A 1 28  ? 3.914   8.842   -2.800  1.00 18.40 ? 91  LYS A CB  1 
ATOM   225  C CG  . LYS A 1 28  ? 4.475   7.439   -3.063  1.00 21.23 ? 91  LYS A CG  1 
ATOM   226  C CD  . LYS A 1 28  ? 5.559   7.402   -4.112  1.00 24.52 ? 91  LYS A CD  1 
ATOM   227  C CE  . LYS A 1 28  ? 6.925   7.683   -3.527  1.00 26.02 ? 91  LYS A CE  1 
ATOM   228  N NZ  . LYS A 1 28  ? 7.953   7.411   -4.575  1.00 25.51 ? 91  LYS A NZ  1 
ATOM   229  N N   . VAL A 1 29  ? 2.679   6.778   -0.491  1.00 14.16 ? 92  VAL A N   1 
ATOM   230  C CA  . VAL A 1 29  ? 2.927   5.949   0.693   1.00 14.91 ? 92  VAL A CA  1 
ATOM   231  C C   . VAL A 1 29  ? 4.011   4.903   0.424   1.00 14.79 ? 92  VAL A C   1 
ATOM   232  O O   . VAL A 1 29  ? 4.953   4.746   1.226   1.00 15.36 ? 92  VAL A O   1 
ATOM   233  C CB  . VAL A 1 29  ? 1.639   5.273   1.195   1.00 15.16 ? 92  VAL A CB  1 
ATOM   234  C CG1 . VAL A 1 29  ? 1.922   4.387   2.399   1.00 15.93 ? 92  VAL A CG1 1 
ATOM   235  C CG2 . VAL A 1 29  ? 0.592   6.336   1.546   1.00 15.70 ? 92  VAL A CG2 1 
ATOM   236  N N   . ALA A 1 30  ? 3.895   4.200   -0.696  1.00 14.12 ? 93  ALA A N   1 
ATOM   237  C CA  . ALA A 1 30  ? 4.793   3.085   -0.984  1.00 13.77 ? 93  ALA A CA  1 
ATOM   238  C C   . ALA A 1 30  ? 4.798   2.752   -2.458  1.00 13.90 ? 93  ALA A C   1 
ATOM   239  O O   . ALA A 1 30  ? 3.846   3.077   -3.184  1.00 13.09 ? 93  ALA A O   1 
ATOM   240  C CB  . ALA A 1 30  ? 4.368   1.850   -0.192  1.00 14.49 ? 93  ALA A CB  1 
ATOM   241  N N   . GLU A 1 31  ? 5.858   2.077   -2.880  1.00 14.05 ? 94  GLU A N   1 
ATOM   242  C CA  . GLU A 1 31  ? 5.858   1.468   -4.195  1.00 15.19 ? 94  GLU A CA  1 
ATOM   243  C C   . GLU A 1 31  ? 6.621   0.152   -4.184  1.00 15.27 ? 94  GLU A C   1 
ATOM   244  O O   . GLU A 1 31  ? 7.412   -0.129  -3.272  1.00 14.87 ? 94  GLU A O   1 
ATOM   245  C CB  . GLU A 1 31  ? 6.308   2.457   -5.283  1.00 16.53 ? 94  GLU A CB  1 
ATOM   246  C CG  . GLU A 1 31  ? 7.746   2.911   -5.244  1.00 19.36 ? 94  GLU A CG  1 
ATOM   247  C CD  . GLU A 1 31  ? 7.982   3.995   -6.273  1.00 19.95 ? 94  GLU A CD  1 
ATOM   248  O OE1 . GLU A 1 31  ? 7.783   3.706   -7.467  1.00 21.24 ? 94  GLU A OE1 1 
ATOM   249  O OE2 . GLU A 1 31  ? 8.346   5.117   -5.881  1.00 19.64 ? 94  GLU A OE2 1 
ATOM   250  N N   . GLY A 1 32  ? 6.341   -0.698  -5.158  1.00 13.67 ? 95  GLY A N   1 
ATOM   251  C CA  . GLY A 1 32  ? 7.004   -1.999  -5.193  1.00 13.62 ? 95  GLY A CA  1 
ATOM   252  C C   . GLY A 1 32  ? 7.020   -2.568  -6.599  1.00 13.62 ? 95  GLY A C   1 
ATOM   253  O O   . GLY A 1 32  ? 6.204   -2.186  -7.428  1.00 12.83 ? 95  GLY A O   1 
ATOM   254  N N   . THR A 1 33  ? 7.942   -3.489  -6.855  1.00 12.96 ? 96  THR A N   1 
ATOM   255  C CA  . THR A 1 33  ? 8.035   -4.109  -8.187  1.00 12.85 ? 96  THR A CA  1 
ATOM   256  C C   . THR A 1 33  ? 8.739   -5.459  -8.131  1.00 13.52 ? 96  THR A C   1 
ATOM   257  O O   . THR A 1 33  ? 9.567   -5.711  -7.227  1.00 12.90 ? 96  THR A O   1 
ATOM   258  C CB  . THR A 1 33  ? 8.767   -3.201  -9.205  1.00 12.77 ? 96  THR A CB  1 
ATOM   259  O OG1 . THR A 1 33  ? 8.677   -3.774  -10.525 1.00 12.57 ? 96  THR A OG1 1 
ATOM   260  C CG2 . THR A 1 33  ? 10.259  -3.049  -8.848  1.00 12.54 ? 96  THR A CG2 1 
ATOM   261  N N   . ASN A 1 34  ? 8.419   -6.317  -9.103  1.00 13.20 ? 97  ASN A N   1 
ATOM   262  C CA  . ASN A 1 34  ? 9.243   -7.501  -9.351  1.00 13.83 ? 97  ASN A CA  1 
ATOM   263  C C   . ASN A 1 34  ? 10.218  -7.280  -10.532 1.00 14.17 ? 97  ASN A C   1 
ATOM   264  O O   . ASN A 1 34  ? 10.939  -8.196  -10.911 1.00 15.09 ? 97  ASN A O   1 
ATOM   265  C CB  . ASN A 1 34  ? 8.368   -8.754  -9.540  1.00 13.34 ? 97  ASN A CB  1 
ATOM   266  C CG  . ASN A 1 34  ? 7.575   -8.749  -10.859 1.00 13.14 ? 97  ASN A CG  1 
ATOM   267  O OD1 . ASN A 1 34  ? 7.540   -7.754  -11.575 1.00 12.91 ? 97  ASN A OD1 1 
ATOM   268  N ND2 . ASN A 1 34  ? 6.921   -9.872  -11.163 1.00 12.95 ? 97  ASN A ND2 1 
ATOM   269  N N   . THR A 1 35  ? 10.217  -6.060  -11.090 1.00 14.16 ? 98  THR A N   1 
ATOM   270  C CA  . THR A 1 35  ? 11.096  -5.621  -12.214 1.00 15.27 ? 98  THR A CA  1 
ATOM   271  C C   . THR A 1 35  ? 10.763  -6.205  -13.587 1.00 15.37 ? 98  THR A C   1 
ATOM   272  O O   . THR A 1 35  ? 11.422  -5.855  -14.584 1.00 16.17 ? 98  THR A O   1 
ATOM   273  C CB  . THR A 1 35  ? 12.626  -5.809  -11.975 1.00 15.80 ? 98  THR A CB  1 
ATOM   274  O OG1 . THR A 1 35  ? 12.990  -7.179  -12.222 1.00 17.03 ? 98  THR A OG1 1 
ATOM   275  C CG2 . THR A 1 35  ? 13.040  -5.394  -10.542 1.00 16.13 ? 98  THR A CG2 1 
ATOM   276  N N   . THR A 1 36  ? 9.755   -7.070  -13.647 1.00 15.11 ? 99  THR A N   1 
ATOM   277  C CA  . THR A 1 36  ? 9.404   -7.763  -14.896 1.00 14.60 ? 99  THR A CA  1 
ATOM   278  C C   . THR A 1 36  ? 8.004   -7.410  -15.388 1.00 14.60 ? 99  THR A C   1 
ATOM   279  O O   . THR A 1 36  ? 7.847   -6.944  -16.526 1.00 14.34 ? 99  THR A O   1 
ATOM   280  C CB  . THR A 1 36  ? 9.558   -9.292  -14.777 1.00 15.16 ? 99  THR A CB  1 
ATOM   281  O OG1 . THR A 1 36  ? 8.677   -9.797  -13.775 1.00 14.75 ? 99  THR A OG1 1 
ATOM   282  C CG2 . THR A 1 36  ? 10.995  -9.655  -14.404 1.00 15.30 ? 99  THR A CG2 1 
ATOM   283  N N   . ASP A 1 37  ? 6.981   -7.639  -14.560 1.00 13.30 ? 100 ASP A N   1 
ATOM   284  C CA  . ASP A 1 37  ? 5.596   -7.436  -15.022 1.00 13.38 ? 100 ASP A CA  1 
ATOM   285  C C   . ASP A 1 37  ? 4.606   -6.933  -13.977 1.00 12.33 ? 100 ASP A C   1 
ATOM   286  O O   . ASP A 1 37  ? 3.405   -6.987  -14.199 1.00 12.14 ? 100 ASP A O   1 
ATOM   287  C CB  . ASP A 1 37  ? 5.052   -8.698  -15.753 1.00 13.62 ? 100 ASP A CB  1 
ATOM   288  C CG  . ASP A 1 37  ? 5.202   -9.960  -14.935 1.00 14.04 ? 100 ASP A CG  1 
ATOM   289  O OD1 . ASP A 1 37  ? 5.231   -9.859  -13.681 1.00 13.97 ? 100 ASP A OD1 1 
ATOM   290  O OD2 . ASP A 1 37  ? 5.291   -11.060 -15.536 1.00 13.49 ? 100 ASP A OD2 1 
ATOM   291  N N   . ARG A 1 38  ? 5.114   -6.424  -12.846 1.00 11.97 ? 101 ARG A N   1 
ATOM   292  C CA  . ARG A 1 38  ? 4.265   -5.724  -11.862 1.00 11.91 ? 101 ARG A CA  1 
ATOM   293  C C   . ARG A 1 38  ? 5.007   -4.551  -11.257 1.00 11.60 ? 101 ARG A C   1 
ATOM   294  O O   . ARG A 1 38  ? 6.137   -4.695  -10.764 1.00 10.97 ? 101 ARG A O   1 
ATOM   295  C CB  . ARG A 1 38  ? 3.801   -6.628  -10.711 1.00 11.64 ? 101 ARG A CB  1 
ATOM   296  C CG  . ARG A 1 38  ? 2.597   -7.511  -11.017 1.00 12.16 ? 101 ARG A CG  1 
ATOM   297  C CD  . ARG A 1 38  ? 3.090   -8.898  -11.411 1.00 11.73 ? 101 ARG A CD  1 
ATOM   298  N NE  . ARG A 1 38  ? 1.974   -9.815  -11.595 1.00 11.40 ? 101 ARG A NE  1 
ATOM   299  C CZ  . ARG A 1 38  ? 1.275   -9.928  -12.730 1.00 11.21 ? 101 ARG A CZ  1 
ATOM   300  N NH1 . ARG A 1 38  ? 1.574   -9.158  -13.780 1.00 11.49 ? 101 ARG A NH1 1 
ATOM   301  N NH2 . ARG A 1 38  ? 0.291   -10.819 -12.801 1.00 10.73 ? 101 ARG A NH2 1 
ATOM   302  N N   . TRP A 1 39  ? 4.350   -3.388  -11.312 1.00 12.03 ? 102 TRP A N   1 
ATOM   303  C CA  . TRP A 1 39  ? 4.769   -2.196  -10.586 1.00 12.08 ? 102 TRP A CA  1 
ATOM   304  C C   . TRP A 1 39  ? 3.567   -1.713  -9.802  1.00 12.42 ? 102 TRP A C   1 
ATOM   305  O O   . TRP A 1 39  ? 2.502   -1.440  -10.380 1.00 12.26 ? 102 TRP A O   1 
ATOM   306  C CB  . TRP A 1 39  ? 5.266   -1.106  -11.554 1.00 13.22 ? 102 TRP A CB  1 
ATOM   307  C CG  . TRP A 1 39  ? 6.638   -1.371  -12.086 1.00 13.74 ? 102 TRP A CG  1 
ATOM   308  C CD1 . TRP A 1 39  ? 7.813   -0.802  -11.656 1.00 13.89 ? 102 TRP A CD1 1 
ATOM   309  C CD2 . TRP A 1 39  ? 6.990   -2.277  -13.150 1.00 13.92 ? 102 TRP A CD2 1 
ATOM   310  N NE1 . TRP A 1 39  ? 8.875   -1.298  -12.406 1.00 14.30 ? 102 TRP A NE1 1 
ATOM   311  C CE2 . TRP A 1 39  ? 8.395   -2.205  -13.315 1.00 13.97 ? 102 TRP A CE2 1 
ATOM   312  C CE3 . TRP A 1 39  ? 6.249   -3.123  -13.997 1.00 13.44 ? 102 TRP A CE3 1 
ATOM   313  C CZ2 . TRP A 1 39  ? 9.079   -2.962  -14.278 1.00 14.49 ? 102 TRP A CZ2 1 
ATOM   314  C CZ3 . TRP A 1 39  ? 6.935   -3.901  -14.954 1.00 13.52 ? 102 TRP A CZ3 1 
ATOM   315  C CH2 . TRP A 1 39  ? 8.336   -3.818  -15.072 1.00 14.52 ? 102 TRP A CH2 1 
ATOM   316  N N   . PHE A 1 40  ? 3.725   -1.637  -8.479  1.00 12.19 ? 103 PHE A N   1 
ATOM   317  C CA  . PHE A 1 40  ? 2.632   -1.232  -7.590  1.00 12.93 ? 103 PHE A CA  1 
ATOM   318  C C   . PHE A 1 40  ? 2.927   0.139   -6.991  1.00 12.75 ? 103 PHE A C   1 
ATOM   319  O O   . PHE A 1 40  ? 4.079   0.459   -6.719  1.00 11.98 ? 103 PHE A O   1 
ATOM   320  C CB  . PHE A 1 40  ? 2.509   -2.220  -6.423  1.00 13.99 ? 103 PHE A CB  1 
ATOM   321  C CG  . PHE A 1 40  ? 2.287   -3.658  -6.833  1.00 14.95 ? 103 PHE A CG  1 
ATOM   322  C CD1 . PHE A 1 40  ? 0.996   -4.140  -7.037  1.00 16.79 ? 103 PHE A CD1 1 
ATOM   323  C CD2 . PHE A 1 40  ? 3.356   -4.546  -6.940  1.00 16.37 ? 103 PHE A CD2 1 
ATOM   324  C CE1 . PHE A 1 40  ? 0.774   -5.478  -7.391  1.00 17.24 ? 103 PHE A CE1 1 
ATOM   325  C CE2 . PHE A 1 40  ? 3.141   -5.889  -7.283  1.00 17.11 ? 103 PHE A CE2 1 
ATOM   326  C CZ  . PHE A 1 40  ? 1.856   -6.347  -7.509  1.00 16.79 ? 103 PHE A CZ  1 
ATOM   327  N N   . ALA A 1 41  ? 1.886   0.937   -6.783  1.00 12.89 ? 104 ALA A N   1 
ATOM   328  C CA  . ALA A 1 41  ? 2.013   2.241   -6.113  1.00 13.72 ? 104 ALA A CA  1 
ATOM   329  C C   . ALA A 1 41  ? 0.834   2.448   -5.179  1.00 14.17 ? 104 ALA A C   1 
ATOM   330  O O   . ALA A 1 41  ? -0.317  2.188   -5.557  1.00 13.77 ? 104 ALA A O   1 
ATOM   331  C CB  . ALA A 1 41  ? 2.075   3.361   -7.137  1.00 15.06 ? 104 ALA A CB  1 
ATOM   332  N N   . CYS A 1 42  ? 1.108   2.924   -3.966  1.00 13.76 ? 105 CYS A N   1 
ATOM   333  C CA  . CYS A 1 42  ? 0.042   3.236   -3.031  1.00 14.65 ? 105 CYS A CA  1 
ATOM   334  C C   . CYS A 1 42  ? 0.130   4.699   -2.630  1.00 13.95 ? 105 CYS A C   1 
ATOM   335  O O   . CYS A 1 42  ? 1.199   5.172   -2.231  1.00 13.33 ? 105 CYS A O   1 
ATOM   336  C CB  . CYS A 1 42  ? 0.129   2.352   -1.795  1.00 15.73 ? 105 CYS A CB  1 
ATOM   337  S SG  . CYS A 1 42  ? -1.072  2.791   -0.516  1.00 20.30 ? 105 CYS A SG  1 
ATOM   338  N N   . VAL A 1 43  ? -0.989  5.413   -2.762  1.00 13.60 ? 106 VAL A N   1 
ATOM   339  C CA  . VAL A 1 43  ? -1.077  6.797   -2.330  1.00 12.98 ? 106 VAL A CA  1 
ATOM   340  C C   . VAL A 1 43  ? -2.181  6.953   -1.292  1.00 13.58 ? 106 VAL A C   1 
ATOM   341  O O   . VAL A 1 43  ? -3.163  6.205   -1.304  1.00 13.47 ? 106 VAL A O   1 
ATOM   342  C CB  . VAL A 1 43  ? -1.284  7.793   -3.497  1.00 13.82 ? 106 VAL A CB  1 
ATOM   343  C CG1 . VAL A 1 43  ? -0.232  7.575   -4.581  1.00 13.41 ? 106 VAL A CG1 1 
ATOM   344  C CG2 . VAL A 1 43  ? -2.696  7.712   -4.071  1.00 14.11 ? 106 VAL A CG2 1 
ATOM   345  N N   . LEU A 1 44  ? -2.004  7.933   -0.405  1.00 12.98 ? 107 LEU A N   1 
ATOM   346  C CA  . LEU A 1 44  ? -3.002  8.245   0.607   1.00 13.30 ? 107 LEU A CA  1 
ATOM   347  C C   . LEU A 1 44  ? -3.696  9.568   0.284   1.00 12.99 ? 107 LEU A C   1 
ATOM   348  O O   . LEU A 1 44  ? -3.024  10.584  0.009   1.00 13.29 ? 107 LEU A O   1 
ATOM   349  C CB  . LEU A 1 44  ? -2.341  8.313   1.990   1.00 13.55 ? 107 LEU A CB  1 
ATOM   350  C CG  . LEU A 1 44  ? -3.271  8.647   3.155   1.00 13.76 ? 107 LEU A CG  1 
ATOM   351  C CD1 . LEU A 1 44  ? -4.350  7.579   3.311   1.00 13.54 ? 107 LEU A CD1 1 
ATOM   352  C CD2 . LEU A 1 44  ? -2.453  8.817   4.450   1.00 14.78 ? 107 LEU A CD2 1 
ATOM   353  N N   . VAL A 1 45  ? -5.029  9.549   0.312   1.00 12.89 ? 108 VAL A N   1 
ATOM   354  C CA  . VAL A 1 45  ? -5.866  10.736  0.060   1.00 13.39 ? 108 VAL A CA  1 
ATOM   355  C C   . VAL A 1 45  ? -6.701  11.068  1.320   1.00 13.88 ? 108 VAL A C   1 
ATOM   356  O O   . VAL A 1 45  ? -7.387  10.193  1.888   1.00 13.01 ? 108 VAL A O   1 
ATOM   357  C CB  . VAL A 1 45  ? -6.801  10.514  -1.171  1.00 14.12 ? 108 VAL A CB  1 
ATOM   358  C CG1 . VAL A 1 45  ? -7.575  11.772  -1.530  1.00 14.72 ? 108 VAL A CG1 1 
ATOM   359  C CG2 . VAL A 1 45  ? -6.003  10.068  -2.388  1.00 13.95 ? 108 VAL A CG2 1 
ATOM   360  N N   . GLU A 1 46  ? -6.642  12.341  1.736   1.00 14.09 ? 109 GLU A N   1 
ATOM   361  C CA  . GLU A 1 46  ? -7.410  12.853  2.880   1.00 14.98 ? 109 GLU A CA  1 
ATOM   362  C C   . GLU A 1 46  ? -8.932  12.849  2.571   1.00 15.68 ? 109 GLU A C   1 
ATOM   363  O O   . GLU A 1 46  ? -9.339  12.669  1.405   1.00 15.30 ? 109 GLU A O   1 
ATOM   364  C CB  . GLU A 1 46  ? -6.920  14.264  3.270   1.00 15.79 ? 109 GLU A CB  1 
ATOM   365  C CG  . GLU A 1 46  ? -7.410  15.392  2.369   1.00 16.03 ? 109 GLU A CG  1 
ATOM   366  C CD  . GLU A 1 46  ? -6.522  15.631  1.158   1.00 17.62 ? 109 GLU A CD  1 
ATOM   367  O OE1 . GLU A 1 46  ? -5.764  14.721  0.754   1.00 17.36 ? 109 GLU A OE1 1 
ATOM   368  O OE2 . GLU A 1 46  ? -6.584  16.744  0.589   1.00 18.03 ? 109 GLU A OE2 1 
ATOM   369  N N   . PRO A 1 47  ? -9.782  13.049  3.607   1.00 15.60 ? 110 PRO A N   1 
ATOM   370  C CA  . PRO A 1 47  ? -11.245 13.070  3.381   1.00 15.77 ? 110 PRO A CA  1 
ATOM   371  C C   . PRO A 1 47  ? -11.716 14.223  2.488   1.00 16.95 ? 110 PRO A C   1 
ATOM   372  O O   . PRO A 1 47  ? -11.019 15.236  2.376   1.00 16.78 ? 110 PRO A O   1 
ATOM   373  C CB  . PRO A 1 47  ? -11.804 13.204  4.805   1.00 14.99 ? 110 PRO A CB  1 
ATOM   374  C CG  . PRO A 1 47  ? -10.747 12.592  5.682   1.00 14.90 ? 110 PRO A CG  1 
ATOM   375  C CD  . PRO A 1 47  ? -9.468  13.084  5.056   1.00 15.40 ? 110 PRO A CD  1 
ATOM   376  N N   . ASN A 1 48  ? -12.861 14.041  1.827   1.00 18.99 ? 111 ASN A N   1 
ATOM   377  C CA  . ASN A 1 48  ? -13.518 15.102  1.038   1.00 21.69 ? 111 ASN A CA  1 
ATOM   378  C C   . ASN A 1 48  ? -12.643 15.648  -0.092  1.00 22.79 ? 111 ASN A C   1 
ATOM   379  O O   . ASN A 1 48  ? -12.345 16.852  -0.136  1.00 22.52 ? 111 ASN A O   1 
ATOM   380  C CB  . ASN A 1 48  ? -13.955 16.273  1.948   1.00 25.20 ? 111 ASN A CB  1 
ATOM   381  C CG  . ASN A 1 48  ? -15.178 15.950  2.791   1.00 29.33 ? 111 ASN A CG  1 
ATOM   382  O OD1 . ASN A 1 48  ? -15.165 16.104  4.022   1.00 33.59 ? 111 ASN A OD1 1 
ATOM   383  N ND2 . ASN A 1 48  ? -16.252 15.526  2.132   1.00 32.04 ? 111 ASN A ND2 1 
ATOM   384  N N   . VAL A 1 49  ? -12.231 14.774  -1.000  1.00 21.26 ? 112 VAL A N   1 
ATOM   385  C CA  . VAL A 1 49  ? -11.415 15.192  -2.123  1.00 20.67 ? 112 VAL A CA  1 
ATOM   386  C C   . VAL A 1 49  ? -12.208 14.882  -3.397  1.00 21.79 ? 112 VAL A C   1 
ATOM   387  O O   . VAL A 1 49  ? -12.475 13.755  -3.742  1.00 20.94 ? 112 VAL A O   1 
ATOM   388  C CB  . VAL A 1 49  ? -10.014 14.526  -2.171  1.00 20.08 ? 112 VAL A CB  1 
ATOM   389  C CG1 . VAL A 1 49  ? -9.339  14.877  -3.471  1.00 20.16 ? 112 VAL A CG1 1 
ATOM   390  C CG2 . VAL A 1 49  ? -9.169  14.984  -1.027  1.00 19.85 ? 112 VAL A CG2 1 
ATOM   391  N N   . GLN A 1 50  ? -12.595 15.934  -4.084  1.00 24.40 ? 113 GLN A N   1 
ATOM   392  C CA  . GLN A 1 50  ? -13.343 15.796  -5.320  1.00 26.61 ? 113 GLN A CA  1 
ATOM   393  C C   . GLN A 1 50  ? -12.399 15.370  -6.404  1.00 25.55 ? 113 GLN A C   1 
ATOM   394  O O   . GLN A 1 50  ? -11.254 15.567  -6.262  1.00 26.43 ? 113 GLN A O   1 
ATOM   395  C CB  . GLN A 1 50  ? -13.937 17.130  -5.707  1.00 30.67 ? 113 GLN A CB  1 
ATOM   396  C CG  . GLN A 1 50  ? -15.239 17.415  -5.002  1.00 37.42 ? 113 GLN A CG  1 
ATOM   397  C CD  . GLN A 1 50  ? -15.853 18.741  -5.400  1.00 42.33 ? 113 GLN A CD  1 
ATOM   398  O OE1 . GLN A 1 50  ? -16.000 19.042  -6.573  1.00 44.96 ? 113 GLN A OE1 1 
ATOM   399  N NE2 . GLN A 1 50  ? -16.214 19.534  -4.412  1.00 45.60 ? 113 GLN A NE2 1 
ATOM   400  N N   . ASN A 1 51  ? -12.918 14.814  -7.477  1.00 24.68 ? 114 ASN A N   1 
ATOM   401  C CA  . ASN A 1 51  ? -12.130 14.381  -8.602  1.00 23.82 ? 114 ASN A CA  1 
ATOM   402  C C   . ASN A 1 51  ? -11.064 15.357  -8.924  1.00 23.75 ? 114 ASN A C   1 
ATOM   403  O O   . ASN A 1 51  ? -11.314 16.482  -9.153  1.00 21.37 ? 114 ASN A O   1 
ATOM   404  C CB  . ASN A 1 51  ? -12.989 14.204  -9.850  1.00 25.28 ? 114 ASN A CB  1 
ATOM   405  C CG  . ASN A 1 51  ? -13.878 13.009  -9.771  1.00 26.10 ? 114 ASN A CG  1 
ATOM   406  O OD1 . ASN A 1 51  ? -13.531 12.016  -9.237  1.00 26.94 ? 114 ASN A OD1 1 
ATOM   407  N ND2 . ASN A 1 51  ? -15.049 13.126  -10.315 1.00 29.22 ? 114 ASN A ND2 1 
ATOM   408  N N   . THR A 1 52  ? -9.854  14.871  -8.920  1.00 21.84 ? 115 THR A N   1 
ATOM   409  C CA  . THR A 1 52  ? -8.729  15.735  -9.202  1.00 21.31 ? 115 THR A CA  1 
ATOM   410  C C   . THR A 1 52  ? -7.510  14.947  -9.687  1.00 19.82 ? 115 THR A C   1 
ATOM   411  O O   . THR A 1 52  ? -7.451  13.725  -9.546  1.00 19.36 ? 115 THR A O   1 
ATOM   412  C CB  . THR A 1 52  ? -8.367  16.593  -7.965  1.00 22.02 ? 115 THR A CB  1 
ATOM   413  O OG1 . THR A 1 52  ? -7.502  17.652  -8.367  1.00 24.03 ? 115 THR A OG1 1 
ATOM   414  C CG2 . THR A 1 52  ? -7.689  15.754  -6.888  1.00 23.26 ? 115 THR A CG2 1 
ATOM   415  N N   . GLN A 1 53  ? -6.553  15.664  -10.265 1.00 18.44 ? 116 GLN A N   1 
ATOM   416  C CA  . GLN A 1 53  ? -5.273  15.095  -10.659 1.00 18.65 ? 116 GLN A CA  1 
ATOM   417  C C   . GLN A 1 53  ? -4.193  15.525  -9.668  1.00 17.98 ? 116 GLN A C   1 
ATOM   418  O O   . GLN A 1 53  ? -4.076  16.713  -9.346  1.00 19.57 ? 116 GLN A O   1 
ATOM   419  C CB  . GLN A 1 53  ? -4.876  15.562  -12.072 1.00 18.88 ? 116 GLN A CB  1 
ATOM   420  C CG  . GLN A 1 53  ? -5.880  15.242  -13.172 1.00 20.65 ? 116 GLN A CG  1 
ATOM   421  C CD  . GLN A 1 53  ? -5.773  13.818  -13.685 1.00 22.07 ? 116 GLN A CD  1 
ATOM   422  O OE1 . GLN A 1 53  ? -4.676  13.314  -13.918 1.00 23.65 ? 116 GLN A OE1 1 
ATOM   423  N NE2 . GLN A 1 53  ? -6.916  13.160  -13.860 1.00 22.13 ? 116 GLN A NE2 1 
ATOM   424  N N   . ARG A 1 54  ? -3.405  14.571  -9.189  1.00 16.68 ? 117 ARG A N   1 
ATOM   425  C CA  . ARG A 1 54  ? -2.276  14.871  -8.310  1.00 16.33 ? 117 ARG A CA  1 
ATOM   426  C C   . ARG A 1 54  ? -1.004  14.257  -8.868  1.00 16.36 ? 117 ARG A C   1 
ATOM   427  O O   . ARG A 1 54  ? -1.058  13.219  -9.515  1.00 15.85 ? 117 ARG A O   1 
ATOM   428  C CB  . ARG A 1 54  ? -2.548  14.382  -6.881  1.00 16.06 ? 117 ARG A CB  1 
ATOM   429  C CG  . ARG A 1 54  ? -3.492  15.301  -6.115  1.00 16.48 ? 117 ARG A CG  1 
ATOM   430  C CD  . ARG A 1 54  ? -3.800  14.829  -4.686  1.00 16.86 ? 117 ARG A CD  1 
ATOM   431  N NE  . ARG A 1 54  ? -4.742  15.759  -4.048  1.00 17.09 ? 117 ARG A NE  1 
ATOM   432  C CZ  . ARG A 1 54  ? -5.210  15.661  -2.802  1.00 17.06 ? 117 ARG A CZ  1 
ATOM   433  N NH1 . ARG A 1 54  ? -4.847  14.670  -1.999  1.00 16.59 ? 117 ARG A NH1 1 
ATOM   434  N NH2 . ARG A 1 54  ? -6.068  16.576  -2.358  1.00 18.07 ? 117 ARG A NH2 1 
ATOM   435  N N   . GLN A 1 55  ? 0.133   14.905  -8.610  1.00 16.11 ? 118 GLN A N   1 
ATOM   436  C CA  . GLN A 1 55  ? 1.405   14.425  -9.131  1.00 16.37 ? 118 GLN A CA  1 
ATOM   437  C C   . GLN A 1 55  ? 2.171   13.696  -8.022  1.00 14.95 ? 118 GLN A C   1 
ATOM   438  O O   . GLN A 1 55  ? 2.225   14.152  -6.866  1.00 14.52 ? 118 GLN A O   1 
ATOM   439  C CB  . GLN A 1 55  ? 2.219   15.575  -9.758  1.00 18.44 ? 118 GLN A CB  1 
ATOM   440  C CG  . GLN A 1 55  ? 1.585   16.114  -11.044 1.00 22.51 ? 118 GLN A CG  1 
ATOM   441  C CD  . GLN A 1 55  ? 2.539   16.931  -11.916 1.00 25.25 ? 118 GLN A CD  1 
ATOM   442  O OE1 . GLN A 1 55  ? 3.603   17.383  -11.468 1.00 26.37 ? 118 GLN A OE1 1 
ATOM   443  N NE2 . GLN A 1 55  ? 2.148   17.135  -13.179 1.00 27.01 ? 118 GLN A NE2 1 
ATOM   444  N N   . TYR A 1 56  ? 2.685   12.528  -8.363  1.00 14.25 ? 119 TYR A N   1 
ATOM   445  C CA  . TYR A 1 56  ? 3.445   11.700  -7.421  1.00 13.84 ? 119 TYR A CA  1 
ATOM   446  C C   . TYR A 1 56  ? 4.713   11.235  -8.101  1.00 14.34 ? 119 TYR A C   1 
ATOM   447  O O   . TYR A 1 56  ? 4.745   11.006  -9.313  1.00 14.22 ? 119 TYR A O   1 
ATOM   448  C CB  . TYR A 1 56  ? 2.635   10.469  -6.969  1.00 13.53 ? 119 TYR A CB  1 
ATOM   449  C CG  . TYR A 1 56  ? 1.276   10.793  -6.365  1.00 13.41 ? 119 TYR A CG  1 
ATOM   450  C CD1 . TYR A 1 56  ? 1.136   11.023  -4.988  1.00 13.42 ? 119 TYR A CD1 1 
ATOM   451  C CD2 . TYR A 1 56  ? 0.133   10.879  -7.175  1.00 13.59 ? 119 TYR A CD2 1 
ATOM   452  C CE1 . TYR A 1 56  ? -0.105  11.334  -4.432  1.00 13.09 ? 119 TYR A CE1 1 
ATOM   453  C CE2 . TYR A 1 56  ? -1.115  11.182  -6.632  1.00 13.19 ? 119 TYR A CE2 1 
ATOM   454  C CZ  . TYR A 1 56  ? -1.230  11.407  -5.267  1.00 13.35 ? 119 TYR A CZ  1 
ATOM   455  O OH  . TYR A 1 56  ? -2.463  11.708  -4.724  1.00 13.74 ? 119 TYR A OH  1 
ATOM   456  N N   . VAL A 1 57  ? 5.757   11.034  -7.310  1.00 14.98 ? 120 VAL A N   1 
ATOM   457  C CA  . VAL A 1 57  ? 6.959   10.446  -7.846  1.00 15.47 ? 120 VAL A CA  1 
ATOM   458  C C   . VAL A 1 57  ? 6.833   8.927   -7.848  1.00 16.08 ? 120 VAL A C   1 
ATOM   459  O O   . VAL A 1 57  ? 6.775   8.307   -6.780  1.00 15.75 ? 120 VAL A O   1 
ATOM   460  C CB  . VAL A 1 57  ? 8.196   10.838  -7.013  1.00 16.39 ? 120 VAL A CB  1 
ATOM   461  C CG1 . VAL A 1 57  ? 9.418   10.109  -7.551  1.00 17.03 ? 120 VAL A CG1 1 
ATOM   462  C CG2 . VAL A 1 57  ? 8.398   12.344  -7.065  1.00 16.80 ? 120 VAL A CG2 1 
ATOM   463  N N   . LEU A 1 58  ? 6.798   8.333   -9.039  1.00 15.27 ? 121 LEU A N   1 
ATOM   464  C CA  . LEU A 1 58  ? 6.661   6.885   -9.163  1.00 16.58 ? 121 LEU A CA  1 
ATOM   465  C C   . LEU A 1 58  ? 7.653   6.339   -10.186 1.00 16.64 ? 121 LEU A C   1 
ATOM   466  O O   . LEU A 1 58  ? 7.775   6.886   -11.281 1.00 16.43 ? 121 LEU A O   1 
ATOM   467  C CB  . LEU A 1 58  ? 5.233   6.515   -9.576  1.00 17.07 ? 121 LEU A CB  1 
ATOM   468  C CG  . LEU A 1 58  ? 4.117   6.842   -8.572  1.00 17.40 ? 121 LEU A CG  1 
ATOM   469  C CD1 . LEU A 1 58  ? 2.790   6.513   -9.226  1.00 18.65 ? 121 LEU A CD1 1 
ATOM   470  C CD2 . LEU A 1 58  ? 4.304   6.060   -7.275  1.00 19.02 ? 121 LEU A CD2 1 
ATOM   471  N N   . ASP A 1 59  ? 8.346   5.257   -9.825  1.00 16.93 ? 122 ASP A N   1 
ATOM   472  C CA  . ASP A 1 59  ? 9.319   4.615   -10.708 1.00 17.04 ? 122 ASP A CA  1 
ATOM   473  C C   . ASP A 1 59  ? 10.329  5.631   -11.233 1.00 17.54 ? 122 ASP A C   1 
ATOM   474  O O   . ASP A 1 59  ? 10.773  5.529   -12.378 1.00 18.24 ? 122 ASP A O   1 
ATOM   475  C CB  . ASP A 1 59  ? 8.608   3.923   -11.885 1.00 19.65 ? 122 ASP A CB  1 
ATOM   476  C CG  . ASP A 1 59  ? 9.434   2.799   -12.513 1.00 21.02 ? 122 ASP A CG  1 
ATOM   477  O OD1 . ASP A 1 59  ? 10.466  2.364   -11.928 1.00 20.13 ? 122 ASP A OD1 1 
ATOM   478  O OD2 . ASP A 1 59  ? 9.042   2.360   -13.620 1.00 23.06 ? 122 ASP A OD2 1 
ATOM   479  N N   . GLY A 1 60  ? 10.645  6.620   -10.405 1.00 16.87 ? 123 GLY A N   1 
ATOM   480  C CA  . GLY A 1 60  ? 11.769  7.509   -10.643 1.00 17.64 ? 123 GLY A CA  1 
ATOM   481  C C   . GLY A 1 60  ? 11.420  8.811   -11.330 1.00 17.64 ? 123 GLY A C   1 
ATOM   482  O O   . GLY A 1 60  ? 12.303  9.622   -11.567 1.00 16.74 ? 123 GLY A O   1 
ATOM   483  N N   . GLN A 1 61  ? 10.141  9.006   -11.654 1.00 18.22 ? 124 GLN A N   1 
ATOM   484  C CA  . GLN A 1 61  ? 9.702   10.214  -12.364 1.00 18.40 ? 124 GLN A CA  1 
ATOM   485  C C   . GLN A 1 61  ? 8.339   10.721  -11.899 1.00 18.53 ? 124 GLN A C   1 
ATOM   486  O O   . GLN A 1 61  ? 7.557   9.975   -11.289 1.00 17.85 ? 124 GLN A O   1 
ATOM   487  C CB  . GLN A 1 61  ? 9.665   9.953   -13.871 1.00 19.61 ? 124 GLN A CB  1 
ATOM   488  C CG  . GLN A 1 61  ? 8.695   8.852   -14.281 1.00 21.48 ? 124 GLN A CG  1 
ATOM   489  C CD  . GLN A 1 61  ? 8.890   8.429   -15.723 1.00 23.53 ? 124 GLN A CD  1 
ATOM   490  O OE1 . GLN A 1 61  ? 8.005   8.603   -16.554 1.00 23.96 ? 124 GLN A OE1 1 
ATOM   491  N NE2 . GLN A 1 61  ? 10.064  7.886   -16.028 1.00 24.57 ? 124 GLN A NE2 1 
ATOM   492  N N   . ASN A 1 62  ? 8.049   11.989  -12.192 1.00 18.31 ? 125 ASN A N   1 
ATOM   493  C CA  . ASN A 1 62  ? 6.755   12.559  -11.814 1.00 18.48 ? 125 ASN A CA  1 
ATOM   494  C C   . ASN A 1 62  ? 5.638   11.968  -12.675 1.00 17.63 ? 125 ASN A C   1 
ATOM   495  O O   . ASN A 1 62  ? 5.768   11.848  -13.891 1.00 17.48 ? 125 ASN A O   1 
ATOM   496  C CB  . ASN A 1 62  ? 6.777   14.093  -11.931 1.00 22.10 ? 125 ASN A CB  1 
ATOM   497  C CG  . ASN A 1 62  ? 6.283   14.792  -10.664 1.00 25.91 ? 125 ASN A CG  1 
ATOM   498  O OD1 . ASN A 1 62  ? 5.607   14.196  -9.821  1.00 29.90 ? 125 ASN A OD1 1 
ATOM   499  N ND2 . ASN A 1 62  ? 6.621   16.075  -10.528 1.00 27.73 ? 125 ASN A ND2 1 
ATOM   500  N N   . VAL A 1 63  ? 4.541   11.586  -12.030 1.00 16.12 ? 126 VAL A N   1 
ATOM   501  C CA  . VAL A 1 63  ? 3.423   10.949  -12.705 1.00 16.01 ? 126 VAL A CA  1 
ATOM   502  C C   . VAL A 1 63  ? 2.137   11.588  -12.200 1.00 16.36 ? 126 VAL A C   1 
ATOM   503  O O   . VAL A 1 63  ? 1.936   11.718  -10.982 1.00 15.46 ? 126 VAL A O   1 
ATOM   504  C CB  . VAL A 1 63  ? 3.359   9.428   -12.402 1.00 16.24 ? 126 VAL A CB  1 
ATOM   505  C CG1 . VAL A 1 63  ? 2.182   8.799   -13.130 1.00 16.66 ? 126 VAL A CG1 1 
ATOM   506  C CG2 . VAL A 1 63  ? 4.663   8.719   -12.785 1.00 16.92 ? 126 VAL A CG2 1 
ATOM   507  N N   . GLN A 1 64  ? 1.277   11.999  -13.131 1.00 16.74 ? 127 GLN A N   1 
ATOM   508  C CA  . GLN A 1 64  ? -0.017  12.549  -12.768 1.00 17.57 ? 127 GLN A CA  1 
ATOM   509  C C   . GLN A 1 64  ? -1.048  11.430  -12.654 1.00 16.73 ? 127 GLN A C   1 
ATOM   510  O O   . GLN A 1 64  ? -1.195  10.610  -13.570 1.00 17.08 ? 127 GLN A O   1 
ATOM   511  C CB  . GLN A 1 64  ? -0.445  13.546  -13.835 1.00 20.72 ? 127 GLN A CB  1 
ATOM   512  C CG  . GLN A 1 64  ? -1.581  14.462  -13.466 1.00 24.61 ? 127 GLN A CG  1 
ATOM   513  C CD  . GLN A 1 64  ? -1.851  15.418  -14.608 1.00 27.76 ? 127 GLN A CD  1 
ATOM   514  O OE1 . GLN A 1 64  ? -0.997  16.241  -14.955 1.00 29.94 ? 127 GLN A OE1 1 
ATOM   515  N NE2 . GLN A 1 64  ? -3.016  15.284  -15.234 1.00 29.81 ? 127 GLN A NE2 1 
ATOM   516  N N   . LEU A 1 65  ? -1.765  11.398  -11.536 1.00 16.67 ? 128 LEU A N   1 
ATOM   517  C CA  . LEU A 1 65  ? -2.784  10.361  -11.300 1.00 16.07 ? 128 LEU A CA  1 
ATOM   518  C C   . LEU A 1 65  ? -4.122  10.993  -10.924 1.00 16.83 ? 128 LEU A C   1 
ATOM   519  O O   . LEU A 1 65  ? -4.154  11.973  -10.186 1.00 16.67 ? 128 LEU A O   1 
ATOM   520  C CB  . LEU A 1 65  ? -2.346  9.397   -10.165 1.00 15.87 ? 128 LEU A CB  1 
ATOM   521  C CG  . LEU A 1 65  ? -1.094  8.514   -10.347 1.00 16.63 ? 128 LEU A CG  1 
ATOM   522  C CD1 . LEU A 1 65  ? -0.857  7.641   -9.104  1.00 16.76 ? 128 LEU A CD1 1 
ATOM   523  C CD2 . LEU A 1 65  ? -1.194  7.640   -11.596 1.00 16.20 ? 128 LEU A CD2 1 
ATOM   524  N N   . HIS A 1 66  ? -5.215  10.394  -11.396 1.00 16.95 ? 129 HIS A N   1 
ATOM   525  C CA  . HIS A 1 66  ? -6.564  10.775  -10.937 1.00 17.49 ? 129 HIS A CA  1 
ATOM   526  C C   . HIS A 1 66  ? -6.829  10.197  -9.551  1.00 16.30 ? 129 HIS A C   1 
ATOM   527  O O   . HIS A 1 66  ? -6.635  9.020   -9.343  1.00 15.93 ? 129 HIS A O   1 
ATOM   528  C CB  . HIS A 1 66  ? -7.667  10.239  -11.864 1.00 18.50 ? 129 HIS A CB  1 
ATOM   529  C CG  . HIS A 1 66  ? -9.042  10.358  -11.272 1.00 19.44 ? 129 HIS A CG  1 
ATOM   530  N ND1 . HIS A 1 66  ? -9.728  11.555  -11.216 1.00 20.06 ? 129 HIS A ND1 1 
ATOM   531  C CD2 . HIS A 1 66  ? -9.842  9.439   -10.679 1.00 21.17 ? 129 HIS A CD2 1 
ATOM   532  C CE1 . HIS A 1 66  ? -10.893 11.366  -10.623 1.00 20.16 ? 129 HIS A CE1 1 
ATOM   533  N NE2 . HIS A 1 66  ? -10.983 10.096  -10.273 1.00 21.70 ? 129 HIS A NE2 1 
ATOM   534  N N   . VAL A 1 67  ? -7.288  11.029  -8.618  1.00 15.81 ? 130 VAL A N   1 
ATOM   535  C CA  . VAL A 1 67  ? -7.716  10.548  -7.301  1.00 15.61 ? 130 VAL A CA  1 
ATOM   536  C C   . VAL A 1 67  ? -9.032  11.231  -6.878  1.00 16.36 ? 130 VAL A C   1 
ATOM   537  O O   . VAL A 1 67  ? -9.390  12.297  -7.390  1.00 17.23 ? 130 VAL A O   1 
ATOM   538  C CB  . VAL A 1 67  ? -6.627  10.777  -6.194  1.00 15.18 ? 130 VAL A CB  1 
ATOM   539  C CG1 . VAL A 1 67  ? -5.337  10.032  -6.527  1.00 14.94 ? 130 VAL A CG1 1 
ATOM   540  C CG2 . VAL A 1 67  ? -6.302  12.260  -6.040  1.00 15.50 ? 130 VAL A CG2 1 
ATOM   541  N N   . SER A 1 68  ? -9.728  10.609  -5.930  1.00 16.52 ? 131 SER A N   1 
ATOM   542  C CA  . SER A 1 68  ? -10.867 11.227  -5.251  1.00 17.92 ? 131 SER A CA  1 
ATOM   543  C C   . SER A 1 68  ? -11.120 10.485  -3.942  1.00 17.33 ? 131 SER A C   1 
ATOM   544  O O   . SER A 1 68  ? -10.656 9.347   -3.765  1.00 16.92 ? 131 SER A O   1 
ATOM   545  C CB  . SER A 1 68  ? -12.118 11.190  -6.138  1.00 19.58 ? 131 SER A CB  1 
ATOM   546  O OG  . SER A 1 68  ? -12.581 9.866   -6.278  1.00 22.11 ? 131 SER A OG  1 
ATOM   547  N N   . ASN A 1 69  ? -11.835 11.125  -3.020  1.00 17.46 ? 132 ASN A N   1 
ATOM   548  C CA  . ASN A 1 69  ? -12.275 10.462  -1.794  1.00 17.99 ? 132 ASN A CA  1 
ATOM   549  C C   . ASN A 1 69  ? -13.601 11.078  -1.358  1.00 20.18 ? 132 ASN A C   1 
ATOM   550  O O   . ASN A 1 69  ? -13.621 12.206  -0.849  1.00 20.12 ? 132 ASN A O   1 
ATOM   551  C CB  . ASN A 1 69  ? -11.218 10.594  -0.687  1.00 17.41 ? 132 ASN A CB  1 
ATOM   552  C CG  . ASN A 1 69  ? -11.624 9.893   0.609   1.00 16.68 ? 132 ASN A CG  1 
ATOM   553  O OD1 . ASN A 1 69  ? -12.634 9.185   0.666   1.00 17.55 ? 132 ASN A OD1 1 
ATOM   554  N ND2 . ASN A 1 69  ? -10.819 10.070  1.652   1.00 16.14 ? 132 ASN A ND2 1 
ATOM   555  N N   . ASP A 1 70  ? -14.691 10.345  -1.596  1.00 20.96 ? 133 ASP A N   1 
ATOM   556  C CA  . ASP A 1 70  ? -16.046 10.812  -1.274  1.00 24.03 ? 133 ASP A CA  1 
ATOM   557  C C   . ASP A 1 70  ? -16.358 10.821  0.223   1.00 22.83 ? 133 ASP A C   1 
ATOM   558  O O   . ASP A 1 70  ? -17.375 11.394  0.629   1.00 23.08 ? 133 ASP A O   1 
ATOM   559  C CB  . ASP A 1 70  ? -17.122 9.970   -1.990  1.00 27.46 ? 133 ASP A CB  1 
ATOM   560  C CG  . ASP A 1 70  ? -17.075 10.096  -3.510  1.00 32.07 ? 133 ASP A CG  1 
ATOM   561  O OD1 . ASP A 1 70  ? -16.415 11.020  -4.035  1.00 35.85 ? 133 ASP A OD1 1 
ATOM   562  O OD2 . ASP A 1 70  ? -17.709 9.253   -4.193  1.00 35.68 ? 133 ASP A OD2 1 
ATOM   563  N N   . SER A 1 71  ? -15.530 10.185  1.046   1.00 20.58 ? 134 SER A N   1 
ATOM   564  C CA  . SER A 1 71  ? -15.829 10.111  2.487   1.00 20.28 ? 134 SER A CA  1 
ATOM   565  C C   . SER A 1 71  ? -15.533 11.421  3.202   1.00 20.86 ? 134 SER A C   1 
ATOM   566  O O   . SER A 1 71  ? -14.562 12.104  2.868   1.00 19.73 ? 134 SER A O   1 
ATOM   567  C CB  . SER A 1 71  ? -15.050 8.977   3.162   1.00 19.45 ? 134 SER A CB  1 
ATOM   568  O OG  . SER A 1 71  ? -15.387 8.854   4.547   1.00 19.76 ? 134 SER A OG  1 
ATOM   569  N N   . SER A 1 72  ? -16.375 11.756  4.190   1.00 21.72 ? 135 SER A N   1 
ATOM   570  C CA  A SER A 1 72  ? -16.152 12.933  5.026   0.50 22.30 ? 135 SER A CA  1 
ATOM   571  C CA  B SER A 1 72  ? -16.157 12.933  5.032   0.50 22.76 ? 135 SER A CA  1 
ATOM   572  C C   . SER A 1 72  ? -15.305 12.592  6.245   1.00 22.98 ? 135 SER A C   1 
ATOM   573  O O   . SER A 1 72  ? -14.778 13.480  6.904   1.00 24.46 ? 135 SER A O   1 
ATOM   574  C CB  A SER A 1 72  ? -17.487 13.554  5.469   0.50 21.91 ? 135 SER A CB  1 
ATOM   575  C CB  B SER A 1 72  ? -17.491 13.529  5.502   0.50 22.97 ? 135 SER A CB  1 
ATOM   576  O OG  A SER A 1 72  ? -18.182 12.702  6.367   0.50 21.19 ? 135 SER A OG  1 
ATOM   577  O OG  B SER A 1 72  ? -18.308 13.903  4.410   0.50 23.76 ? 135 SER A OG  1 
ATOM   578  N N   . THR A 1 73  ? -15.168 11.304  6.541   1.00 23.21 ? 136 THR A N   1 
ATOM   579  C CA  . THR A 1 73  ? -14.555 10.880  7.792   1.00 24.06 ? 136 THR A CA  1 
ATOM   580  C C   . THR A 1 73  ? -13.364 9.934   7.638   1.00 24.37 ? 136 THR A C   1 
ATOM   581  O O   . THR A 1 73  ? -12.468 9.920   8.489   1.00 27.96 ? 136 THR A O   1 
ATOM   582  C CB  . THR A 1 73  ? -15.597 10.231  8.729   1.00 24.91 ? 136 THR A CB  1 
ATOM   583  O OG1 . THR A 1 73  ? -16.165 9.088   8.089   1.00 26.31 ? 136 THR A OG1 1 
ATOM   584  C CG2 . THR A 1 73  ? -16.732 11.209  9.062   1.00 26.07 ? 136 THR A CG2 1 
ATOM   585  N N   . SER A 1 74  ? -13.344 9.132   6.576   1.00 20.94 ? 137 SER A N   1 
ATOM   586  C CA  . SER A 1 74  ? -12.217 8.219   6.390   1.00 19.00 ? 137 SER A CA  1 
ATOM   587  C C   . SER A 1 74  ? -11.244 8.741   5.354   1.00 17.40 ? 137 SER A C   1 
ATOM   588  O O   . SER A 1 74  ? -11.641 9.387   4.377   1.00 16.98 ? 137 SER A O   1 
ATOM   589  C CB  . SER A 1 74  ? -12.690 6.816   6.005   1.00 18.82 ? 137 SER A CB  1 
ATOM   590  O OG  . SER A 1 74  ? -13.222 6.121   7.124   1.00 21.17 ? 137 SER A OG  1 
ATOM   591  N N   . TRP A 1 75  ? -9.966  8.449   5.586   1.00 16.29 ? 138 TRP A N   1 
ATOM   592  C CA  . TRP A 1 75  ? -8.917  8.678   4.596   1.00 15.23 ? 138 TRP A CA  1 
ATOM   593  C C   . TRP A 1 75  ? -8.975  7.508   3.606   1.00 14.40 ? 138 TRP A C   1 
ATOM   594  O O   . TRP A 1 75  ? -9.615  6.489   3.874   1.00 14.89 ? 138 TRP A O   1 
ATOM   595  C CB  . TRP A 1 75  ? -7.549  8.735   5.294   1.00 15.24 ? 138 TRP A CB  1 
ATOM   596  C CG  . TRP A 1 75  ? -7.368  9.963   6.168   1.00 15.66 ? 138 TRP A CG  1 
ATOM   597  C CD1 . TRP A 1 75  ? -8.146  10.348  7.240   1.00 16.48 ? 138 TRP A CD1 1 
ATOM   598  C CD2 . TRP A 1 75  ? -6.358  10.969  6.023   1.00 16.59 ? 138 TRP A CD2 1 
ATOM   599  N NE1 . TRP A 1 75  ? -7.664  11.532  7.774   1.00 17.33 ? 138 TRP A NE1 1 
ATOM   600  C CE2 . TRP A 1 75  ? -6.567  11.931  7.048   1.00 17.08 ? 138 TRP A CE2 1 
ATOM   601  C CE3 . TRP A 1 75  ? -5.271  11.137  5.153   1.00 15.90 ? 138 TRP A CE3 1 
ATOM   602  C CZ2 . TRP A 1 75  ? -5.733  13.049  7.207   1.00 17.41 ? 138 TRP A CZ2 1 
ATOM   603  C CZ3 . TRP A 1 75  ? -4.444  12.262  5.309   1.00 16.83 ? 138 TRP A CZ3 1 
ATOM   604  C CH2 . TRP A 1 75  ? -4.682  13.197  6.334   1.00 17.50 ? 138 TRP A CH2 1 
ATOM   605  N N   . LYS A 1 76  ? -8.299  7.633   2.474   1.00 13.67 ? 139 LYS A N   1 
ATOM   606  C CA  . LYS A 1 76  ? -8.402  6.587   1.452   1.00 14.08 ? 139 LYS A CA  1 
ATOM   607  C C   . LYS A 1 76  ? -7.034  6.260   0.881   1.00 13.20 ? 139 LYS A C   1 
ATOM   608  O O   . LYS A 1 76  ? -6.354  7.134   0.333   1.00 13.15 ? 139 LYS A O   1 
ATOM   609  C CB  . LYS A 1 76  ? -9.343  7.043   0.353   1.00 14.64 ? 139 LYS A CB  1 
ATOM   610  C CG  . LYS A 1 76  ? -9.716  6.018   -0.707  1.00 16.67 ? 139 LYS A CG  1 
ATOM   611  C CD  . LYS A 1 76  ? -10.673 6.712   -1.683  1.00 17.11 ? 139 LYS A CD  1 
ATOM   612  C CE  . LYS A 1 76  ? -10.922 5.933   -2.961  1.00 18.85 ? 139 LYS A CE  1 
ATOM   613  N NZ  . LYS A 1 76  ? -11.889 6.639   -3.865  1.00 18.46 ? 139 LYS A NZ  1 
ATOM   614  N N   . PHE A 1 77  ? -6.622  5.006   1.043   1.00 13.40 ? 140 PHE A N   1 
ATOM   615  C CA  . PHE A 1 77  ? -5.433  4.513   0.340   1.00 13.31 ? 140 PHE A CA  1 
ATOM   616  C C   . PHE A 1 77  ? -5.867  3.945   -1.007  1.00 13.37 ? 140 PHE A C   1 
ATOM   617  O O   . PHE A 1 77  ? -6.838  3.204   -1.080  1.00 14.40 ? 140 PHE A O   1 
ATOM   618  C CB  . PHE A 1 77  ? -4.749  3.385   1.109   1.00 13.58 ? 140 PHE A CB  1 
ATOM   619  C CG  . PHE A 1 77  ? -4.114  3.798   2.408   1.00 13.92 ? 140 PHE A CG  1 
ATOM   620  C CD1 . PHE A 1 77  ? -2.785  4.211   2.457   1.00 13.53 ? 140 PHE A CD1 1 
ATOM   621  C CD2 . PHE A 1 77  ? -4.835  3.713   3.598   1.00 14.13 ? 140 PHE A CD2 1 
ATOM   622  C CE1 . PHE A 1 77  ? -2.189  4.547   3.662   1.00 14.09 ? 140 PHE A CE1 1 
ATOM   623  C CE2 . PHE A 1 77  ? -4.256  4.066   4.807   1.00 13.63 ? 140 PHE A CE2 1 
ATOM   624  C CZ  . PHE A 1 77  ? -2.928  4.475   4.840   1.00 13.88 ? 140 PHE A CZ  1 
ATOM   625  N N   . ILE A 1 78  ? -5.119  4.266   -2.050  1.00 13.07 ? 141 ILE A N   1 
ATOM   626  C CA  . ILE A 1 78  ? -5.441  3.794   -3.388  1.00 13.69 ? 141 ILE A CA  1 
ATOM   627  C C   . ILE A 1 78  ? -4.225  3.068   -3.930  1.00 13.83 ? 141 ILE A C   1 
ATOM   628  O O   . ILE A 1 78  ? -3.112  3.610   -3.917  1.00 13.68 ? 141 ILE A O   1 
ATOM   629  C CB  . ILE A 1 78  ? -5.809  4.949   -4.344  1.00 13.74 ? 141 ILE A CB  1 
ATOM   630  C CG1 . ILE A 1 78  ? -6.918  5.830   -3.724  1.00 14.61 ? 141 ILE A CG1 1 
ATOM   631  C CG2 . ILE A 1 78  ? -6.268  4.374   -5.691  1.00 13.91 ? 141 ILE A CG2 1 
ATOM   632  C CD1 . ILE A 1 78  ? -7.229  7.105   -4.486  1.00 15.65 ? 141 ILE A CD1 1 
ATOM   633  N N   . LEU A 1 79  ? -4.462  1.854   -4.408  1.00 13.53 ? 142 LEU A N   1 
ATOM   634  C CA  . LEU A 1 79  ? -3.428  1.033   -5.027  1.00 13.50 ? 142 LEU A CA  1 
ATOM   635  C C   . LEU A 1 79  ? -3.539  1.175   -6.547  1.00 13.22 ? 142 LEU A C   1 
ATOM   636  O O   . LEU A 1 79  ? -4.646  1.026   -7.108  1.00 13.47 ? 142 LEU A O   1 
ATOM   637  C CB  . LEU A 1 79  ? -3.634  -0.421  -4.622  1.00 13.73 ? 142 LEU A CB  1 
ATOM   638  C CG  . LEU A 1 79  ? -2.644  -1.439  -5.197  1.00 14.38 ? 142 LEU A CG  1 
ATOM   639  C CD1 . LEU A 1 79  ? -1.232  -1.139  -4.729  1.00 15.86 ? 142 LEU A CD1 1 
ATOM   640  C CD2 . LEU A 1 79  ? -3.062  -2.846  -4.764  1.00 15.44 ? 142 LEU A CD2 1 
ATOM   641  N N   . PHE A 1 80  ? -2.412  1.505   -7.190  1.00 12.39 ? 143 PHE A N   1 
ATOM   642  C CA  . PHE A 1 80  ? -2.306  1.590   -8.654  1.00 12.51 ? 143 PHE A CA  1 
ATOM   643  C C   . PHE A 1 80  ? -1.317  0.534   -9.114  1.00 12.52 ? 143 PHE A C   1 
ATOM   644  O O   . PHE A 1 80  ? -0.349  0.240   -8.410  1.00 12.00 ? 143 PHE A O   1 
ATOM   645  C CB  . PHE A 1 80  ? -1.743  2.956   -9.077  1.00 13.35 ? 143 PHE A CB  1 
ATOM   646  C CG  . PHE A 1 80  ? -2.678  4.114   -8.833  1.00 13.47 ? 143 PHE A CG  1 
ATOM   647  C CD1 . PHE A 1 80  ? -3.437  4.646   -9.873  1.00 14.29 ? 143 PHE A CD1 1 
ATOM   648  C CD2 . PHE A 1 80  ? -2.795  4.682   -7.553  1.00 14.05 ? 143 PHE A CD2 1 
ATOM   649  C CE1 . PHE A 1 80  ? -4.305  5.717   -9.648  1.00 13.93 ? 143 PHE A CE1 1 
ATOM   650  C CE2 . PHE A 1 80  ? -3.644  5.756   -7.328  1.00 14.04 ? 143 PHE A CE2 1 
ATOM   651  C CZ  . PHE A 1 80  ? -4.406  6.268   -8.375  1.00 14.16 ? 143 PHE A CZ  1 
ATOM   652  N N   . ILE A 1 81  ? -1.549  -0.012  -10.307 1.00 12.52 ? 144 ILE A N   1 
ATOM   653  C CA  . ILE A 1 81  ? -0.684  -1.047  -10.864 1.00 12.52 ? 144 ILE A CA  1 
ATOM   654  C C   . ILE A 1 81  ? -0.403  -0.733  -12.322 1.00 12.85 ? 144 ILE A C   1 
ATOM   655  O O   . ILE A 1 81  ? -1.289  -0.241  -13.045 1.00 12.77 ? 144 ILE A O   1 
ATOM   656  C CB  . ILE A 1 81  ? -1.329  -2.454  -10.753 1.00 13.48 ? 144 ILE A CB  1 
ATOM   657  C CG1 . ILE A 1 81  ? -1.703  -2.766  -9.299  1.00 13.97 ? 144 ILE A CG1 1 
ATOM   658  C CG2 . ILE A 1 81  ? -0.395  -3.536  -11.318 1.00 13.60 ? 144 ILE A CG2 1 
ATOM   659  C CD1 . ILE A 1 81  ? -2.105  -4.200  -9.032  1.00 15.20 ? 144 ILE A CD1 1 
ATOM   660  N N   . LYS A 1 82  ? 0.829   -0.990  -12.740 1.00 12.95 ? 145 LYS A N   1 
ATOM   661  C CA  . LYS A 1 82  ? 1.146   -1.087  -14.167 1.00 14.04 ? 145 LYS A CA  1 
ATOM   662  C C   . LYS A 1 82  ? 1.856   -2.420  -14.415 1.00 14.53 ? 145 LYS A C   1 
ATOM   663  O O   . LYS A 1 82  ? 2.528   -2.954  -13.511 1.00 14.05 ? 145 LYS A O   1 
ATOM   664  C CB  . LYS A 1 82  ? 1.949   0.115   -14.668 1.00 14.96 ? 145 LYS A CB  1 
ATOM   665  C CG  . LYS A 1 82  ? 3.397   0.170   -14.237 1.00 16.03 ? 145 LYS A CG  1 
ATOM   666  C CD  . LYS A 1 82  ? 4.187   1.275   -14.941 1.00 16.73 ? 145 LYS A CD  1 
ATOM   667  C CE  . LYS A 1 82  ? 5.554   1.339   -14.275 1.00 16.64 ? 145 LYS A CE  1 
ATOM   668  N NZ  . LYS A 1 82  ? 6.463   2.404   -14.775 1.00 18.44 ? 145 LYS A NZ  1 
ATOM   669  N N   . LEU A 1 83  ? 1.690   -2.961  -15.621 1.00 14.70 ? 146 LEU A N   1 
ATOM   670  C CA  . LEU A 1 83  ? 2.076   -4.352  -15.896 1.00 15.52 ? 146 LEU A CA  1 
ATOM   671  C C   . LEU A 1 83  ? 3.257   -4.463  -16.861 1.00 16.42 ? 146 LEU A C   1 
ATOM   672  O O   . LEU A 1 83  ? 3.691   -5.565  -17.190 1.00 16.91 ? 146 LEU A O   1 
ATOM   673  C CB  . LEU A 1 83  ? 0.860   -5.156  -16.410 1.00 16.39 ? 146 LEU A CB  1 
ATOM   674  C CG  . LEU A 1 83  ? -0.368  -5.271  -15.501 1.00 17.21 ? 146 LEU A CG  1 
ATOM   675  C CD1 . LEU A 1 83  ? -1.479  -6.112  -16.135 1.00 18.62 ? 146 LEU A CD1 1 
ATOM   676  C CD2 . LEU A 1 83  ? 0.026   -5.868  -14.166 1.00 16.75 ? 146 LEU A CD2 1 
ATOM   677  N N   . THR A 1 84  ? 3.769   -3.314  -17.288 1.00 16.31 ? 147 THR A N   1 
ATOM   678  C CA  . THR A 1 84  ? 4.907   -3.220  -18.189 1.00 17.26 ? 147 THR A CA  1 
ATOM   679  C C   . THR A 1 84  ? 5.763   -2.036  -17.751 1.00 18.13 ? 147 THR A C   1 
ATOM   680  O O   . THR A 1 84  ? 5.227   -1.037  -17.245 1.00 17.95 ? 147 THR A O   1 
ATOM   681  C CB  . THR A 1 84  ? 4.453   -3.000  -19.649 1.00 18.17 ? 147 THR A CB  1 
ATOM   682  O OG1 . THR A 1 84  ? 3.704   -1.776  -19.722 1.00 17.26 ? 147 THR A OG1 1 
ATOM   683  C CG2 . THR A 1 84  ? 3.622   -4.167  -20.142 1.00 17.27 ? 147 THR A CG2 1 
ATOM   684  N N   . PRO A 1 85  ? 7.094   -2.121  -17.957 1.00 18.95 ? 148 PRO A N   1 
ATOM   685  C CA  . PRO A 1 85  ? 8.000   -1.096  -17.417 1.00 19.78 ? 148 PRO A CA  1 
ATOM   686  C C   . PRO A 1 85  ? 7.674   0.314   -17.904 1.00 20.97 ? 148 PRO A C   1 
ATOM   687  O O   . PRO A 1 85  ? 7.842   1.273   -17.156 1.00 20.54 ? 148 PRO A O   1 
ATOM   688  C CB  . PRO A 1 85  ? 9.395   -1.538  -17.887 1.00 20.11 ? 148 PRO A CB  1 
ATOM   689  C CG  . PRO A 1 85  ? 9.180   -2.639  -18.879 1.00 21.24 ? 148 PRO A CG  1 
ATOM   690  C CD  . PRO A 1 85  ? 7.816   -3.218  -18.630 1.00 19.54 ? 148 PRO A CD  1 
ATOM   691  N N   . ASP A 1 86  ? 7.173   0.420   -19.127 1.00 22.66 ? 149 ASP A N   1 
ATOM   692  C CA  . ASP A 1 86  ? 6.828   1.721   -19.698 1.00 24.88 ? 149 ASP A CA  1 
ATOM   693  C C   . ASP A 1 86  ? 5.332   1.933   -19.876 1.00 23.40 ? 149 ASP A C   1 
ATOM   694  O O   . ASP A 1 86  ? 4.913   2.791   -20.644 1.00 23.86 ? 149 ASP A O   1 
ATOM   695  C CB  . ASP A 1 86  ? 7.552   1.935   -21.034 1.00 29.21 ? 149 ASP A CB  1 
ATOM   696  C CG  . ASP A 1 86  ? 9.008   2.344   -20.853 1.00 33.67 ? 149 ASP A CG  1 
ATOM   697  O OD1 . ASP A 1 86  ? 9.439   2.604   -19.705 1.00 35.42 ? 149 ASP A OD1 1 
ATOM   698  O OD2 . ASP A 1 86  ? 9.732   2.407   -21.871 1.00 40.42 ? 149 ASP A OD2 1 
ATOM   699  N N   . GLY A 1 87  ? 4.532   1.155   -19.156 1.00 21.19 ? 150 GLY A N   1 
ATOM   700  C CA  . GLY A 1 87  ? 3.087   1.311   -19.177 1.00 17.79 ? 150 GLY A CA  1 
ATOM   701  C C   . GLY A 1 87  ? 2.560   2.470   -18.347 1.00 16.87 ? 150 GLY A C   1 
ATOM   702  O O   . GLY A 1 87  ? 3.269   3.441   -18.062 1.00 16.81 ? 150 GLY A O   1 
ATOM   703  N N   . THR A 1 88  ? 1.299   2.336   -17.956 1.00 15.60 ? 151 THR A N   1 
ATOM   704  C CA  . THR A 1 88  ? 0.534   3.379   -17.318 1.00 14.46 ? 151 THR A CA  1 
ATOM   705  C C   . THR A 1 88  ? -0.101  2.833   -16.037 1.00 14.16 ? 151 THR A C   1 
ATOM   706  O O   . THR A 1 88  ? -0.815  1.817   -16.067 1.00 13.65 ? 151 THR A O   1 
ATOM   707  C CB  . THR A 1 88  ? -0.535  3.924   -18.298 1.00 14.65 ? 151 THR A CB  1 
ATOM   708  O OG1 . THR A 1 88  ? 0.144   4.440   -19.453 1.00 15.80 ? 151 THR A OG1 1 
ATOM   709  C CG2 . THR A 1 88  ? -1.318  5.044   -17.652 1.00 15.38 ? 151 THR A CG2 1 
ATOM   710  N N   . TYR A 1 89  ? 0.185   3.493   -14.910 1.00 13.84 ? 152 TYR A N   1 
ATOM   711  C CA  . TYR A 1 89  ? -0.444  3.129   -13.640 1.00 13.46 ? 152 TYR A CA  1 
ATOM   712  C C   . TYR A 1 89  ? -1.940  3.383   -13.744 1.00 14.52 ? 152 TYR A C   1 
ATOM   713  O O   . TYR A 1 89  ? -2.361  4.444   -14.227 1.00 14.73 ? 152 TYR A O   1 
ATOM   714  C CB  . TYR A 1 89  ? 0.118   3.959   -12.472 1.00 13.45 ? 152 TYR A CB  1 
ATOM   715  C CG  . TYR A 1 89  ? 1.537   3.604   -12.062 1.00 13.39 ? 152 TYR A CG  1 
ATOM   716  C CD1 . TYR A 1 89  ? 1.783   2.569   -11.155 1.00 13.41 ? 152 TYR A CD1 1 
ATOM   717  C CD2 . TYR A 1 89  ? 2.620   4.321   -12.561 1.00 13.59 ? 152 TYR A CD2 1 
ATOM   718  C CE1 . TYR A 1 89  ? 3.085   2.252   -10.750 1.00 13.56 ? 152 TYR A CE1 1 
ATOM   719  C CE2 . TYR A 1 89  ? 3.927   4.004   -12.184 1.00 13.40 ? 152 TYR A CE2 1 
ATOM   720  C CZ  . TYR A 1 89  ? 4.150   2.971   -11.280 1.00 13.55 ? 152 TYR A CZ  1 
ATOM   721  O OH  . TYR A 1 89  ? 5.443   2.676   -10.918 1.00 13.50 ? 152 TYR A OH  1 
ATOM   722  N N   . THR A 1 90  ? -2.737  2.413   -13.309 1.00 13.96 ? 153 THR A N   1 
ATOM   723  C CA  . THR A 1 90  ? -4.179  2.597   -13.268 1.00 15.14 ? 153 THR A CA  1 
ATOM   724  C C   . THR A 1 90  ? -4.721  2.083   -11.939 1.00 14.46 ? 153 THR A C   1 
ATOM   725  O O   . THR A 1 90  ? -4.171  1.157   -11.339 1.00 14.63 ? 153 THR A O   1 
ATOM   726  C CB  . THR A 1 90  ? -4.877  1.955   -14.495 1.00 15.89 ? 153 THR A CB  1 
ATOM   727  O OG1 . THR A 1 90  ? -6.265  2.328   -14.523 1.00 20.30 ? 153 THR A OG1 1 
ATOM   728  C CG2 . THR A 1 90  ? -4.780  0.460   -14.444 1.00 16.17 ? 153 THR A CG2 1 
ATOM   729  N N   . GLN A 1 91  ? -5.792  2.711   -11.466 1.00 13.71 ? 154 GLN A N   1 
ATOM   730  C CA  . GLN A 1 91  ? -6.332  2.386   -10.153 1.00 13.75 ? 154 GLN A CA  1 
ATOM   731  C C   . GLN A 1 91  ? -6.870  0.962   -10.091 1.00 14.13 ? 154 GLN A C   1 
ATOM   732  O O   . GLN A 1 91  ? -7.612  0.531   -10.991 1.00 14.27 ? 154 GLN A O   1 
ATOM   733  C CB  . GLN A 1 91  ? -7.420  3.405   -9.770  1.00 13.67 ? 154 GLN A CB  1 
ATOM   734  C CG  . GLN A 1 91  ? -8.055  3.076   -8.432  1.00 14.82 ? 154 GLN A CG  1 
ATOM   735  C CD  . GLN A 1 91  ? -9.013  4.147   -7.954  1.00 15.45 ? 154 GLN A CD  1 
ATOM   736  O OE1 . GLN A 1 91  ? -8.790  5.343   -8.171  1.00 16.46 ? 154 GLN A OE1 1 
ATOM   737  N NE2 . GLN A 1 91  ? -10.070 3.724   -7.276  1.00 16.06 ? 154 GLN A NE2 1 
ATOM   738  N N   . TYR A 1 92  ? -6.473  0.222   -9.054  1.00 13.56 ? 155 TYR A N   1 
ATOM   739  C CA  . TYR A 1 92  ? -6.837  -1.187  -8.918  1.00 14.54 ? 155 TYR A CA  1 
ATOM   740  C C   . TYR A 1 92  ? -7.695  -1.503  -7.679  1.00 14.42 ? 155 TYR A C   1 
ATOM   741  O O   . TYR A 1 92  ? -8.596  -2.350  -7.741  1.00 14.64 ? 155 TYR A O   1 
ATOM   742  C CB  . TYR A 1 92  ? -5.587  -2.087  -8.929  1.00 14.70 ? 155 TYR A CB  1 
ATOM   743  C CG  . TYR A 1 92  ? -5.945  -3.543  -9.095  1.00 16.20 ? 155 TYR A CG  1 
ATOM   744  C CD1 . TYR A 1 92  ? -6.362  -4.037  -10.338 1.00 17.24 ? 155 TYR A CD1 1 
ATOM   745  C CD2 . TYR A 1 92  ? -5.909  -4.425  -8.009  1.00 16.23 ? 155 TYR A CD2 1 
ATOM   746  C CE1 . TYR A 1 92  ? -6.722  -5.375  -10.487 1.00 17.92 ? 155 TYR A CE1 1 
ATOM   747  C CE2 . TYR A 1 92  ? -6.267  -5.758  -8.148  1.00 17.43 ? 155 TYR A CE2 1 
ATOM   748  C CZ  . TYR A 1 92  ? -6.683  -6.227  -9.385  1.00 17.75 ? 155 TYR A CZ  1 
ATOM   749  O OH  . TYR A 1 92  ? -7.026  -7.566  -9.522  1.00 18.92 ? 155 TYR A OH  1 
ATOM   750  N N   . SER A 1 93  ? -7.409  -0.847  -6.559  1.00 13.84 ? 156 SER A N   1 
ATOM   751  C CA  . SER A 1 93  ? -8.057  -1.203  -5.292  1.00 14.59 ? 156 SER A CA  1 
ATOM   752  C C   . SER A 1 93  ? -7.996  -0.025  -4.323  1.00 14.40 ? 156 SER A C   1 
ATOM   753  O O   . SER A 1 93  ? -7.129  0.848   -4.461  1.00 14.29 ? 156 SER A O   1 
ATOM   754  C CB  . SER A 1 93  ? -7.319  -2.388  -4.659  1.00 14.84 ? 156 SER A CB  1 
ATOM   755  O OG  . SER A 1 93  ? -8.040  -2.944  -3.575  1.00 17.44 ? 156 SER A OG  1 
ATOM   756  N N   . THR A 1 94  ? -8.901  -0.009  -3.343  1.00 14.17 ? 157 THR A N   1 
ATOM   757  C CA  . THR A 1 94  ? -8.927  1.081   -2.349  1.00 14.43 ? 157 THR A CA  1 
ATOM   758  C C   . THR A 1 94  ? -9.139  0.546   -0.943  1.00 14.34 ? 157 THR A C   1 
ATOM   759  O O   . THR A 1 94  ? -9.767  -0.507  -0.753  1.00 14.33 ? 157 THR A O   1 
ATOM   760  C CB  . THR A 1 94  ? -10.033 2.119   -2.635  1.00 14.31 ? 157 THR A CB  1 
ATOM   761  O OG1 . THR A 1 94  ? -11.307 1.490   -2.519  1.00 15.13 ? 157 THR A OG1 1 
ATOM   762  C CG2 . THR A 1 94  ? -9.899  2.724   -4.033  1.00 14.31 ? 157 THR A CG2 1 
ATOM   763  N N   . LEU A 1 95  ? -8.623  1.293   0.038   1.00 14.23 ? 158 LEU A N   1 
ATOM   764  C CA  . LEU A 1 95  ? -8.899  1.026   1.441   1.00 14.08 ? 158 LEU A CA  1 
ATOM   765  C C   . LEU A 1 95  ? -9.341  2.309   2.139   1.00 13.98 ? 158 LEU A C   1 
ATOM   766  O O   . LEU A 1 95  ? -8.598  3.283   2.170   1.00 13.87 ? 158 LEU A O   1 
ATOM   767  C CB  . LEU A 1 95  ? -7.646  0.458   2.130   1.00 13.72 ? 158 LEU A CB  1 
ATOM   768  C CG  . LEU A 1 95  ? -7.647  0.234   3.647   1.00 13.89 ? 158 LEU A CG  1 
ATOM   769  C CD1 . LEU A 1 95  ? -8.636  -0.860  4.048   1.00 13.44 ? 158 LEU A CD1 1 
ATOM   770  C CD2 . LEU A 1 95  ? -6.251  -0.100  4.134   1.00 13.95 ? 158 LEU A CD2 1 
ATOM   771  N N   . SER A 1 96  ? -10.545 2.297   2.708   1.00 14.88 ? 159 SER A N   1 
ATOM   772  C CA  A SER A 1 96  ? -11.084 3.491   3.367   0.60 15.06 ? 159 SER A CA  1 
ATOM   773  C CA  B SER A 1 96  ? -11.110 3.485   3.361   0.40 14.40 ? 159 SER A CA  1 
ATOM   774  C C   . SER A 1 96  ? -11.032 3.298   4.871   1.00 14.47 ? 159 SER A C   1 
ATOM   775  O O   . SER A 1 96  ? -11.610 2.364   5.397   1.00 14.85 ? 159 SER A O   1 
ATOM   776  C CB  A SER A 1 96  ? -12.509 3.765   2.912   0.60 15.70 ? 159 SER A CB  1 
ATOM   777  C CB  B SER A 1 96  ? -12.561 3.694   2.925   0.40 14.19 ? 159 SER A CB  1 
ATOM   778  O OG  A SER A 1 96  ? -12.531 4.084   1.533   0.60 17.44 ? 159 SER A OG  1 
ATOM   779  O OG  B SER A 1 96  ? -13.093 4.911   3.424   0.40 13.47 ? 159 SER A OG  1 
ATOM   780  N N   . THR A 1 97  ? -10.319 4.190   5.551   1.00 14.65 ? 160 THR A N   1 
ATOM   781  C CA  . THR A 1 97  ? -10.004 3.975   6.964   1.00 15.38 ? 160 THR A CA  1 
ATOM   782  C C   . THR A 1 97  ? -9.754  5.292   7.701   1.00 16.29 ? 160 THR A C   1 
ATOM   783  O O   . THR A 1 97  ? -9.126  6.192   7.148   1.00 16.46 ? 160 THR A O   1 
ATOM   784  C CB  . THR A 1 97  ? -8.744  3.104   7.121   1.00 15.25 ? 160 THR A CB  1 
ATOM   785  O OG1 . THR A 1 97  ? -8.286  3.160   8.475   1.00 16.16 ? 160 THR A OG1 1 
ATOM   786  C CG2 . THR A 1 97  ? -7.618  3.588   6.194   1.00 15.51 ? 160 THR A CG2 1 
ATOM   787  N N   . PRO A 1 98  ? -10.236 5.402   8.947   1.00 17.01 ? 161 PRO A N   1 
ATOM   788  C CA  . PRO A 1 98  ? -9.928  6.614   9.676   1.00 17.61 ? 161 PRO A CA  1 
ATOM   789  C C   . PRO A 1 98  ? -8.576  6.492   10.409  1.00 18.04 ? 161 PRO A C   1 
ATOM   790  O O   . PRO A 1 98  ? -8.071  7.484   10.965  1.00 20.41 ? 161 PRO A O   1 
ATOM   791  C CB  . PRO A 1 98  ? -11.092 6.707   10.662  1.00 17.76 ? 161 PRO A CB  1 
ATOM   792  C CG  . PRO A 1 98  ? -11.381 5.270   10.995  1.00 17.94 ? 161 PRO A CG  1 
ATOM   793  C CD  . PRO A 1 98  ? -11.062 4.471   9.750   1.00 17.56 ? 161 PRO A CD  1 
ATOM   794  N N   . HIS A 1 99  ? -7.990  5.297   10.393  1.00 16.91 ? 162 HIS A N   1 
ATOM   795  C CA  . HIS A 1 99  ? -6.771  5.014   11.143  1.00 17.04 ? 162 HIS A CA  1 
ATOM   796  C C   . HIS A 1 99  ? -5.476  5.296   10.380  1.00 17.29 ? 162 HIS A C   1 
ATOM   797  O O   . HIS A 1 99  ? -4.381  5.269   10.968  1.00 17.05 ? 162 HIS A O   1 
ATOM   798  C CB  . HIS A 1 99  ? -6.759  3.562   11.581  1.00 17.49 ? 162 HIS A CB  1 
ATOM   799  C CG  . HIS A 1 99  ? -7.962  3.150   12.369  1.00 18.04 ? 162 HIS A CG  1 
ATOM   800  N ND1 . HIS A 1 99  ? -8.310  3.738   13.567  1.00 19.23 ? 162 HIS A ND1 1 
ATOM   801  C CD2 . HIS A 1 99  ? -8.872  2.173   12.150  1.00 19.20 ? 162 HIS A CD2 1 
ATOM   802  C CE1 . HIS A 1 99  ? -9.404  3.164   14.036  1.00 19.53 ? 162 HIS A CE1 1 
ATOM   803  N NE2 . HIS A 1 99  ? -9.758  2.200   13.201  1.00 19.74 ? 162 HIS A NE2 1 
ATOM   804  N N   . LYS A 1 100 ? -5.597  5.525   9.074   1.00 17.08 ? 163 LYS A N   1 
ATOM   805  C CA  . LYS A 1 100 ? -4.430  5.855   8.223   1.00 15.89 ? 163 LYS A CA  1 
ATOM   806  C C   . LYS A 1 100 ? -3.322  4.822   8.325   1.00 15.24 ? 163 LYS A C   1 
ATOM   807  O O   . LYS A 1 100 ? -2.139  5.166   8.387   1.00 14.61 ? 163 LYS A O   1 
ATOM   808  C CB  . LYS A 1 100 ? -3.901  7.260   8.522   1.00 16.26 ? 163 LYS A CB  1 
ATOM   809  C CG  . LYS A 1 100 ? -4.948  8.348   8.303   1.00 16.79 ? 163 LYS A CG  1 
ATOM   810  C CD  . LYS A 1 100 ? -4.695  9.496   9.272   1.00 16.75 ? 163 LYS A CD  1 
ATOM   811  C CE  . LYS A 1 100 ? -3.522  10.362  8.774   1.00 16.48 ? 163 LYS A CE  1 
ATOM   812  N NZ  . LYS A 1 100 ? -3.147  11.397  9.793   1.00 17.11 ? 163 LYS A NZ  1 
ATOM   813  N N   . LEU A 1 101 ? -3.723  3.549   8.309   1.00 13.97 ? 164 LEU A N   1 
ATOM   814  C CA  . LEU A 1 101 ? -2.820  2.429   8.273   1.00 13.84 ? 164 LEU A CA  1 
ATOM   815  C C   . LEU A 1 101 ? -3.151  1.594   7.057   1.00 13.98 ? 164 LEU A C   1 
ATOM   816  O O   . LEU A 1 101 ? -4.325  1.327   6.803   1.00 13.69 ? 164 LEU A O   1 
ATOM   817  C CB  . LEU A 1 101 ? -3.001  1.544   9.508   1.00 13.40 ? 164 LEU A CB  1 
ATOM   818  C CG  . LEU A 1 101 ? -2.819  2.194   10.868  1.00 13.77 ? 164 LEU A CG  1 
ATOM   819  C CD1 . LEU A 1 101 ? -3.180  1.220   11.977  1.00 13.58 ? 164 LEU A CD1 1 
ATOM   820  C CD2 . LEU A 1 101 ? -1.374  2.649   11.009  1.00 13.76 ? 164 LEU A CD2 1 
ATOM   821  N N   . CYS A 1 102 ? -2.124  1.192   6.313   1.00 14.34 ? 165 CYS A N   1 
ATOM   822  C CA  . CYS A 1 102 ? -2.294  0.196   5.243   1.00 14.28 ? 165 CYS A CA  1 
ATOM   823  C C   . CYS A 1 102 ? -1.243  -0.922  5.403   1.00 14.20 ? 165 CYS A C   1 
ATOM   824  O O   . CYS A 1 102 ? -0.304  -0.801  6.183   1.00 14.23 ? 165 CYS A O   1 
ATOM   825  C CB  . CYS A 1 102 ? -2.251  0.876   3.881   1.00 13.76 ? 165 CYS A CB  1 
ATOM   826  S SG  . CYS A 1 102 ? -0.605  1.400   3.349   1.00 14.46 ? 165 CYS A SG  1 
ATOM   827  N N   . ALA A 1 103 ? -1.394  -2.029  4.686   1.00 13.97 ? 166 ALA A N   1 
ATOM   828  C CA  . ALA A 1 103 ? -0.397  -3.086  4.776   1.00 14.69 ? 166 ALA A CA  1 
ATOM   829  C C   . ALA A 1 103 ? -0.225  -3.809  3.456   1.00 15.80 ? 166 ALA A C   1 
ATOM   830  O O   . ALA A 1 103 ? -1.180  -3.943  2.686   1.00 16.73 ? 166 ALA A O   1 
ATOM   831  C CB  . ALA A 1 103 ? -0.741  -4.078  5.896   1.00 14.39 ? 166 ALA A CB  1 
ATOM   832  N N   . TRP A 1 104 ? 0.990   -4.263  3.193   1.00 17.66 ? 167 TRP A N   1 
ATOM   833  C CA  . TRP A 1 104 ? 1.168   -5.270  2.158   1.00 19.36 ? 167 TRP A CA  1 
ATOM   834  C C   . TRP A 1 104 ? 2.245   -6.304  2.469   1.00 17.66 ? 167 TRP A C   1 
ATOM   835  O O   . TRP A 1 104 ? 3.098   -6.105  3.351   1.00 15.89 ? 167 TRP A O   1 
ATOM   836  C CB  . TRP A 1 104 ? 1.258   -4.674  0.741   1.00 24.46 ? 167 TRP A CB  1 
ATOM   837  C CG  . TRP A 1 104 ? 2.456   -3.837  0.393   1.00 26.28 ? 167 TRP A CG  1 
ATOM   838  C CD1 . TRP A 1 104 ? 3.685   -3.866  0.976   1.00 28.27 ? 167 TRP A CD1 1 
ATOM   839  C CD2 . TRP A 1 104 ? 2.538   -2.878  -0.682  1.00 28.51 ? 167 TRP A CD2 1 
ATOM   840  N NE1 . TRP A 1 104 ? 4.528   -2.960  0.355   1.00 30.13 ? 167 TRP A NE1 1 
ATOM   841  C CE2 . TRP A 1 104 ? 3.849   -2.347  -0.671  1.00 29.16 ? 167 TRP A CE2 1 
ATOM   842  C CE3 . TRP A 1 104 ? 1.629   -2.411  -1.640  1.00 29.18 ? 167 TRP A CE3 1 
ATOM   843  C CZ2 . TRP A 1 104 ? 4.278   -1.366  -1.595  1.00 30.35 ? 167 TRP A CZ2 1 
ATOM   844  C CZ3 . TRP A 1 104 ? 2.057   -1.428  -2.563  1.00 31.70 ? 167 TRP A CZ3 1 
ATOM   845  C CH2 . TRP A 1 104 ? 3.368   -0.920  -2.528  1.00 29.52 ? 167 TRP A CH2 1 
ATOM   846  N N   . MET A 1 105 ? 2.168   -7.422  1.755   1.00 16.79 ? 168 MET A N   1 
ATOM   847  C CA  . MET A 1 105 ? 3.022   -8.562  2.037   1.00 16.55 ? 168 MET A CA  1 
ATOM   848  C C   . MET A 1 105 ? 3.303   -9.296  0.733   1.00 16.46 ? 168 MET A C   1 
ATOM   849  O O   . MET A 1 105 ? 2.442   -9.311  -0.169  1.00 14.90 ? 168 MET A O   1 
ATOM   850  C CB  . MET A 1 105 ? 2.292   -9.507  2.986   1.00 17.14 ? 168 MET A CB  1 
ATOM   851  C CG  . MET A 1 105 ? 3.046   -10.784 3.286   1.00 18.73 ? 168 MET A CG  1 
ATOM   852  S SD  . MET A 1 105 ? 2.112   -11.878 4.374   1.00 20.66 ? 168 MET A SD  1 
ATOM   853  C CE  . MET A 1 105 ? 0.586   -12.104 3.478   1.00 18.78 ? 168 MET A CE  1 
ATOM   854  N N   . LYS A 1 106 ? 4.450   -9.935  0.673   1.00 17.03 ? 169 LYS A N   1 
ATOM   855  C CA  . LYS A 1 106 ? 4.836   -10.790 -0.443  1.00 19.08 ? 169 LYS A CA  1 
ATOM   856  C C   . LYS A 1 106 ? 4.809   -12.222 0.070   1.00 20.29 ? 169 LYS A C   1 
ATOM   857  O O   . LYS A 1 106 ? 5.305   -12.476 1.121   1.00 20.10 ? 169 LYS A O   1 
ATOM   858  C CB  . LYS A 1 106 ? 6.299   -10.639 -0.784  1.00 21.32 ? 169 LYS A CB  1 
ATOM   859  C CG  . LYS A 1 106 ? 6.708   -9.571  -1.698  1.00 22.16 ? 169 LYS A CG  1 
ATOM   860  C CD  . LYS A 1 106 ? 7.944   -9.994  -2.484  1.00 22.18 ? 169 LYS A CD  1 
ATOM   861  C CE  . LYS A 1 106 ? 9.166   -10.180 -1.642  1.00 22.59 ? 169 LYS A CE  1 
ATOM   862  N NZ  . LYS A 1 106 ? 10.461  -9.600  -2.059  1.00 20.69 ? 169 LYS A NZ  1 
ATOM   863  N N   . ARG A 1 107 ? 4.275   -13.131 -0.703  1.00 21.42 ? 170 ARG A N   1 
ATOM   864  C CA  . ARG A 1 107 ? 4.334   -14.519 -0.384  1.00 24.73 ? 170 ARG A CA  1 
ATOM   865  C C   . ARG A 1 107 ? 4.752   -15.171 -1.680  1.00 28.11 ? 170 ARG A C   1 
ATOM   866  O O   . ARG A 1 107 ? 4.940   -14.477 -2.662  1.00 28.88 ? 170 ARG A O   1 
ATOM   867  C CB  . ARG A 1 107 ? 3.023   -15.049 0.021   1.00 26.09 ? 170 ARG A CB  1 
ATOM   868  C CG  . ARG A 1 107 ? 2.565   -14.533 1.315   1.00 26.39 ? 170 ARG A CG  1 
ATOM   869  C CD  . ARG A 1 107 ? 1.593   -15.500 1.905   1.00 26.69 ? 170 ARG A CD  1 
ATOM   870  N NE  . ARG A 1 107 ? 2.265   -16.603 2.501   1.00 27.76 ? 170 ARG A NE  1 
ATOM   871  C CZ  . ARG A 1 107 ? 1.664   -17.679 2.975   1.00 28.63 ? 170 ARG A CZ  1 
ATOM   872  N NH1 . ARG A 1 107 ? 0.367   -17.764 2.919   1.00 30.43 ? 170 ARG A NH1 1 
ATOM   873  N NH2 . ARG A 1 107 ? 2.371   -18.629 3.521   1.00 29.30 ? 170 ARG A NH2 1 
ATOM   874  N N   . ASP A 1 108 ? 4.885   -16.481 -1.676  1.00 27.79 ? 171 ASP A N   1 
ATOM   875  C CA  . ASP A 1 108 ? 5.230   -17.171 -2.907  1.00 28.64 ? 171 ASP A CA  1 
ATOM   876  C C   . ASP A 1 108 ? 4.130   -16.875 -3.919  1.00 25.96 ? 171 ASP A C   1 
ATOM   877  O O   . ASP A 1 108 ? 2.991   -17.131 -3.649  1.00 27.13 ? 171 ASP A O   1 
ATOM   878  C CB  . ASP A 1 108 ? 5.259   -18.663 -2.684  1.00 30.47 ? 171 ASP A CB  1 
ATOM   879  C CG  . ASP A 1 108 ? 5.632   -19.456 -3.944  1.00 34.81 ? 171 ASP A CG  1 
ATOM   880  O OD1 . ASP A 1 108 ? 6.584   -19.071 -4.638  1.00 36.46 ? 171 ASP A OD1 1 
ATOM   881  O OD2 . ASP A 1 108 ? 4.973   -20.474 -4.202  1.00 37.86 ? 171 ASP A OD2 1 
ATOM   882  N N   . ASN A 1 109 ? 4.470   -16.364 -5.055  1.00 24.09 ? 172 ASN A N   1 
ATOM   883  C CA  . ASN A 1 109 ? 3.496   -16.122 -6.091  1.00 21.07 ? 172 ASN A CA  1 
ATOM   884  C C   . ASN A 1 109 ? 2.424   -15.074 -5.890  1.00 18.66 ? 172 ASN A C   1 
ATOM   885  O O   . ASN A 1 109 ? 1.591   -14.914 -6.693  1.00 17.57 ? 172 ASN A O   1 
ATOM   886  C CB  . ASN A 1 109 ? 2.859   -17.444 -6.516  1.00 23.66 ? 172 ASN A CB  1 
ATOM   887  C CG  A ASN A 1 109 ? 3.953   -18.301 -7.214  0.50 24.98 ? 172 ASN A CG  1 
ATOM   888  C CG  B ASN A 1 109 ? 1.964   -18.176 -5.920  0.50 24.98 ? 172 ASN A CG  1 
ATOM   889  O OD1 A ASN A 1 109 ? 5.138   -18.000 -7.233  0.50 27.54 ? 172 ASN A OD1 1 
ATOM   890  O OD1 B ASN A 1 109 ? 1.496   -17.784 -4.870  0.50 27.54 ? 172 ASN A OD1 1 
ATOM   891  N ND2 A ASN A 1 109 ? 3.523   -19.421 -7.667  0.50 27.12 ? 172 ASN A ND2 1 
ATOM   892  N ND2 B ASN A 1 109 ? 1.732   -19.398 -6.393  0.50 27.12 ? 172 ASN A ND2 1 
ATOM   893  N N   . ARG A 1 110 ? 2.470   -14.370 -4.775  1.00 16.76 ? 173 ARG A N   1 
ATOM   894  C CA  . ARG A 1 110 ? 1.485   -13.337 -4.518  1.00 15.01 ? 173 ARG A CA  1 
ATOM   895  C C   . ARG A 1 110 ? 1.966   -12.092 -3.842  1.00 14.33 ? 173 ARG A C   1 
ATOM   896  O O   . ARG A 1 110 ? 2.869   -12.134 -3.132  1.00 15.18 ? 173 ARG A O   1 
ATOM   897  C CB  . ARG A 1 110 ? 0.380   -13.899 -3.599  1.00 15.48 ? 173 ARG A CB  1 
ATOM   898  C CG  . ARG A 1 110 ? -0.388  -15.085 -4.118  1.00 16.39 ? 173 ARG A CG  1 
ATOM   899  C CD  . ARG A 1 110 ? -1.427  -15.600 -3.161  1.00 16.34 ? 173 ARG A CD  1 
ATOM   900  N NE  . ARG A 1 110 ? -2.046  -16.825 -3.599  1.00 16.06 ? 173 ARG A NE  1 
ATOM   901  C CZ  . ARG A 1 110 ? -3.104  -17.387 -3.039  1.00 16.94 ? 173 ARG A CZ  1 
ATOM   902  N NH1 . ARG A 1 110 ? -3.696  -16.871 -2.009  1.00 16.42 ? 173 ARG A NH1 1 
ATOM   903  N NH2 . ARG A 1 110 ? -3.576  -18.489 -3.512  1.00 17.86 ? 173 ARG A NH2 1 
ATOM   904  N N   . VAL A 1 111 ? 1.279   -11.006 -4.120  1.00 14.33 ? 174 VAL A N   1 
ATOM   905  C CA  . VAL A 1 111 ? 1.375   -9.799  -3.303  1.00 14.39 ? 174 VAL A CA  1 
ATOM   906  C C   . VAL A 1 111 ? -0.008  -9.618  -2.681  1.00 14.91 ? 174 VAL A C   1 
ATOM   907  O O   . VAL A 1 111 ? -1.033  -9.810  -3.347  1.00 14.63 ? 174 VAL A O   1 
ATOM   908  C CB  . VAL A 1 111 ? 1.798   -8.574  -4.140  1.00 14.76 ? 174 VAL A CB  1 
ATOM   909  C CG1 . VAL A 1 111 ? 1.541   -7.278  -3.394  1.00 15.23 ? 174 VAL A CG1 1 
ATOM   910  C CG2 . VAL A 1 111 ? 3.269   -8.697  -4.550  1.00 14.61 ? 174 VAL A CG2 1 
ATOM   911  N N   . TYR A 1 112 ? -0.023  -9.246  -1.398  1.00 14.98 ? 175 TYR A N   1 
ATOM   912  C CA  . TYR A 1 112 ? -1.247  -9.027  -0.636  1.00 15.05 ? 175 TYR A CA  1 
ATOM   913  C C   . TYR A 1 112 ? -1.374  -7.587  -0.178  1.00 15.17 ? 175 TYR A C   1 
ATOM   914  O O   . TYR A 1 112 ? -0.357  -6.936  0.081   1.00 14.50 ? 175 TYR A O   1 
ATOM   915  C CB  . TYR A 1 112 ? -1.200  -9.867  0.642   1.00 16.02 ? 175 TYR A CB  1 
ATOM   916  C CG  . TYR A 1 112 ? -1.540  -11.320 0.501   1.00 16.50 ? 175 TYR A CG  1 
ATOM   917  C CD1 . TYR A 1 112 ? -2.769  -11.802 0.960   1.00 16.77 ? 175 TYR A CD1 1 
ATOM   918  C CD2 . TYR A 1 112 ? -0.626  -12.234 -0.034  1.00 16.96 ? 175 TYR A CD2 1 
ATOM   919  C CE1 . TYR A 1 112 ? -3.090  -13.139 0.873   1.00 18.31 ? 175 TYR A CE1 1 
ATOM   920  C CE2 . TYR A 1 112 ? -0.950  -13.589 -0.128  1.00 17.48 ? 175 TYR A CE2 1 
ATOM   921  C CZ  . TYR A 1 112 ? -2.184  -14.021 0.335   1.00 18.61 ? 175 TYR A CZ  1 
ATOM   922  O OH  . TYR A 1 112 ? -2.535  -15.346 0.269   1.00 20.98 ? 175 TYR A OH  1 
ATOM   923  N N   . TRP A 1 113 ? -2.614  -7.104  -0.037  1.00 15.46 ? 176 TRP A N   1 
ATOM   924  C CA  . TRP A 1 113 ? -2.900  -5.803  0.600   1.00 16.04 ? 176 TRP A CA  1 
ATOM   925  C C   . TRP A 1 113 ? -4.300  -5.841  1.223   1.00 16.44 ? 176 TRP A C   1 
ATOM   926  O O   . TRP A 1 113 ? -5.066  -6.778  0.992   1.00 17.45 ? 176 TRP A O   1 
ATOM   927  C CB  . TRP A 1 113 ? -2.800  -4.648  -0.402  1.00 17.63 ? 176 TRP A CB  1 
ATOM   928  C CG  . TRP A 1 113 ? -3.839  -4.749  -1.430  1.00 17.09 ? 176 TRP A CG  1 
ATOM   929  C CD1 . TRP A 1 113 ? -5.070  -4.156  -1.418  1.00 17.66 ? 176 TRP A CD1 1 
ATOM   930  C CD2 . TRP A 1 113 ? -3.785  -5.555  -2.602  1.00 17.53 ? 176 TRP A CD2 1 
ATOM   931  N NE1 . TRP A 1 113 ? -5.776  -4.521  -2.543  1.00 18.05 ? 176 TRP A NE1 1 
ATOM   932  C CE2 . TRP A 1 113 ? -5.014  -5.383  -3.284  1.00 18.11 ? 176 TRP A CE2 1 
ATOM   933  C CE3 . TRP A 1 113 ? -2.805  -6.391  -3.163  1.00 18.07 ? 176 TRP A CE3 1 
ATOM   934  C CZ2 . TRP A 1 113 ? -5.294  -6.020  -4.501  1.00 18.61 ? 176 TRP A CZ2 1 
ATOM   935  C CZ3 . TRP A 1 113 ? -3.082  -7.031  -4.364  1.00 18.54 ? 176 TRP A CZ3 1 
ATOM   936  C CH2 . TRP A 1 113 ? -4.321  -6.836  -5.025  1.00 18.71 ? 176 TRP A CH2 1 
ATOM   937  N N   . TYR A 1 114 ? -4.645  -4.831  2.010   1.00 16.36 ? 177 TYR A N   1 
ATOM   938  C CA  . TYR A 1 114 ? -5.994  -4.774  2.583   1.00 15.85 ? 177 TYR A CA  1 
ATOM   939  C C   . TYR A 1 114 ? -6.882  -3.850  1.765   1.00 16.36 ? 177 TYR A C   1 
ATOM   940  O O   . TYR A 1 114 ? -6.436  -2.803  1.297   1.00 15.12 ? 177 TYR A O   1 
ATOM   941  C CB  . TYR A 1 114 ? -5.954  -4.339  4.055   1.00 15.44 ? 177 TYR A CB  1 
ATOM   942  C CG  . TYR A 1 114 ? -5.507  -5.459  4.978   1.00 14.80 ? 177 TYR A CG  1 
ATOM   943  C CD1 . TYR A 1 114 ? -4.155  -5.749  5.147   1.00 14.61 ? 177 TYR A CD1 1 
ATOM   944  C CD2 . TYR A 1 114 ? -6.441  -6.222  5.687   1.00 14.58 ? 177 TYR A CD2 1 
ATOM   945  C CE1 . TYR A 1 114 ? -3.746  -6.776  5.979   1.00 14.61 ? 177 TYR A CE1 1 
ATOM   946  C CE2 . TYR A 1 114 ? -6.044  -7.269  6.512   1.00 14.56 ? 177 TYR A CE2 1 
ATOM   947  C CZ  . TYR A 1 114 ? -4.701  -7.536  6.658   1.00 14.62 ? 177 TYR A CZ  1 
ATOM   948  O OH  . TYR A 1 114 ? -4.286  -8.530  7.485   1.00 15.32 ? 177 TYR A OH  1 
ATOM   949  N N   . GLN A 1 115 ? -8.139  -4.249  1.581   1.00 17.53 ? 178 GLN A N   1 
ATOM   950  C CA  . GLN A 1 115 ? -9.058  -3.444  0.786   1.00 18.83 ? 178 GLN A CA  1 
ATOM   951  C C   . GLN A 1 115 ? -10.437 -3.416  1.418   1.00 17.96 ? 178 GLN A C   1 
ATOM   952  O O   . GLN A 1 115 ? -10.769 -4.275  2.260   1.00 18.01 ? 178 GLN A O   1 
ATOM   953  C CB  . GLN A 1 115 ? -9.091  -3.906  -0.685  1.00 22.26 ? 178 GLN A CB  1 
ATOM   954  C CG  . GLN A 1 115 ? -9.933  -5.130  -0.992  1.00 26.65 ? 178 GLN A CG  1 
ATOM   955  C CD  . GLN A 1 115 ? -11.423 -4.822  -1.116  1.00 30.28 ? 178 GLN A CD  1 
ATOM   956  O OE1 . GLN A 1 115 ? -11.837 -3.901  -1.835  1.00 37.12 ? 178 GLN A OE1 1 
ATOM   957  N NE2 . GLN A 1 115 ? -12.237 -5.588  -0.406  1.00 32.00 ? 178 GLN A NE2 1 
ATOM   958  N N   . GLY A 1 116 ? -11.216 -2.414  1.030   1.00 18.26 ? 179 GLY A N   1 
ATOM   959  C CA  . GLY A 1 116 ? -12.569 -2.246  1.554   1.00 18.52 ? 179 GLY A CA  1 
ATOM   960  C C   . GLY A 1 116 ? -12.661 -1.080  2.514   1.00 19.43 ? 179 GLY A C   1 
ATOM   961  O O   . GLY A 1 116 ? -11.893 -0.103  2.414   1.00 20.14 ? 179 GLY A O   1 
ATOM   962  N N   . ALA A 1 117 ? -13.628 -1.167  3.422   1.00 18.78 ? 180 ALA A N   1 
ATOM   963  C CA  . ALA A 1 117 ? -13.882 -0.100  4.389   1.00 17.26 ? 180 ALA A CA  1 
ATOM   964  C C   . ALA A 1 117 ? -13.796 -0.669  5.796   1.00 17.35 ? 180 ALA A C   1 
ATOM   965  O O   . ALA A 1 117 ? -14.488 -1.639  6.131   1.00 17.26 ? 180 ALA A O   1 
ATOM   966  C CB  . ALA A 1 117 ? -15.245 0.524   4.138   1.00 18.49 ? 180 ALA A CB  1 
ATOM   967  N N   . THR A 1 118 ? -12.936 -0.084  6.620   1.00 16.59 ? 181 THR A N   1 
ATOM   968  C CA  . THR A 1 118 ? -12.804 -0.507  8.012   1.00 16.60 ? 181 THR A CA  1 
ATOM   969  C C   . THR A 1 118 ? -14.187 -0.247  8.700   1.00 16.52 ? 181 THR A C   1 
ATOM   970  O O   . THR A 1 118 ? -14.915 0.660   8.285   1.00 16.91 ? 181 THR A O   1 
ATOM   971  C CB  . THR A 1 118 ? -11.660 0.264   8.698   1.00 16.34 ? 181 THR A CB  1 
ATOM   972  O OG1 . THR A 1 118 ? -11.970 1.654   8.649   1.00 15.95 ? 181 THR A OG1 1 
ATOM   973  C CG2 . THR A 1 118 ? -10.356 0.029   7.940   1.00 16.34 ? 181 THR A CG2 1 
ATOM   974  N N   . PRO A 1 119 ? -14.560 -1.038  9.708   1.00 16.49 ? 182 PRO A N   1 
ATOM   975  C CA  . PRO A 1 119 ? -13.683 -1.998  10.350  1.00 16.08 ? 182 PRO A CA  1 
ATOM   976  C C   . PRO A 1 119 ? -13.823 -3.427  9.820   1.00 15.74 ? 182 PRO A C   1 
ATOM   977  O O   . PRO A 1 119 ? -13.573 -4.385  10.551  1.00 15.49 ? 182 PRO A O   1 
ATOM   978  C CB  . PRO A 1 119 ? -14.138 -1.917  11.817  1.00 16.78 ? 182 PRO A CB  1 
ATOM   979  C CG  . PRO A 1 119 ? -15.621 -1.733  11.670  1.00 17.02 ? 182 PRO A CG  1 
ATOM   980  C CD  . PRO A 1 119 ? -15.761 -0.768  10.529  1.00 17.36 ? 182 PRO A CD  1 
ATOM   981  N N   . ASN A 1 120 ? -14.192 -3.557  8.546   1.00 16.35 ? 183 ASN A N   1 
ATOM   982  C CA  . ASN A 1 120 ? -14.403 -4.868  7.944   1.00 17.12 ? 183 ASN A CA  1 
ATOM   983  C C   . ASN A 1 120 ? -13.615 -5.035  6.660   1.00 18.68 ? 183 ASN A C   1 
ATOM   984  O O   . ASN A 1 120 ? -14.026 -5.750  5.724   1.00 18.66 ? 183 ASN A O   1 
ATOM   985  C CB  . ASN A 1 120 ? -15.906 -5.137  7.759   1.00 17.63 ? 183 ASN A CB  1 
ATOM   986  C CG  . ASN A 1 120 ? -16.674 -5.031  9.068   1.00 18.16 ? 183 ASN A CG  1 
ATOM   987  O OD1 . ASN A 1 120 ? -17.351 -4.036  9.320   1.00 19.32 ? 183 ASN A OD1 1 
ATOM   988  N ND2 . ASN A 1 120 ? -16.559 -6.042  9.907   1.00 17.90 ? 183 ASN A ND2 1 
ATOM   989  N N   . ALA A 1 121 ? -12.461 -4.372  6.626   1.00 18.18 ? 184 ALA A N   1 
ATOM   990  C CA  . ALA A 1 121 ? -11.510 -4.574  5.538   1.00 19.14 ? 184 ALA A CA  1 
ATOM   991  C C   . ALA A 1 121 ? -10.868 -5.954  5.616   1.00 19.35 ? 184 ALA A C   1 
ATOM   992  O O   . ALA A 1 121 ? -10.681 -6.547  6.698   1.00 18.50 ? 184 ALA A O   1 
ATOM   993  C CB  . ALA A 1 121 ? -10.467 -3.470  5.533   1.00 19.12 ? 184 ALA A CB  1 
ATOM   994  N N   . SER A 1 122 ? -10.533 -6.487  4.452   1.00 20.05 ? 185 SER A N   1 
ATOM   995  C CA  . SER A 1 122 ? -9.975  -7.822  4.397   1.00 20.62 ? 185 SER A CA  1 
ATOM   996  C C   . SER A 1 122 ? -8.887  -7.860  3.339   1.00 20.20 ? 185 SER A C   1 
ATOM   997  O O   . SER A 1 122 ? -8.773  -6.947  2.504   1.00 18.72 ? 185 SER A O   1 
ATOM   998  C CB  . SER A 1 122 ? -11.065 -8.836  4.051   1.00 22.02 ? 185 SER A CB  1 
ATOM   999  O OG  . SER A 1 122 ? -11.632 -8.484  2.806   1.00 23.55 ? 185 SER A OG  1 
ATOM   1000 N N   . GLU A 1 123 ? -8.100  -8.922  3.396   1.00 20.32 ? 186 GLU A N   1 
ATOM   1001 C CA  . GLU A 1 123 ? -6.962  -9.085  2.505   1.00 20.96 ? 186 GLU A CA  1 
ATOM   1002 C C   . GLU A 1 123 ? -7.381  -9.475  1.090   1.00 19.40 ? 186 GLU A C   1 
ATOM   1003 O O   . GLU A 1 123 ? -8.334  -10.246 0.885   1.00 18.86 ? 186 GLU A O   1 
ATOM   1004 C CB  . GLU A 1 123 ? -5.921  -10.049 3.099   1.00 24.40 ? 186 GLU A CB  1 
ATOM   1005 C CG  . GLU A 1 123 ? -6.407  -11.447 3.426   1.00 28.80 ? 186 GLU A CG  1 
ATOM   1006 C CD  . GLU A 1 123 ? -5.417  -12.224 4.291   1.00 31.97 ? 186 GLU A CD  1 
ATOM   1007 O OE1 . GLU A 1 123 ? -4.192  -12.071 4.110   1.00 33.71 ? 186 GLU A OE1 1 
ATOM   1008 O OE2 . GLU A 1 123 ? -5.863  -13.005 5.159   1.00 33.89 ? 186 GLU A OE2 1 
ATOM   1009 N N   . SER A 1 124 ? -6.686  -8.889  0.122   1.00 18.13 ? 187 SER A N   1 
ATOM   1010 C CA  . SER A 1 124 ? -6.823  -9.238  -1.296  1.00 17.13 ? 187 SER A CA  1 
ATOM   1011 C C   . SER A 1 124 ? -5.431  -9.605  -1.785  1.00 15.51 ? 187 SER A C   1 
ATOM   1012 O O   . SER A 1 124 ? -4.437  -9.214  -1.183  1.00 14.31 ? 187 SER A O   1 
ATOM   1013 C CB  . SER A 1 124 ? -7.387  -8.057  -2.116  1.00 18.45 ? 187 SER A CB  1 
ATOM   1014 O OG  . SER A 1 124 ? -8.757  -7.803  -1.798  1.00 20.23 ? 187 SER A OG  1 
ATOM   1015 N N   . TYR A 1 125 ? -5.339  -10.353 -2.881  1.00 15.20 ? 188 TYR A N   1 
ATOM   1016 C CA  . TYR A 1 125 ? -4.018  -10.698 -3.389  1.00 14.59 ? 188 TYR A CA  1 
ATOM   1017 C C   . TYR A 1 125 ? -3.985  -10.634 -4.912  1.00 14.20 ? 188 TYR A C   1 
ATOM   1018 O O   . TYR A 1 125 ? -5.030  -10.637 -5.554  1.00 13.60 ? 188 TYR A O   1 
ATOM   1019 C CB  . TYR A 1 125 ? -3.541  -12.056 -2.862  1.00 15.54 ? 188 TYR A CB  1 
ATOM   1020 C CG  . TYR A 1 125 ? -4.508  -13.188 -3.118  1.00 16.02 ? 188 TYR A CG  1 
ATOM   1021 C CD1 . TYR A 1 125 ? -4.514  -13.859 -4.344  1.00 15.49 ? 188 TYR A CD1 1 
ATOM   1022 C CD2 . TYR A 1 125 ? -5.439  -13.571 -2.147  1.00 16.53 ? 188 TYR A CD2 1 
ATOM   1023 C CE1 . TYR A 1 125 ? -5.408  -14.882 -4.588  1.00 16.32 ? 188 TYR A CE1 1 
ATOM   1024 C CE2 . TYR A 1 125 ? -6.340  -14.596 -2.384  1.00 17.29 ? 188 TYR A CE2 1 
ATOM   1025 C CZ  . TYR A 1 125 ? -6.313  -15.252 -3.605  1.00 17.05 ? 188 TYR A CZ  1 
ATOM   1026 O OH  . TYR A 1 125 ? -7.209  -16.260 -3.842  1.00 17.91 ? 188 TYR A OH  1 
ATOM   1027 N N   . TYR A 1 126 ? -2.778  -10.593 -5.464  1.00 13.95 ? 189 TYR A N   1 
ATOM   1028 C CA  . TYR A 1 126 ? -2.584  -10.502 -6.912  1.00 13.81 ? 189 TYR A CA  1 
ATOM   1029 C C   . TYR A 1 126 ? -1.454  -11.449 -7.281  1.00 13.56 ? 189 TYR A C   1 
ATOM   1030 O O   . TYR A 1 126 ? -0.412  -11.482 -6.609  1.00 13.87 ? 189 TYR A O   1 
ATOM   1031 C CB  . TYR A 1 126 ? -2.237  -9.055  -7.269  1.00 14.70 ? 189 TYR A CB  1 
ATOM   1032 C CG  . TYR A 1 126 ? -2.411  -8.663  -8.732  1.00 14.39 ? 189 TYR A CG  1 
ATOM   1033 C CD1 . TYR A 1 126 ? -3.670  -8.299  -9.227  1.00 14.03 ? 189 TYR A CD1 1 
ATOM   1034 C CD2 . TYR A 1 126 ? -1.319  -8.603  -9.592  1.00 14.55 ? 189 TYR A CD2 1 
ATOM   1035 C CE1 . TYR A 1 126 ? -3.841  -7.921  -10.549 1.00 14.21 ? 189 TYR A CE1 1 
ATOM   1036 C CE2 . TYR A 1 126 ? -1.473  -8.202  -10.920 1.00 14.60 ? 189 TYR A CE2 1 
ATOM   1037 C CZ  . TYR A 1 126 ? -2.731  -7.876  -11.391 1.00 14.72 ? 189 TYR A CZ  1 
ATOM   1038 O OH  . TYR A 1 126 ? -2.899  -7.481  -12.693 1.00 13.62 ? 189 TYR A OH  1 
ATOM   1039 N N   . LEU A 1 127 ? -1.660  -12.274 -8.315  1.00 13.23 ? 190 LEU A N   1 
ATOM   1040 C CA  . LEU A 1 127 ? -0.614  -13.198 -8.739  1.00 13.34 ? 190 LEU A CA  1 
ATOM   1041 C C   . LEU A 1 127 ? 0.619   -12.393 -9.114  1.00 13.39 ? 190 LEU A C   1 
ATOM   1042 O O   . LEU A 1 127 ? 0.539   -11.518 -9.968  1.00 13.50 ? 190 LEU A O   1 
ATOM   1043 C CB  . LEU A 1 127 ? -1.070  -14.011 -9.965  1.00 13.53 ? 190 LEU A CB  1 
ATOM   1044 C CG  . LEU A 1 127 ? -0.079  -15.022 -10.567 1.00 13.81 ? 190 LEU A CG  1 
ATOM   1045 C CD1 . LEU A 1 127 ? 0.365   -16.103 -9.579  1.00 14.51 ? 190 LEU A CD1 1 
ATOM   1046 C CD2 . LEU A 1 127 ? -0.720  -15.673 -11.782 1.00 14.04 ? 190 LEU A CD2 1 
ATOM   1047 N N   . THR A 1 128 ? 1.741   -12.667 -8.446  1.00 13.64 ? 191 THR A N   1 
ATOM   1048 C CA  . THR A 1 128 ? 2.984   -11.953 -8.672  1.00 14.03 ? 191 THR A CA  1 
ATOM   1049 C C   . THR A 1 128 ? 4.149   -12.908 -8.460  1.00 15.07 ? 191 THR A C   1 
ATOM   1050 O O   . THR A 1 128 ? 4.312   -13.480 -7.369  1.00 15.06 ? 191 THR A O   1 
ATOM   1051 C CB  . THR A 1 128 ? 3.115   -10.740 -7.708  1.00 14.04 ? 191 THR A CB  1 
ATOM   1052 O OG1 . THR A 1 128 ? 1.956   -9.911  -7.824  1.00 14.38 ? 191 THR A OG1 1 
ATOM   1053 C CG2 . THR A 1 128 ? 4.402   -9.919  -7.993  1.00 14.42 ? 191 THR A CG2 1 
ATOM   1054 N N   . ILE A 1 129 ? 4.955   -13.107 -9.501  1.00 15.44 ? 192 ILE A N   1 
ATOM   1055 C CA  . ILE A 1 129 ? 6.130   -13.956 -9.361  1.00 17.42 ? 192 ILE A CA  1 
ATOM   1056 C C   . ILE A 1 129 ? 7.264   -13.143 -8.759  1.00 19.09 ? 192 ILE A C   1 
ATOM   1057 O O   . ILE A 1 129 ? 7.783   -12.214 -9.383  1.00 18.70 ? 192 ILE A O   1 
ATOM   1058 C CB  . ILE A 1 129 ? 6.554   -14.615 -10.693 1.00 17.38 ? 192 ILE A CB  1 
ATOM   1059 C CG1 . ILE A 1 129 ? 5.371   -15.384 -11.317 1.00 17.75 ? 192 ILE A CG1 1 
ATOM   1060 C CG2 . ILE A 1 129 ? 7.782   -15.496 -10.467 1.00 16.73 ? 192 ILE A CG2 1 
ATOM   1061 C CD1 . ILE A 1 129 ? 4.605   -16.289 -10.359 1.00 19.73 ? 192 ILE A CD1 1 
ATOM   1062 N N   . ASN A 1 130 ? 7.613   -13.484 -7.520  1.00 21.04 ? 193 ASN A N   1 
ATOM   1063 C CA  . ASN A 1 130 ? 8.700   -12.839 -6.806  1.00 25.05 ? 193 ASN A CA  1 
ATOM   1064 C C   . ASN A 1 130 ? 10.049  -13.173 -7.443  1.00 24.56 ? 193 ASN A C   1 
ATOM   1065 O O   . ASN A 1 130 ? 10.205  -14.268 -7.972  1.00 26.11 ? 193 ASN A O   1 
ATOM   1066 C CB  . ASN A 1 130 ? 8.675   -13.373 -5.371  1.00 30.26 ? 193 ASN A CB  1 
ATOM   1067 C CG  . ASN A 1 130 ? 9.729   -12.754 -4.498  1.00 32.39 ? 193 ASN A CG  1 
ATOM   1068 O OD1 . ASN A 1 130 ? 9.967   -11.551 -4.571  1.00 36.30 ? 193 ASN A OD1 1 
ATOM   1069 N ND2 . ASN A 1 130 ? 10.378  -13.578 -3.659  1.00 32.58 ? 193 ASN A ND2 1 
ATOM   1070 N N   . ASN A 1 131 ? 11.015  -12.250 -7.410  1.00 23.89 ? 194 ASN A N   1 
ATOM   1071 C CA  . ASN A 1 131 ? 12.403  -12.613 -7.764  1.00 24.26 ? 194 ASN A CA  1 
ATOM   1072 C C   . ASN A 1 131 ? 13.492  -11.950 -6.929  1.00 22.68 ? 194 ASN A C   1 
ATOM   1073 O O   . ASN A 1 131 ? 13.198  -11.148 -6.043  1.00 19.39 ? 194 ASN A O   1 
ATOM   1074 C CB  . ASN A 1 131 ? 12.664  -12.460 -9.269  1.00 26.20 ? 194 ASN A CB  1 
ATOM   1075 C CG  . ASN A 1 131 ? 12.544  -11.034 -9.745  1.00 26.90 ? 194 ASN A CG  1 
ATOM   1076 O OD1 . ASN A 1 131 ? 13.393  -10.187 -9.446  1.00 27.02 ? 194 ASN A OD1 1 
ATOM   1077 N ND2 . ASN A 1 131 ? 11.510  -10.769 -10.533 1.00 27.44 ? 194 ASN A ND2 1 
ATOM   1078 N N   . ASP A 1 132 ? 14.753  -12.295 -7.211  1.00 21.98 ? 195 ASP A N   1 
ATOM   1079 C CA  . ASP A 1 132 ? 15.877  -11.797 -6.430  1.00 22.69 ? 195 ASP A CA  1 
ATOM   1080 C C   . ASP A 1 132 ? 16.067  -10.281 -6.544  1.00 22.76 ? 195 ASP A C   1 
ATOM   1081 O O   . ASP A 1 132 ? 16.740  -9.672  -5.717  1.00 22.38 ? 195 ASP A O   1 
ATOM   1082 C CB  . ASP A 1 132 ? 17.115  -12.398 -7.086  0.00 20.00 ? 195 ASP A CB  1 
ATOM   1083 C CG  . ASP A 1 132 ? 16.919  -13.898 -7.273  0.00 20.00 ? 195 ASP A CG  1 
ATOM   1084 O OD1 . ASP A 1 132 ? 16.241  -14.498 -6.426  0.00 20.00 ? 195 ASP A OD1 1 
ATOM   1085 O OD2 . ASP A 1 132 ? 17.441  -14.469 -8.252  0.00 20.00 ? 195 ASP A OD2 1 
ATOM   1086 N N   . ASN A 1 133 ? 15.478  -9.682  -7.559  1.00 21.05 ? 196 ASN A N   1 
ATOM   1087 C CA  . ASN A 1 133 ? 15.531  -8.249  -7.778  1.00 21.60 ? 196 ASN A CA  1 
ATOM   1088 C C   . ASN A 1 133 ? 14.247  -7.499  -7.385  1.00 19.62 ? 196 ASN A C   1 
ATOM   1089 O O   . ASN A 1 133 ? 14.103  -6.375  -7.625  1.00 18.02 ? 196 ASN A O   1 
ATOM   1090 C CB  . ASN A 1 133 ? 15.960  -7.889  -9.196  1.00 25.49 ? 196 ASN A CB  1 
ATOM   1091 C CG  . ASN A 1 133 ? 17.359  -8.389  -9.536  1.00 29.12 ? 196 ASN A CG  1 
ATOM   1092 O OD1 . ASN A 1 133 ? 17.556  -9.006  -10.519 1.00 32.28 ? 196 ASN A OD1 1 
ATOM   1093 N ND2 . ASN A 1 133 ? 18.301  -8.103  -8.705  1.00 30.74 ? 196 ASN A ND2 1 
ATOM   1094 N N   . SER A 1 134 ? 13.347  -8.194  -6.778  1.00 17.14 ? 197 SER A N   1 
ATOM   1095 C CA  . SER A 1 134 ? 12.126  -7.551  -6.291  1.00 17.75 ? 197 SER A CA  1 
ATOM   1096 C C   . SER A 1 134 ? 12.494  -6.480  -5.293  1.00 17.74 ? 197 SER A C   1 
ATOM   1097 O O   . SER A 1 134 ? 13.497  -6.615  -4.562  1.00 18.18 ? 197 SER A O   1 
ATOM   1098 C CB  . SER A 1 134 ? 11.185  -8.560  -5.621  1.00 17.47 ? 197 SER A CB  1 
ATOM   1099 O OG  . SER A 1 134 ? 10.556  -9.377  -6.578  1.00 18.70 ? 197 SER A OG  1 
ATOM   1100 N N   . ASN A 1 135 ? 11.729  -5.393  -5.278  1.00 17.28 ? 198 ASN A N   1 
ATOM   1101 C CA  . ASN A 1 135 ? 11.974  -4.386  -4.270  1.00 17.87 ? 198 ASN A CA  1 
ATOM   1102 C C   . ASN A 1 135 ? 10.712  -3.592  -3.877  1.00 16.10 ? 198 ASN A C   1 
ATOM   1103 O O   . ASN A 1 135 ? 9.745   -3.532  -4.633  1.00 15.08 ? 198 ASN A O   1 
ATOM   1104 C CB  . ASN A 1 135 ? 13.198  -3.534  -4.662  1.00 20.31 ? 198 ASN A CB  1 
ATOM   1105 C CG  . ASN A 1 135 ? 12.876  -2.098  -4.896  1.00 24.73 ? 198 ASN A CG  1 
ATOM   1106 O OD1 . ASN A 1 135 ? 12.436  -1.713  -5.987  1.00 26.17 ? 198 ASN A OD1 1 
ATOM   1107 N ND2 . ASN A 1 135 ? 13.153  -1.261  -3.880  1.00 24.22 ? 198 ASN A ND2 1 
ATOM   1108 N N   . VAL A 1 136 ? 10.712  -3.062  -2.662  1.00 15.36 ? 199 VAL A N   1 
ATOM   1109 C CA  . VAL A 1 136 ? 9.600   -2.276  -2.136  1.00 15.97 ? 199 VAL A CA  1 
ATOM   1110 C C   . VAL A 1 136 ? 10.168  -1.042  -1.428  1.00 16.39 ? 199 VAL A C   1 
ATOM   1111 O O   . VAL A 1 136 ? 11.259  -1.110  -0.860  1.00 16.20 ? 199 VAL A O   1 
ATOM   1112 C CB  . VAL A 1 136 ? 8.760   -3.091  -1.129  1.00 16.56 ? 199 VAL A CB  1 
ATOM   1113 C CG1 . VAL A 1 136 ? 9.624   -3.567  0.040   1.00 17.61 ? 199 VAL A CG1 1 
ATOM   1114 C CG2 . VAL A 1 136 ? 7.557   -2.290  -0.630  1.00 18.37 ? 199 VAL A CG2 1 
ATOM   1115 N N   . SER A 1 137 ? 9.452   0.075   -1.489  1.00 15.61 ? 200 SER A N   1 
ATOM   1116 C CA  A SER A 1 137 ? 9.851   1.309   -0.800  0.60 15.81 ? 200 SER A CA  1 
ATOM   1117 C CA  B SER A 1 137 ? 9.858   1.263   -0.745  0.40 15.80 ? 200 SER A CA  1 
ATOM   1118 C C   . SER A 1 137 ? 8.687   1.821   0.034   1.00 16.19 ? 200 SER A C   1 
ATOM   1119 O O   . SER A 1 137 ? 7.562   1.861   -0.467  1.00 17.01 ? 200 SER A O   1 
ATOM   1120 C CB  A SER A 1 137 ? 10.239  2.387   -1.809  0.60 16.59 ? 200 SER A CB  1 
ATOM   1121 C CB  B SER A 1 137 ? 10.425  2.328   -1.671  0.40 16.14 ? 200 SER A CB  1 
ATOM   1122 O OG  A SER A 1 137 ? 11.281  1.963   -2.676  0.60 16.51 ? 200 SER A OG  1 
ATOM   1123 O OG  B SER A 1 137 ? 9.471   2.722   -2.633  0.40 15.93 ? 200 SER A OG  1 
ATOM   1124 N N   . SER A 1 138 ? 8.950   2.201   1.293   1.00 15.17 ? 201 SER A N   1 
ATOM   1125 C CA  . SER A 1 138 ? 7.958   2.876   2.126   1.00 15.43 ? 201 SER A CA  1 
ATOM   1126 C C   . SER A 1 138 ? 8.426   4.299   2.362   1.00 16.21 ? 201 SER A C   1 
ATOM   1127 O O   . SER A 1 138 ? 9.594   4.528   2.728   1.00 15.85 ? 201 SER A O   1 
ATOM   1128 C CB  . SER A 1 138 ? 7.724   2.188   3.474   1.00 15.92 ? 201 SER A CB  1 
ATOM   1129 O OG  . SER A 1 138 ? 6.816   2.963   4.277   1.00 16.46 ? 201 SER A OG  1 
ATOM   1130 N N   . ASP A 1 139 ? 7.523   5.242   2.139   1.00 16.23 ? 202 ASP A N   1 
ATOM   1131 C CA  . ASP A 1 139 ? 7.791   6.656   2.399   1.00 18.78 ? 202 ASP A CA  1 
ATOM   1132 C C   . ASP A 1 139 ? 7.391   7.068   3.816   1.00 17.71 ? 202 ASP A C   1 
ATOM   1133 O O   . ASP A 1 139 ? 7.599   8.218   4.234   1.00 20.44 ? 202 ASP A O   1 
ATOM   1134 C CB  . ASP A 1 139 ? 7.082   7.527   1.355   1.00 21.30 ? 202 ASP A CB  1 
ATOM   1135 C CG  . ASP A 1 139 ? 7.969   7.854   0.170   1.00 26.10 ? 202 ASP A CG  1 
ATOM   1136 O OD1 . ASP A 1 139 ? 8.738   6.973   -0.280  1.00 29.41 ? 202 ASP A OD1 1 
ATOM   1137 O OD2 . ASP A 1 139 ? 7.907   9.010   -0.312  1.00 31.18 ? 202 ASP A OD2 1 
ATOM   1138 N N   . ALA A 1 140 ? 6.852   6.120   4.573   1.00 16.28 ? 203 ALA A N   1 
ATOM   1139 C CA  . ALA A 1 140 ? 6.401   6.378   5.936   1.00 16.00 ? 203 ALA A CA  1 
ATOM   1140 C C   . ALA A 1 140 ? 6.970   5.326   6.900   1.00 15.89 ? 203 ALA A C   1 
ATOM   1141 O O   . ALA A 1 140 ? 7.445   4.271   6.466   1.00 15.42 ? 203 ALA A O   1 
ATOM   1142 C CB  . ALA A 1 140 ? 4.879   6.398   5.984   1.00 15.99 ? 203 ALA A CB  1 
ATOM   1143 N N   . GLU A 1 141 ? 6.944   5.626   8.199   1.00 16.24 ? 204 GLU A N   1 
ATOM   1144 C CA  . GLU A 1 141 ? 7.316   4.637   9.227   1.00 16.47 ? 204 GLU A CA  1 
ATOM   1145 C C   . GLU A 1 141 ? 6.421   3.414   9.072   1.00 15.85 ? 204 GLU A C   1 
ATOM   1146 O O   . GLU A 1 141 ? 5.247   3.541   8.705   1.00 15.13 ? 204 GLU A O   1 
ATOM   1147 C CB  . GLU A 1 141 ? 7.097   5.189   10.635  1.00 18.13 ? 204 GLU A CB  1 
ATOM   1148 C CG  . GLU A 1 141 ? 8.133   6.197   11.113  1.00 23.48 ? 204 GLU A CG  1 
ATOM   1149 C CD  . GLU A 1 141 ? 8.076   6.387   12.622  1.00 27.08 ? 204 GLU A CD  1 
ATOM   1150 O OE1 . GLU A 1 141 ? 7.019   6.088   13.236  1.00 27.69 ? 204 GLU A OE1 1 
ATOM   1151 O OE2 . GLU A 1 141 ? 9.089   6.829   13.202  1.00 31.60 ? 204 GLU A OE2 1 
ATOM   1152 N N   . PHE A 1 142 ? 6.970   2.248   9.375   1.00 15.04 ? 205 PHE A N   1 
ATOM   1153 C CA  . PHE A 1 142 ? 6.218   1.005   9.265   1.00 14.73 ? 205 PHE A CA  1 
ATOM   1154 C C   . PHE A 1 142 ? 6.680   -0.023  10.273  1.00 14.86 ? 205 PHE A C   1 
ATOM   1155 O O   . PHE A 1 142 ? 7.794   0.069   10.830  1.00 14.13 ? 205 PHE A O   1 
ATOM   1156 C CB  . PHE A 1 142 ? 6.315   0.402   7.855   1.00 13.98 ? 205 PHE A CB  1 
ATOM   1157 C CG  . PHE A 1 142 ? 7.715   0.025   7.441   1.00 13.82 ? 205 PHE A CG  1 
ATOM   1158 C CD1 . PHE A 1 142 ? 8.181   -1.275  7.601   1.00 13.68 ? 205 PHE A CD1 1 
ATOM   1159 C CD2 . PHE A 1 142 ? 8.568   0.976   6.875   1.00 13.84 ? 205 PHE A CD2 1 
ATOM   1160 C CE1 . PHE A 1 142 ? 9.459   -1.628  7.197   1.00 13.89 ? 205 PHE A CE1 1 
ATOM   1161 C CE2 . PHE A 1 142 ? 9.854   0.632   6.497   1.00 14.19 ? 205 PHE A CE2 1 
ATOM   1162 C CZ  . PHE A 1 142 ? 10.301  -0.671  6.649   1.00 13.92 ? 205 PHE A CZ  1 
ATOM   1163 N N   . TYR A 1 143 ? 5.820   -1.026  10.454  1.00 15.28 ? 206 TYR A N   1 
ATOM   1164 C CA  . TYR A 1 143 ? 6.108   -2.189  11.283  1.00 15.73 ? 206 TYR A CA  1 
ATOM   1165 C C   . TYR A 1 143 ? 6.116   -3.421  10.426  1.00 15.90 ? 206 TYR A C   1 
ATOM   1166 O O   . TYR A 1 143 ? 5.510   -3.446  9.337   1.00 16.66 ? 206 TYR A O   1 
ATOM   1167 C CB  . TYR A 1 143 ? 5.023   -2.364  12.343  1.00 16.37 ? 206 TYR A CB  1 
ATOM   1168 C CG  . TYR A 1 143 ? 4.975   -1.249  13.349  1.00 17.76 ? 206 TYR A CG  1 
ATOM   1169 C CD1 . TYR A 1 143 ? 5.683   -1.338  14.555  1.00 18.23 ? 206 TYR A CD1 1 
ATOM   1170 C CD2 . TYR A 1 143 ? 4.246   -0.091  13.088  1.00 18.39 ? 206 TYR A CD2 1 
ATOM   1171 C CE1 . TYR A 1 143 ? 5.635   -0.303  15.484  1.00 20.09 ? 206 TYR A CE1 1 
ATOM   1172 C CE2 . TYR A 1 143 ? 4.195   0.947   14.007  1.00 20.47 ? 206 TYR A CE2 1 
ATOM   1173 C CZ  . TYR A 1 143 ? 4.890   0.836   15.192  1.00 20.75 ? 206 TYR A CZ  1 
ATOM   1174 O OH  . TYR A 1 143 ? 4.827   1.879   16.086  1.00 23.40 ? 206 TYR A OH  1 
ATOM   1175 N N   . LEU A 1 144 ? 6.786   -4.459  10.916  1.00 15.96 ? 207 LEU A N   1 
ATOM   1176 C CA  . LEU A 1 144 ? 6.693   -5.755  10.289  1.00 15.98 ? 207 LEU A CA  1 
ATOM   1177 C C   . LEU A 1 144 ? 5.900   -6.718  11.166  1.00 16.44 ? 207 LEU A C   1 
ATOM   1178 O O   . LEU A 1 144 ? 6.089   -6.748  12.389  1.00 16.18 ? 207 LEU A O   1 
ATOM   1179 C CB  . LEU A 1 144 ? 8.076   -6.301  9.964   1.00 15.96 ? 207 LEU A CB  1 
ATOM   1180 C CG  . LEU A 1 144 ? 8.884   -5.489  8.931   1.00 15.56 ? 207 LEU A CG  1 
ATOM   1181 C CD1 . LEU A 1 144 ? 10.208  -6.201  8.734   1.00 16.45 ? 207 LEU A CD1 1 
ATOM   1182 C CD2 . LEU A 1 144 ? 8.140   -5.405  7.604   1.00 14.68 ? 207 LEU A CD2 1 
ATOM   1183 N N   . ILE A 1 145 ? 4.992   -7.464  10.529  1.00 15.60 ? 208 ILE A N   1 
ATOM   1184 C CA  . ILE A 1 145 ? 4.173   -8.474  11.216  1.00 15.98 ? 208 ILE A CA  1 
ATOM   1185 C C   . ILE A 1 145 ? 4.257   -9.793  10.430  1.00 16.24 ? 208 ILE A C   1 
ATOM   1186 O O   . ILE A 1 145 ? 3.952   -9.818  9.240   1.00 16.73 ? 208 ILE A O   1 
ATOM   1187 C CB  . ILE A 1 145 ? 2.682   -8.028  11.373  1.00 15.94 ? 208 ILE A CB  1 
ATOM   1188 C CG1 . ILE A 1 145 ? 2.557   -6.704  12.173  1.00 15.47 ? 208 ILE A CG1 1 
ATOM   1189 C CG2 . ILE A 1 145 ? 1.852   -9.138  12.023  1.00 16.11 ? 208 ILE A CG2 1 
ATOM   1190 C CD1 . ILE A 1 145 ? 1.163   -6.091  12.182  1.00 16.06 ? 208 ILE A CD1 1 
ATOM   1191 N N   . PRO A 1 146 ? 4.648   -10.902 11.092  1.00 16.93 ? 209 PRO A N   1 
ATOM   1192 C CA  . PRO A 1 146 ? 4.762   -12.176 10.369  1.00 17.24 ? 209 PRO A CA  1 
ATOM   1193 C C   . PRO A 1 146 ? 3.418   -12.628 9.820   1.00 17.35 ? 209 PRO A C   1 
ATOM   1194 O O   . PRO A 1 146 ? 2.370   -12.344 10.414  1.00 16.96 ? 209 PRO A O   1 
ATOM   1195 C CB  . PRO A 1 146 ? 5.260   -13.180 11.427  1.00 17.36 ? 209 PRO A CB  1 
ATOM   1196 C CG  . PRO A 1 146 ? 5.476   -12.410 12.680  1.00 17.79 ? 209 PRO A CG  1 
ATOM   1197 C CD  . PRO A 1 146 ? 4.865   -11.047 12.543  1.00 17.73 ? 209 PRO A CD  1 
ATOM   1198 N N   . GLN A 1 147 ? 3.458   -13.325 8.688   1.00 16.91 ? 210 GLN A N   1 
ATOM   1199 C CA  . GLN A 1 147 ? 2.238   -13.844 8.044   1.00 18.59 ? 210 GLN A CA  1 
ATOM   1200 C C   . GLN A 1 147 ? 1.465   -14.752 9.012   1.00 18.83 ? 210 GLN A C   1 
ATOM   1201 O O   . GLN A 1 147 ? 0.230   -14.800 8.980   1.00 19.11 ? 210 GLN A O   1 
ATOM   1202 C CB  . GLN A 1 147 ? 2.612   -14.629 6.785   1.00 19.22 ? 210 GLN A CB  1 
ATOM   1203 C CG  . GLN A 1 147 ? 1.421   -15.013 5.925   1.00 20.74 ? 210 GLN A CG  1 
ATOM   1204 C CD  . GLN A 1 147 ? 0.813   -16.347 6.322   1.00 23.24 ? 210 GLN A CD  1 
ATOM   1205 O OE1 . GLN A 1 147 ? 1.488   -17.207 6.905   1.00 23.51 ? 210 GLN A OE1 1 
ATOM   1206 N NE2 . GLN A 1 147 ? -0.466  -16.535 5.987   1.00 25.04 ? 210 GLN A NE2 1 
ATOM   1207 N N   . SER A 1 148 ? 2.202   -15.440 9.878   1.00 19.96 ? 211 SER A N   1 
ATOM   1208 C CA  . SER A 1 148 ? 1.605   -16.338 10.891  1.00 20.57 ? 211 SER A CA  1 
ATOM   1209 C C   . SER A 1 148 ? 0.672   -15.585 11.828  1.00 21.66 ? 211 SER A C   1 
ATOM   1210 O O   . SER A 1 148 ? -0.205  -16.179 12.464  1.00 22.12 ? 211 SER A O   1 
ATOM   1211 C CB  . SER A 1 148 ? 2.699   -17.028 11.708  1.00 20.77 ? 211 SER A CB  1 
ATOM   1212 O OG  . SER A 1 148 ? 3.488   -16.071 12.401  1.00 20.94 ? 211 SER A OG  1 
ATOM   1213 N N   . GLN A 1 149 ? 0.865   -14.270 11.899  1.00 21.08 ? 212 GLN A N   1 
ATOM   1214 C CA  . GLN A 1 149 ? 0.062   -13.405 12.753  1.00 21.05 ? 212 GLN A CA  1 
ATOM   1215 C C   . GLN A 1 149 ? -0.727  -12.410 11.923  1.00 19.17 ? 212 GLN A C   1 
ATOM   1216 O O   . GLN A 1 149 ? -0.888  -11.262 12.310  1.00 18.86 ? 212 GLN A O   1 
ATOM   1217 C CB  . GLN A 1 149 ? 0.951   -12.682 13.754  1.00 22.86 ? 212 GLN A CB  1 
ATOM   1218 C CG  . GLN A 1 149 ? 2.023   -13.584 14.344  1.00 27.72 ? 212 GLN A CG  1 
ATOM   1219 C CD  . GLN A 1 149 ? 2.653   -13.030 15.602  1.00 32.01 ? 212 GLN A CD  1 
ATOM   1220 O OE1 . GLN A 1 149 ? 1.969   -12.451 16.455  1.00 35.80 ? 212 GLN A OE1 1 
ATOM   1221 N NE2 . GLN A 1 149 ? 3.960   -13.231 15.744  1.00 32.99 ? 212 GLN A NE2 1 
ATOM   1222 N N   . THR A 1 150 ? -1.223  -12.870 10.777  1.00 18.68 ? 213 THR A N   1 
ATOM   1223 C CA  . THR A 1 150 ? -2.098  -12.060 9.932   1.00 17.55 ? 213 THR A CA  1 
ATOM   1224 C C   . THR A 1 150 ? -3.341  -11.529 10.654  1.00 17.76 ? 213 THR A C   1 
ATOM   1225 O O   . THR A 1 150 ? -3.737  -10.379 10.455  1.00 17.03 ? 213 THR A O   1 
ATOM   1226 C CB  . THR A 1 150 ? -2.500  -12.814 8.649   1.00 17.77 ? 213 THR A CB  1 
ATOM   1227 O OG1 . THR A 1 150 ? -1.330  -13.017 7.847   1.00 18.69 ? 213 THR A OG1 1 
ATOM   1228 C CG2 . THR A 1 150 ? -3.564  -12.036 7.850   1.00 16.52 ? 213 THR A CG2 1 
ATOM   1229 N N   . ALA A 1 151 ? -3.966  -12.365 11.488  1.00 17.56 ? 214 ALA A N   1 
ATOM   1230 C CA  . ALA A 1 151 ? -5.117  -11.909 12.267  1.00 17.18 ? 214 ALA A CA  1 
ATOM   1231 C C   . ALA A 1 151 ? -4.823  -10.589 13.004  1.00 16.46 ? 214 ALA A C   1 
ATOM   1232 O O   . ALA A 1 151 ? -5.658  -9.715  13.032  1.00 16.82 ? 214 ALA A O   1 
ATOM   1233 C CB  . ALA A 1 151 ? -5.551  -12.988 13.260  1.00 16.80 ? 214 ALA A CB  1 
ATOM   1234 N N   . MET A 1 152 ? -3.639  -10.462 13.594  1.00 16.97 ? 215 MET A N   1 
ATOM   1235 C CA  . MET A 1 152 ? -3.286  -9.239  14.319  1.00 17.78 ? 215 MET A CA  1 
ATOM   1236 C C   . MET A 1 152 ? -3.081  -8.048  13.376  1.00 15.96 ? 215 MET A C   1 
ATOM   1237 O O   . MET A 1 152 ? -3.445  -6.922  13.701  1.00 14.38 ? 215 MET A O   1 
ATOM   1238 C CB  . MET A 1 152 ? -2.083  -9.457  15.240  1.00 21.05 ? 215 MET A CB  1 
ATOM   1239 C CG  . MET A 1 152 ? -2.451  -10.165 16.544  1.00 26.02 ? 215 MET A CG  1 
ATOM   1240 S SD  . MET A 1 152 ? -3.634  -9.221  17.548  1.00 31.20 ? 215 MET A SD  1 
ATOM   1241 C CE  . MET A 1 152 ? -2.624  -7.852  18.122  1.00 31.12 ? 215 MET A CE  1 
ATOM   1242 N N   . CYS A 1 153 ? -2.525  -8.303  12.190  1.00 15.22 ? 216 CYS A N   1 
ATOM   1243 C CA  . CYS A 1 153 ? -2.461  -7.246  11.184  1.00 14.55 ? 216 CYS A CA  1 
ATOM   1244 C C   . CYS A 1 153 ? -3.882  -6.753  10.838  1.00 14.20 ? 216 CYS A C   1 
ATOM   1245 O O   . CYS A 1 153 ? -4.126  -5.562  10.772  1.00 13.49 ? 216 CYS A O   1 
ATOM   1246 C CB  . CYS A 1 153 ? -1.659  -7.706  9.939   1.00 14.73 ? 216 CYS A CB  1 
ATOM   1247 S SG  . CYS A 1 153 ? -1.245  -6.352  8.795   1.00 15.35 ? 216 CYS A SG  1 
ATOM   1248 N N   . THR A 1 154 ? -4.823  -7.674  10.625  1.00 14.79 ? 217 THR A N   1 
ATOM   1249 C CA  . THR A 1 154 ? -6.208  -7.329  10.323  1.00 14.57 ? 217 THR A CA  1 
ATOM   1250 C C   . THR A 1 154 ? -6.839  -6.493  11.449  1.00 14.69 ? 217 THR A C   1 
ATOM   1251 O O   . THR A 1 154 ? -7.537  -5.509  11.186  1.00 15.44 ? 217 THR A O   1 
ATOM   1252 C CB  . THR A 1 154 ? -7.049  -8.607  10.106  1.00 15.60 ? 217 THR A CB  1 
ATOM   1253 O OG1 . THR A 1 154 ? -6.460  -9.384  9.051   1.00 16.24 ? 217 THR A OG1 1 
ATOM   1254 C CG2 . THR A 1 154 ? -8.472  -8.258  9.720   1.00 15.54 ? 217 THR A CG2 1 
ATOM   1255 N N   . GLN A 1 155 ? -6.565  -6.921  12.679  1.00 15.34 ? 218 GLN A N   1 
ATOM   1256 C CA  . GLN A 1 155 ? -6.983  -6.224  13.909  1.00 16.26 ? 218 GLN A CA  1 
ATOM   1257 C C   . GLN A 1 155 ? -6.544  -4.748  13.863  1.00 15.47 ? 218 GLN A C   1 
ATOM   1258 O O   . GLN A 1 155 ? -7.364  -3.849  14.008  1.00 15.80 ? 218 GLN A O   1 
ATOM   1259 C CB  . GLN A 1 155 ? -6.406  -6.958  15.133  1.00 17.04 ? 218 GLN A CB  1 
ATOM   1260 C CG  . GLN A 1 155 ? -6.628  -6.291  16.481  1.00 19.84 ? 218 GLN A CG  1 
ATOM   1261 C CD  . GLN A 1 155 ? -8.090  -6.188  16.885  1.00 20.55 ? 218 GLN A CD  1 
ATOM   1262 O OE1 . GLN A 1 155 ? -8.905  -7.090  16.626  1.00 21.94 ? 218 GLN A OE1 1 
ATOM   1263 N NE2 . GLN A 1 155 ? -8.437  -5.077  17.529  1.00 23.40 ? 218 GLN A NE2 1 
ATOM   1264 N N   . TYR A 1 156 ? -5.256  -4.517  13.616  1.00 15.69 ? 219 TYR A N   1 
ATOM   1265 C CA  . TYR A 1 156 ? -4.699  -3.166  13.502  1.00 15.49 ? 219 TYR A CA  1 
ATOM   1266 C C   . TYR A 1 156 ? -5.251  -2.370  12.319  1.00 14.46 ? 219 TYR A C   1 
ATOM   1267 O O   . TYR A 1 156 ? -5.608  -1.208  12.458  1.00 14.45 ? 219 TYR A O   1 
ATOM   1268 C CB  . TYR A 1 156 ? -3.173  -3.233  13.409  1.00 15.78 ? 219 TYR A CB  1 
ATOM   1269 C CG  . TYR A 1 156 ? -2.469  -3.798  14.632  1.00 16.72 ? 219 TYR A CG  1 
ATOM   1270 C CD1 . TYR A 1 156 ? -2.928  -3.524  15.925  1.00 18.65 ? 219 TYR A CD1 1 
ATOM   1271 C CD2 . TYR A 1 156 ? -1.318  -4.572  14.494  1.00 17.74 ? 219 TYR A CD2 1 
ATOM   1272 C CE1 . TYR A 1 156 ? -2.267  -4.034  17.038  1.00 19.76 ? 219 TYR A CE1 1 
ATOM   1273 C CE2 . TYR A 1 156 ? -0.648  -5.076  15.603  1.00 19.12 ? 219 TYR A CE2 1 
ATOM   1274 C CZ  . TYR A 1 156 ? -1.134  -4.795  16.870  1.00 19.96 ? 219 TYR A CZ  1 
ATOM   1275 O OH  . TYR A 1 156 ? -0.481  -5.294  17.975  1.00 23.62 ? 219 TYR A OH  1 
ATOM   1276 N N   . ILE A 1 157 ? -5.309  -2.978  11.142  1.00 14.52 ? 220 ILE A N   1 
ATOM   1277 C CA  . ILE A 1 157 ? -5.906  -2.299  9.982   1.00 13.72 ? 220 ILE A CA  1 
ATOM   1278 C C   . ILE A 1 157 ? -7.339  -1.780  10.267  1.00 14.55 ? 220 ILE A C   1 
ATOM   1279 O O   . ILE A 1 157 ? -7.687  -0.640  9.963   1.00 14.18 ? 220 ILE A O   1 
ATOM   1280 C CB  . ILE A 1 157 ? -5.919  -3.230  8.744   1.00 13.78 ? 220 ILE A CB  1 
ATOM   1281 C CG1 . ILE A 1 157 ? -4.490  -3.447  8.231   1.00 13.70 ? 220 ILE A CG1 1 
ATOM   1282 C CG2 . ILE A 1 157 ? -6.822  -2.642  7.668   1.00 13.54 ? 220 ILE A CG2 1 
ATOM   1283 C CD1 . ILE A 1 157 ? -3.940  -2.242  7.470   1.00 13.99 ? 220 ILE A CD1 1 
ATOM   1284 N N   . ASN A 1 158 ? -8.168  -2.630  10.857  1.00 14.91 ? 221 ASN A N   1 
ATOM   1285 C CA  . ASN A 1 158 ? -9.570  -2.290  11.056  1.00 15.47 ? 221 ASN A CA  1 
ATOM   1286 C C   . ASN A 1 158 ? -9.883  -1.420  12.270  1.00 16.31 ? 221 ASN A C   1 
ATOM   1287 O O   . ASN A 1 158 ? -10.830 -0.628  12.249  1.00 16.55 ? 221 ASN A O   1 
ATOM   1288 C CB  . ASN A 1 158 ? -10.381 -3.577  11.109  1.00 15.81 ? 221 ASN A CB  1 
ATOM   1289 C CG  . ASN A 1 158 ? -10.695 -4.088  9.717   1.00 15.98 ? 221 ASN A CG  1 
ATOM   1290 O OD1 . ASN A 1 158 ? -11.071 -3.308  8.835   1.00 15.24 ? 221 ASN A OD1 1 
ATOM   1291 N ND2 . ASN A 1 158 ? -10.542 -5.381  9.511   1.00 16.97 ? 221 ASN A ND2 1 
ATOM   1292 N N   . ASN A 1 159 ? -9.068  -1.574  13.308  1.00 16.88 ? 222 ASN A N   1 
ATOM   1293 C CA  . ASN A 1 159 ? -9.369  -0.987  14.616  1.00 18.57 ? 222 ASN A CA  1 
ATOM   1294 C C   . ASN A 1 159 ? -8.327  -0.020  15.125  1.00 18.49 ? 222 ASN A C   1 
ATOM   1295 O O   . ASN A 1 159 ? -8.531  0.612   16.173  1.00 19.12 ? 222 ASN A O   1 
ATOM   1296 C CB  . ASN A 1 159 ? -9.575  -2.106  15.637  1.00 20.12 ? 222 ASN A CB  1 
ATOM   1297 C CG  . ASN A 1 159 ? -10.701 -3.041  15.235  1.00 22.73 ? 222 ASN A CG  1 
ATOM   1298 O OD1 . ASN A 1 159 ? -11.872 -2.677  15.306  1.00 24.28 ? 222 ASN A OD1 1 
ATOM   1299 N ND2 . ASN A 1 159 ? -10.347 -4.248  14.787  1.00 24.47 ? 222 ASN A ND2 1 
ATOM   1300 N N   . GLY A 1 160 ? -7.224  0.094   14.388  1.00 18.47 ? 223 GLY A N   1 
ATOM   1301 C CA  . GLY A 1 160 ? -6.101  0.944   14.773  1.00 18.51 ? 223 GLY A CA  1 
ATOM   1302 C C   . GLY A 1 160 ? -5.099  0.223   15.644  1.00 19.44 ? 223 GLY A C   1 
ATOM   1303 O O   . GLY A 1 160 ? -5.379  -0.848  16.206  1.00 20.33 ? 223 GLY A O   1 
ATOM   1304 N N   . LEU A 1 161 ? -3.919  0.813   15.762  1.00 18.88 ? 224 LEU A N   1 
ATOM   1305 C CA  . LEU A 1 161 ? -2.869  0.280   16.611  1.00 20.45 ? 224 LEU A CA  1 
ATOM   1306 C C   . LEU A 1 161 ? -3.255  0.374   18.087  1.00 22.42 ? 224 LEU A C   1 
ATOM   1307 O O   . LEU A 1 161 ? -2.691  -0.318  18.934  1.00 24.22 ? 224 LEU A O   1 
ATOM   1308 C CB  . LEU A 1 161 ? -1.553  1.004   16.317  1.00 20.93 ? 224 LEU A CB  1 
ATOM   1309 C CG  . LEU A 1 161 ? -0.896  0.496   15.036  1.00 21.62 ? 224 LEU A CG  1 
ATOM   1310 C CD1 . LEU A 1 161 ? 0.063   1.525   14.459  1.00 21.98 ? 224 LEU A CD1 1 
ATOM   1311 C CD2 . LEU A 1 161 ? -0.197  -0.842  15.279  1.00 21.72 ? 224 LEU A CD2 1 
ATOM   1312 O OXT . LEU A 1 161 ? -4.173  1.107   18.463  1.00 21.99 ? 224 LEU A OXT 1 
HETATM 1313 C C1  . IPA B 2 .   ? 5.065   12.408  6.540   1.00 27.46 ? 301 IPA A C1  1 
HETATM 1314 C C2  . IPA B 2 .   ? 4.582   10.966  6.658   1.00 27.35 ? 301 IPA A C2  1 
HETATM 1315 C C3  . IPA B 2 .   ? 4.771   10.458  8.083   1.00 27.37 ? 301 IPA A C3  1 
HETATM 1316 O O2  . IPA B 2 .   ? 3.209   10.864  6.244   1.00 26.46 ? 301 IPA A O2  1 
HETATM 1317 C C1  . IPA C 2 .   ? 7.661   8.155   -19.328 1.00 35.42 ? 302 IPA A C1  1 
HETATM 1318 C C2  . IPA C 2 .   ? 6.654   8.514   -20.401 1.00 34.31 ? 302 IPA A C2  1 
HETATM 1319 C C3  . IPA C 2 .   ? 5.981   7.269   -20.958 1.00 36.23 ? 302 IPA A C3  1 
HETATM 1320 O O2  . IPA C 2 .   ? 5.690   9.395   -19.829 1.00 34.18 ? 302 IPA A O2  1 
HETATM 1321 C C1  . IPA D 2 .   ? -15.484 6.965   -0.575  1.00 29.02 ? 303 IPA A C1  1 
HETATM 1322 C C2  . IPA D 2 .   ? -15.058 6.467   -1.942  1.00 27.64 ? 303 IPA A C2  1 
HETATM 1323 C C3  . IPA D 2 .   ? -16.285 6.090   -2.772  1.00 29.36 ? 303 IPA A C3  1 
HETATM 1324 O O2  . IPA D 2 .   ? -14.335 7.507   -2.608  1.00 28.64 ? 303 IPA A O2  1 
HETATM 1325 C C1  . IPA E 2 .   ? -12.539 0.356   -4.990  1.00 32.17 ? 304 IPA A C1  1 
HETATM 1326 C C2  . IPA E 2 .   ? -12.356 -1.147  -4.832  1.00 31.55 ? 304 IPA A C2  1 
HETATM 1327 C C3  . IPA E 2 .   ? -11.906 -1.777  -6.138  1.00 34.01 ? 304 IPA A C3  1 
HETATM 1328 O O2  . IPA E 2 .   ? -11.398 -1.435  -3.804  1.00 33.74 ? 304 IPA A O2  1 
HETATM 1329 C C1  . IPA F 2 .   ? -9.599  15.209  -14.304 1.00 29.61 ? 305 IPA A C1  1 
HETATM 1330 C C2  . IPA F 2 .   ? -9.886  14.969  -12.825 1.00 25.31 ? 305 IPA A C2  1 
HETATM 1331 C C3  . IPA F 2 .   ? -11.348 14.617  -12.628 1.00 27.66 ? 305 IPA A C3  1 
HETATM 1332 O O2  . IPA F 2 .   ? -9.095  13.876  -12.370 1.00 28.89 ? 305 IPA A O2  1 
HETATM 1333 C C1  . IPA G 2 .   ? 0.487   -2.147  -19.723 1.00 27.16 ? 306 IPA A C1  1 
HETATM 1334 C C2  . IPA G 2 .   ? 0.430   -1.362  -18.416 1.00 24.73 ? 306 IPA A C2  1 
HETATM 1335 C C3  . IPA G 2 .   ? -0.262  -0.038  -18.680 1.00 26.32 ? 306 IPA A C3  1 
HETATM 1336 O O2  . IPA G 2 .   ? -0.395  -2.035  -17.464 1.00 28.15 ? 306 IPA A O2  1 
HETATM 1337 C C1  . IPA H 2 .   ? -0.238  18.515  -8.725  1.00 35.14 ? 307 IPA A C1  1 
HETATM 1338 C C2  . IPA H 2 .   ? -0.058  18.551  -7.218  1.00 35.13 ? 307 IPA A C2  1 
HETATM 1339 C C3  . IPA H 2 .   ? -1.063  19.486  -6.574  1.00 38.67 ? 307 IPA A C3  1 
HETATM 1340 O O2  . IPA H 2 .   ? -0.272  17.247  -6.694  1.00 37.37 ? 307 IPA A O2  1 
HETATM 1341 S S   . SO4 I 3 .   ? -6.499  19.068  -4.884  1.00 42.83 ? 308 SO4 A S   1 
HETATM 1342 O O1  . SO4 I 3 .   ? -7.244  19.480  -6.094  1.00 44.45 ? 308 SO4 A O1  1 
HETATM 1343 O O2  . SO4 I 3 .   ? -5.309  18.264  -5.266  1.00 39.79 ? 308 SO4 A O2  1 
HETATM 1344 O O3  . SO4 I 3 .   ? -6.020  20.276  -4.159  1.00 43.82 ? 308 SO4 A O3  1 
HETATM 1345 O O4  . SO4 I 3 .   ? -7.423  18.290  -4.027  1.00 39.63 ? 308 SO4 A O4  1 
HETATM 1346 C C1  . GOL J 4 .   ? -2.993  -0.084  -0.864  1.00 32.38 ? 309 GOL A C1  1 
HETATM 1347 O O1  . GOL J 4 .   ? -2.052  -0.664  0.037   1.00 32.18 ? 309 GOL A O1  1 
HETATM 1348 C C2  . GOL J 4 .   ? -4.377  -0.091  -0.233  1.00 33.56 ? 309 GOL A C2  1 
HETATM 1349 O O2  . GOL J 4 .   ? -4.535  -1.251  0.606   1.00 33.35 ? 309 GOL A O2  1 
HETATM 1350 C C3  . GOL J 4 .   ? -5.420  -0.043  -1.343  1.00 32.23 ? 309 GOL A C3  1 
HETATM 1351 O O3  . GOL J 4 .   ? -6.270  -1.201  -1.326  1.00 33.95 ? 309 GOL A O3  1 
HETATM 1352 O O   . HOH K 5 .   ? 15.228  -14.854 -8.659  1.00 40.77 ? 401 HOH A O   1 
HETATM 1353 O O   . HOH K 5 .   ? 7.165   -2.971  17.897  1.00 31.88 ? 402 HOH A O   1 
HETATM 1354 O O   . HOH K 5 .   ? -5.112  -6.847  -13.396 1.00 23.22 ? 403 HOH A O   1 
HETATM 1355 O O   . HOH K 5 .   ? 2.890   -20.572 -9.689  1.00 41.91 ? 404 HOH A O   1 
HETATM 1356 O O   . HOH K 5 .   ? -3.462  -2.291  2.510   1.00 17.02 ? 405 HOH A O   1 
HETATM 1357 O O   . HOH K 5 .   ? 12.215  -11.597 -3.604  1.00 37.70 ? 406 HOH A O   1 
HETATM 1358 O O   . HOH K 5 .   ? -15.259 13.190  -3.963  1.00 33.39 ? 407 HOH A O   1 
HETATM 1359 O O   . HOH K 5 .   ? -12.524 1.494   -0.331  1.00 30.49 ? 408 HOH A O   1 
HETATM 1360 O O   . HOH K 5 .   ? 10.506  0.998   -9.823  1.00 30.12 ? 409 HOH A O   1 
HETATM 1361 O O   . HOH K 5 .   ? -8.970  9.915   10.975  1.00 36.80 ? 410 HOH A O   1 
HETATM 1362 O O   . HOH K 5 .   ? -13.058 6.631   1.429   1.00 28.13 ? 411 HOH A O   1 
HETATM 1363 O O   . HOH K 5 .   ? 3.553   10.178  -21.113 1.00 34.48 ? 412 HOH A O   1 
HETATM 1364 O O   . HOH K 5 .   ? 8.021   -8.775  -6.286  1.00 19.38 ? 413 HOH A O   1 
HETATM 1365 O O   . HOH K 5 .   ? 0.821   -8.519  16.292  1.00 34.08 ? 414 HOH A O   1 
HETATM 1366 O O   . HOH K 5 .   ? 10.267  -8.902  11.536  1.00 27.36 ? 415 HOH A O   1 
HETATM 1367 O O   . HOH K 5 .   ? -2.731  12.361  -2.166  1.00 13.74 ? 416 HOH A O   1 
HETATM 1368 O O   . HOH K 5 .   ? -7.010  5.757   14.702  1.00 21.18 ? 417 HOH A O   1 
HETATM 1369 O O   . HOH K 5 .   ? 5.472   4.042   -16.685 1.00 27.21 ? 418 HOH A O   1 
HETATM 1370 O O   . HOH K 5 .   ? 1.920   -20.931 4.793   1.00 46.59 ? 419 HOH A O   1 
HETATM 1371 O O   . HOH K 5 .   ? -6.265  1.412   8.690   1.00 16.91 ? 420 HOH A O   1 
HETATM 1372 O O   . HOH K 5 .   ? -13.403 2.125   10.866  1.00 23.68 ? 421 HOH A O   1 
HETATM 1373 O O   . HOH K 5 .   ? -17.055 -2.339  6.496   1.00 32.81 ? 422 HOH A O   1 
HETATM 1374 O O   . HOH K 5 .   ? 8.554   -12.480 -13.708 1.00 18.78 ? 423 HOH A O   1 
HETATM 1375 O O   . HOH K 5 .   ? 9.183   5.396   -2.700  1.00 45.22 ? 424 HOH A O   1 
HETATM 1376 O O   . HOH K 5 .   ? 10.788  -15.025 5.062   1.00 29.41 ? 425 HOH A O   1 
HETATM 1377 O O   . HOH K 5 .   ? -0.065  -19.667 -3.724  1.00 25.54 ? 426 HOH A O   1 
HETATM 1378 O O   . HOH K 5 .   ? -3.101  6.977   -14.809 1.00 13.19 ? 427 HOH A O   1 
HETATM 1379 O O   . HOH K 5 .   ? 4.509   -11.952 -12.126 1.00 14.01 ? 428 HOH A O   1 
HETATM 1380 O O   . HOH K 5 .   ? -4.032  18.859  -7.692  1.00 36.41 ? 429 HOH A O   1 
HETATM 1381 O O   . HOH K 5 .   ? 14.067  4.672   0.313   1.00 27.42 ? 430 HOH A O   1 
HETATM 1382 O O   . HOH K 5 .   ? -13.113 -0.266  15.178  1.00 40.99 ? 431 HOH A O   1 
HETATM 1383 O O   . HOH K 5 .   ? 5.854   1.243   -8.643  1.00 20.44 ? 432 HOH A O   1 
HETATM 1384 O O   . HOH K 5 .   ? -8.020  -17.834 -1.774  1.00 48.05 ? 433 HOH A O   1 
HETATM 1385 O O   . HOH K 5 .   ? 9.869   -12.772 -11.398 1.00 21.75 ? 434 HOH A O   1 
HETATM 1386 O O   . HOH K 5 .   ? 6.602   -10.085 2.744   1.00 16.84 ? 435 HOH A O   1 
HETATM 1387 O O   . HOH K 5 .   ? -15.236 -8.344  9.241   1.00 33.31 ? 436 HOH A O   1 
HETATM 1388 O O   . HOH K 5 .   ? 5.835   -13.351 -14.136 1.00 16.65 ? 437 HOH A O   1 
HETATM 1389 O O   . HOH K 5 .   ? 14.900  -10.445 1.018   1.00 24.51 ? 438 HOH A O   1 
HETATM 1390 O O   . HOH K 5 .   ? -6.666  -2.700  17.766  1.00 19.78 ? 439 HOH A O   1 
HETATM 1391 O O   . HOH K 5 .   ? -3.809  10.886  -14.853 1.00 20.55 ? 440 HOH A O   1 
HETATM 1392 O O   . HOH K 5 .   ? -8.633  1.691   -13.294 1.00 35.95 ? 441 HOH A O   1 
HETATM 1393 O O   . HOH K 5 .   ? 11.546  5.589   1.109   1.00 29.82 ? 442 HOH A O   1 
HETATM 1394 O O   . HOH K 5 .   ? -4.103  17.900  0.324   1.00 32.67 ? 443 HOH A O   1 
HETATM 1395 O O   . HOH K 5 .   ? -7.802  6.791   -10.454 1.00 21.31 ? 444 HOH A O   1 
HETATM 1396 O O   . HOH K 5 .   ? 10.195  6.304   -7.544  1.00 20.65 ? 445 HOH A O   1 
HETATM 1397 O O   . HOH K 5 .   ? -2.094  -0.750  -15.715 1.00 37.06 ? 446 HOH A O   1 
HETATM 1398 O O   . HOH K 5 .   ? -7.170  -12.037 9.335   1.00 28.75 ? 447 HOH A O   1 
HETATM 1399 O O   . HOH K 5 .   ? 4.143   -6.789  19.584  1.00 39.97 ? 448 HOH A O   1 
HETATM 1400 O O   . HOH K 5 .   ? -5.866  -12.157 -7.711  1.00 24.21 ? 449 HOH A O   1 
HETATM 1401 O O   . HOH K 5 .   ? 7.091   -15.909 -6.284  1.00 28.78 ? 450 HOH A O   1 
HETATM 1402 O O   . HOH K 5 .   ? 5.760   -20.423 -8.969  1.00 35.80 ? 451 HOH A O   1 
HETATM 1403 O O   . HOH K 5 .   ? 10.010  -6.415  -18.201 1.00 33.82 ? 452 HOH A O   1 
HETATM 1404 O O   . HOH K 5 .   ? -11.274 -7.185  15.161  1.00 36.54 ? 453 HOH A O   1 
HETATM 1405 O O   . HOH K 5 .   ? 5.874   -6.627  -18.582 1.00 20.08 ? 454 HOH A O   1 
HETATM 1406 O O   . HOH K 5 .   ? 4.134   -17.896 7.506   1.00 40.81 ? 455 HOH A O   1 
HETATM 1407 O O   . HOH K 5 .   ? 1.475   15.961  2.317   1.00 33.65 ? 456 HOH A O   1 
HETATM 1408 O O   . HOH K 5 .   ? 7.341   -14.635 8.772   1.00 21.15 ? 457 HOH A O   1 
HETATM 1409 O O   . HOH K 5 .   ? -11.000 1.443   17.216  1.00 39.29 ? 458 HOH A O   1 
HETATM 1410 O O   . HOH K 5 .   ? -4.954  8.009   -12.853 1.00 23.31 ? 459 HOH A O   1 
HETATM 1411 O O   . HOH K 5 .   ? 4.652   11.195  0.870   1.00 34.47 ? 460 HOH A O   1 
HETATM 1412 O O   . HOH K 5 .   ? 1.801   11.816  -15.884 1.00 18.89 ? 461 HOH A O   1 
HETATM 1413 O O   . HOH K 5 .   ? -14.687 -3.757  3.650   1.00 37.53 ? 462 HOH A O   1 
HETATM 1414 O O   . HOH K 5 .   ? 3.215   13.067  2.768   1.00 32.14 ? 463 HOH A O   1 
HETATM 1415 O O   . HOH K 5 .   ? 14.451  7.166   6.464   1.00 24.37 ? 464 HOH A O   1 
HETATM 1416 O O   . HOH K 5 .   ? 15.593  -4.076  -8.269  1.00 32.82 ? 465 HOH A O   1 
HETATM 1417 O O   . HOH K 5 .   ? 12.476  0.205   -8.054  1.00 32.34 ? 466 HOH A O   1 
HETATM 1418 O O   . HOH K 5 .   ? -12.131 18.600  -3.256  1.00 28.04 ? 467 HOH A O   1 
HETATM 1419 O O   . HOH K 5 .   ? 7.717   12.029  -15.936 1.00 18.01 ? 468 HOH A O   1 
HETATM 1420 O O   . HOH K 5 .   ? -12.471 1.481   13.583  1.00 23.98 ? 469 HOH A O   1 
HETATM 1421 O O   . HOH K 5 .   ? 3.557   12.417  -2.492  1.00 21.47 ? 470 HOH A O   1 
HETATM 1422 O O   . HOH K 5 .   ? -0.564  8.412   -15.256 1.00 16.50 ? 471 HOH A O   1 
HETATM 1423 O O   . HOH K 5 .   ? 3.639   5.577   -19.905 1.00 37.06 ? 472 HOH A O   1 
HETATM 1424 O O   . HOH K 5 .   ? -9.975  7.564   -6.843  1.00 20.29 ? 473 HOH A O   1 
HETATM 1425 O O   . HOH K 5 .   ? -6.991  -8.730  -6.919  1.00 35.90 ? 474 HOH A O   1 
HETATM 1426 O O   . HOH K 5 .   ? -3.630  -15.193 11.274  1.00 20.40 ? 475 HOH A O   1 
HETATM 1427 O O   . HOH K 5 .   ? 6.027   -17.465 0.756   1.00 31.33 ? 476 HOH A O   1 
HETATM 1428 O O   . HOH K 5 .   ? -13.065 15.410  8.161   1.00 29.61 ? 477 HOH A O   1 
HETATM 1429 O O   . HOH K 5 .   ? -15.624 4.411   4.683   1.00 31.87 ? 478 HOH A O   1 
HETATM 1430 O O   . HOH K 5 .   ? -8.517  -9.956  13.224  1.00 22.44 ? 479 HOH A O   1 
HETATM 1431 O O   . HOH K 5 .   ? -1.100  6.458   10.873  1.00 20.50 ? 480 HOH A O   1 
HETATM 1432 O O   . HOH K 5 .   ? -2.071  -16.521 9.268   1.00 27.37 ? 481 HOH A O   1 
HETATM 1433 O O   . HOH K 5 .   ? 2.396   -8.022  -18.009 1.00 20.80 ? 482 HOH A O   1 
HETATM 1434 O O   . HOH K 5 .   ? -7.053  0.912   18.710  1.00 40.99 ? 483 HOH A O   1 
HETATM 1435 O O   . HOH K 5 .   ? 3.582   16.662  -6.352  1.00 36.66 ? 484 HOH A O   1 
HETATM 1436 O O   . HOH K 5 .   ? 3.284   -0.629  -22.352 1.00 31.56 ? 485 HOH A O   1 
HETATM 1437 O O   . HOH K 5 .   ? -5.281  -20.709 -2.750  1.00 22.20 ? 486 HOH A O   1 
HETATM 1438 O O   . HOH K 5 .   ? 1.553   9.554   2.340   1.00 37.08 ? 487 HOH A O   1 
HETATM 1439 O O   . HOH K 5 .   ? 9.897   -0.322  -5.752  1.00 24.54 ? 488 HOH A O   1 
HETATM 1440 O O   . HOH K 5 .   ? 7.258   -10.700 -17.644 1.00 19.01 ? 489 HOH A O   1 
HETATM 1441 O O   . HOH K 5 .   ? -10.069 -4.283  -5.168  1.00 34.82 ? 490 HOH A O   1 
HETATM 1442 O O   . HOH K 5 .   ? 5.490   11.949  -4.562  1.00 16.04 ? 491 HOH A O   1 
HETATM 1443 O O   . HOH K 5 .   ? 4.661   11.197  -16.502 1.00 21.27 ? 492 HOH A O   1 
HETATM 1444 O O   . HOH K 5 .   ? 15.902  -7.072  -12.251 1.00 37.11 ? 493 HOH A O   1 
HETATM 1445 O O   . HOH K 5 .   ? 5.173   7.855   9.336   1.00 22.58 ? 494 HOH A O   1 
HETATM 1446 O O   . HOH K 5 .   ? -6.508  5.322   -12.569 1.00 22.91 ? 495 HOH A O   1 
HETATM 1447 O O   . HOH K 5 .   ? 1.293   6.166   -15.362 1.00 17.19 ? 496 HOH A O   1 
HETATM 1448 O O   . HOH K 5 .   ? 16.149  -5.368  -4.583  1.00 24.41 ? 497 HOH A O   1 
HETATM 1449 O O   . HOH K 5 .   ? 14.708  1.454   8.134   1.00 15.04 ? 498 HOH A O   1 
HETATM 1450 O O   . HOH K 5 .   ? -10.069 18.217  -5.304  1.00 30.03 ? 499 HOH A O   1 
HETATM 1451 O O   . HOH K 5 .   ? 4.924   8.564   -17.107 1.00 31.67 ? 500 HOH A O   1 
HETATM 1452 O O   . HOH K 5 .   ? 10.053  9.508   3.216   1.00 34.36 ? 501 HOH A O   1 
HETATM 1453 O O   . HOH K 5 .   ? -2.654  18.654  -4.009  1.00 43.24 ? 502 HOH A O   1 
HETATM 1454 O O   . HOH K 5 .   ? -19.038 10.439  4.361   1.00 25.53 ? 503 HOH A O   1 
HETATM 1455 O O   . HOH K 5 .   ? -14.065 3.224   6.846   1.00 23.35 ? 504 HOH A O   1 
HETATM 1456 O O   . HOH K 5 .   ? -5.056  17.073  4.665   1.00 45.33 ? 505 HOH A O   1 
HETATM 1457 O O   . HOH K 5 .   ? -7.969  -11.525 -3.710  1.00 19.83 ? 506 HOH A O   1 
HETATM 1458 O O   . HOH K 5 .   ? 6.627   5.885   -13.866 1.00 23.84 ? 507 HOH A O   1 
HETATM 1459 O O   . HOH K 5 .   ? -1.777  1.756   20.902  1.00 28.54 ? 508 HOH A O   1 
HETATM 1460 O O   . HOH K 5 .   ? 9.948   9.312   -3.382  1.00 42.25 ? 509 HOH A O   1 
HETATM 1461 O O   . HOH K 5 .   ? 12.776  3.656   -10.501 1.00 36.04 ? 510 HOH A O   1 
HETATM 1462 O O   . HOH K 5 .   ? 3.779   9.147   3.838   1.00 31.20 ? 511 HOH A O   1 
HETATM 1463 O O   . HOH K 5 .   ? 13.099  3.502   13.946  1.00 21.54 ? 512 HOH A O   1 
HETATM 1464 O O   . HOH K 5 .   ? 10.756  -7.047  17.499  1.00 38.30 ? 513 HOH A O   1 
HETATM 1465 O O   . HOH K 5 .   ? -9.880  -4.518  -9.419  1.00 38.04 ? 514 HOH A O   1 
HETATM 1466 O O   . HOH K 5 .   ? 10.393  -6.586  -2.352  1.00 8.48  ? 515 HOH A O   1 
HETATM 1467 O O   . HOH K 5 .   ? 18.104  -8.813  -3.142  1.00 27.16 ? 516 HOH A O   1 
HETATM 1468 O O   . HOH K 5 .   ? 13.832  -7.585  -15.249 1.00 33.27 ? 517 HOH A O   1 
HETATM 1469 O O   . HOH K 5 .   ? -15.934 14.681  -7.099  1.00 39.81 ? 518 HOH A O   1 
HETATM 1470 O O   . HOH K 5 .   ? -2.141  -14.220 4.927   1.00 31.89 ? 519 HOH A O   1 
HETATM 1471 O O   . HOH K 5 .   ? 5.109   -16.224 9.372   1.00 26.11 ? 520 HOH A O   1 
HETATM 1472 O O   . HOH K 5 .   ? -10.537 0.702   -7.324  1.00 24.94 ? 521 HOH A O   1 
HETATM 1473 O O   . HOH K 5 .   ? 1.739   15.145  10.593  1.00 37.02 ? 522 HOH A O   1 
HETATM 1474 O O   . HOH K 5 .   ? 5.982   4.362   17.468  1.00 33.98 ? 523 HOH A O   1 
HETATM 1475 O O   . HOH K 5 .   ? -5.776  -18.329 -0.271  1.00 45.02 ? 524 HOH A O   1 
HETATM 1476 O O   . HOH K 5 .   ? 8.164   -6.486  -4.594  1.00 25.14 ? 525 HOH A O   1 
HETATM 1477 O O   . HOH K 5 .   ? 6.034   10.797  3.493   1.00 53.42 ? 526 HOH A O   1 
HETATM 1478 O O   . HOH K 5 .   ? -18.000 7.260   3.938   1.00 41.51 ? 527 HOH A O   1 
HETATM 1479 O O   . HOH K 5 .   ? 12.171  -13.984 0.503   1.00 29.36 ? 528 HOH A O   1 
HETATM 1480 O O   . HOH K 5 .   ? 13.279  -12.037 -0.831  1.00 33.68 ? 529 HOH A O   1 
HETATM 1481 O O   . HOH K 5 .   ? -9.640  17.816  1.242   1.00 32.17 ? 530 HOH A O   1 
HETATM 1482 O O   . HOH K 5 .   ? -7.046  18.521  -11.491 1.00 38.57 ? 531 HOH A O   1 
HETATM 1483 O O   . HOH K 5 .   ? -9.448  18.534  -1.617  1.00 36.03 ? 532 HOH A O   1 
HETATM 1484 O O   . HOH K 5 .   ? 3.665   20.323  9.803   1.00 47.24 ? 533 HOH A O   1 
HETATM 1485 O O   . HOH K 5 .   ? 13.217  4.585   -3.802  1.00 49.44 ? 534 HOH A O   1 
HETATM 1486 O O   . HOH K 5 .   ? -1.465  17.454  -11.162 1.00 40.51 ? 535 HOH A O   1 
HETATM 1487 O O   . HOH K 5 .   ? -15.369 5.914   9.602   1.00 42.44 ? 536 HOH A O   1 
HETATM 1488 O O   . HOH K 5 .   ? 6.007   -11.849 -5.073  1.00 31.03 ? 537 HOH A O   1 
HETATM 1489 O O   . HOH K 5 .   ? 7.765   -9.621  12.351  1.00 25.98 ? 538 HOH A O   1 
HETATM 1490 O O   . HOH K 5 .   ? -2.421  -13.219 15.023  1.00 23.53 ? 539 HOH A O   1 
HETATM 1491 O O   . HOH K 5 .   ? 1.794   -15.791 16.370  1.00 36.60 ? 540 HOH A O   1 
HETATM 1492 O O   . HOH K 5 .   ? -10.184 -16.105 -2.304  1.00 48.28 ? 541 HOH A O   1 
HETATM 1493 O O   . HOH K 5 .   ? 8.562   0.489   -8.207  1.00 22.47 ? 542 HOH A O   1 
HETATM 1494 O O   . HOH K 5 .   ? -16.014 -2.618  1.467   1.00 45.87 ? 543 HOH A O   1 
HETATM 1495 O O   . HOH K 5 .   ? -11.982 13.155  9.501   1.00 39.54 ? 544 HOH A O   1 
HETATM 1496 O O   . HOH K 5 .   ? 8.495   -17.926 -2.037  1.00 37.48 ? 545 HOH A O   1 
HETATM 1497 O O   . HOH K 5 .   ? -17.614 17.632  5.884   1.00 41.17 ? 546 HOH A O   1 
HETATM 1498 O O   . HOH K 5 .   ? -10.367 -7.127  12.479  1.00 29.10 ? 547 HOH A O   1 
HETATM 1499 O O   . HOH K 5 .   ? -0.855  14.384  -1.768  1.00 25.09 ? 548 HOH A O   1 
HETATM 1500 O O   . HOH K 5 .   ? -17.871 11.080  -10.474 1.00 47.33 ? 549 HOH A O   1 
HETATM 1501 O O   . HOH K 5 .   ? -5.458  17.247  -16.790 1.00 40.78 ? 550 HOH A O   1 
HETATM 1502 O O   . HOH K 5 .   ? 7.306   5.164   -18.595 1.00 41.98 ? 551 HOH A O   1 
HETATM 1503 O O   . HOH K 5 .   ? 6.715   -1.468  -22.087 1.00 24.62 ? 552 HOH A O   1 
HETATM 1504 O O   . HOH K 5 .   ? 12.293  -2.345  -12.253 1.00 33.28 ? 553 HOH A O   1 
HETATM 1505 O O   . HOH K 5 .   ? -2.051  16.960  -1.825  1.00 26.39 ? 554 HOH A O   1 
HETATM 1506 O O   . HOH K 5 .   ? -5.945  -16.053 1.319   1.00 32.53 ? 555 HOH A O   1 
HETATM 1507 O O   . HOH K 5 .   ? 4.173   -5.345  -2.404  1.00 42.56 ? 556 HOH A O   1 
HETATM 1508 O O   . HOH K 5 .   ? 5.314   20.222  7.409   1.00 38.45 ? 557 HOH A O   1 
HETATM 1509 O O   . HOH K 5 .   ? 2.911   -19.285 -0.224  1.00 31.34 ? 558 HOH A O   1 
HETATM 1510 O O   . HOH K 5 .   ? -17.735 5.708   7.844   1.00 34.37 ? 559 HOH A O   1 
HETATM 1511 O O   . HOH K 5 .   ? 11.181  -15.206 -11.456 1.00 31.98 ? 560 HOH A O   1 
HETATM 1512 O O   . HOH K 5 .   ? -10.158 -8.926  -5.081  1.00 31.65 ? 561 HOH A O   1 
HETATM 1513 O O   . HOH K 5 .   ? -8.863  -6.608  -5.362  1.00 41.45 ? 562 HOH A O   1 
HETATM 1514 O O   . HOH K 5 .   ? 13.613  -1.854  -9.557  1.00 31.93 ? 563 HOH A O   1 
HETATM 1515 O O   . HOH K 5 .   ? 8.017   11.389  -3.225  1.00 35.82 ? 564 HOH A O   1 
HETATM 1516 O O   . HOH K 5 .   ? 8.850   8.972   8.966   1.00 36.10 ? 565 HOH A O   1 
HETATM 1517 O O   . HOH K 5 .   ? 17.979  -10.425 -1.209  1.00 33.00 ? 566 HOH A O   1 
HETATM 1518 O O   . HOH K 5 .   ? -0.762  -5.019  -20.005 1.00 47.42 ? 567 HOH A O   1 
HETATM 1519 O O   . HOH K 5 .   ? 3.916   -14.599 19.457  1.00 41.63 ? 568 HOH A O   1 
HETATM 1520 O O   . HOH K 5 .   ? 15.204  -4.009  -13.400 1.00 38.95 ? 569 HOH A O   1 
HETATM 1521 O O   . HOH K 5 .   ? 4.298   6.288   -15.333 1.00 25.73 ? 570 HOH A O   1 
HETATM 1522 O O   . HOH K 5 .   ? 7.962   12.916  7.397   1.00 47.67 ? 571 HOH A O   1 
HETATM 1523 O O   . HOH K 5 .   ? 11.896  -0.880  -15.356 1.00 35.50 ? 572 HOH A O   1 
HETATM 1524 O O   . HOH K 5 .   ? 1.152   -6.818  -20.391 1.00 28.57 ? 573 HOH A O   1 
HETATM 1525 O O   . HOH K 5 .   ? 0.802   9.500   -17.280 1.00 33.75 ? 574 HOH A O   1 
HETATM 1526 O O   . HOH K 5 .   ? 15.306  -12.359 2.876   1.00 30.42 ? 575 HOH A O   1 
HETATM 1527 O O   . HOH K 5 .   ? -19.338 12.902  10.711  1.00 43.20 ? 576 HOH A O   1 
HETATM 1528 O O   . HOH K 5 .   ? -10.893 -1.734  19.628  1.00 36.72 ? 577 HOH A O   1 
HETATM 1529 O O   . HOH K 5 .   ? 8.256   2.435   19.741  1.00 46.37 ? 578 HOH A O   1 
HETATM 1530 O O   . HOH K 5 .   ? -15.798 -0.259  15.117  1.00 44.01 ? 579 HOH A O   1 
HETATM 1531 O O   . HOH K 5 .   ? 4.384   16.310  -3.330  1.00 45.96 ? 580 HOH A O   1 
HETATM 1532 O O   . HOH K 5 .   ? 14.365  -11.753 -14.273 1.00 41.59 ? 581 HOH A O   1 
HETATM 1533 O O   . HOH K 5 .   ? 8.460   -19.380 -10.707 1.00 43.62 ? 582 HOH A O   1 
HETATM 1534 O O   . HOH K 5 .   ? -0.574  21.691  -13.393 1.00 41.27 ? 583 HOH A O   1 
# 
loop_
_pdbx_poly_seq_scheme.asym_id 
_pdbx_poly_seq_scheme.entity_id 
_pdbx_poly_seq_scheme.seq_id 
_pdbx_poly_seq_scheme.mon_id 
_pdbx_poly_seq_scheme.ndb_seq_num 
_pdbx_poly_seq_scheme.pdb_seq_num 
_pdbx_poly_seq_scheme.auth_seq_num 
_pdbx_poly_seq_scheme.pdb_mon_id 
_pdbx_poly_seq_scheme.auth_mon_id 
_pdbx_poly_seq_scheme.pdb_strand_id 
_pdbx_poly_seq_scheme.pdb_ins_code 
_pdbx_poly_seq_scheme.hetero 
A 1 1   THR 1   64  64  THR THR A . n 
A 1 2   LEU 2   65  65  LEU LEU A . n 
A 1 3   ASP 3   66  66  ASP ASP A . n 
A 1 4   GLY 4   67  67  GLY GLY A . n 
A 1 5   PRO 5   68  68  PRO PRO A . n 
A 1 6   TYR 6   69  69  TYR TYR A . n 
A 1 7   GLN 7   70  70  GLN GLN A . n 
A 1 8   PRO 8   71  71  PRO PRO A . n 
A 1 9   THR 9   72  72  THR THR A . n 
A 1 10  SER 10  73  73  SER SER A . n 
A 1 11  LEU 11  74  74  LEU LEU A . n 
A 1 12  ASN 12  75  75  ASN ASN A . n 
A 1 13  LEU 13  76  76  LEU LEU A . n 
A 1 14  PRO 14  77  77  PRO PRO A . n 
A 1 15  VAL 15  78  78  VAL VAL A . n 
A 1 16  ASP 16  79  79  ASP ASP A . n 
A 1 17  TYR 17  80  80  TYR TYR A . n 
A 1 18  TRP 18  81  81  TRP TRP A . n 
A 1 19  MET 19  82  82  MET MET A . n 
A 1 20  LEU 20  83  83  LEU LEU A . n 
A 1 21  ILE 21  84  84  ILE ILE A . n 
A 1 22  ALA 22  85  85  ALA ALA A . n 
A 1 23  PRO 23  86  86  PRO PRO A . n 
A 1 24  THR 24  87  87  THR THR A . n 
A 1 25  ARG 25  88  88  ARG ARG A . n 
A 1 26  GLU 26  89  89  GLU GLU A . n 
A 1 27  GLY 27  90  90  GLY GLY A . n 
A 1 28  LYS 28  91  91  LYS LYS A . n 
A 1 29  VAL 29  92  92  VAL VAL A . n 
A 1 30  ALA 30  93  93  ALA ALA A . n 
A 1 31  GLU 31  94  94  GLU GLU A . n 
A 1 32  GLY 32  95  95  GLY GLY A . n 
A 1 33  THR 33  96  96  THR THR A . n 
A 1 34  ASN 34  97  97  ASN ASN A . n 
A 1 35  THR 35  98  98  THR THR A . n 
A 1 36  THR 36  99  99  THR THR A . n 
A 1 37  ASP 37  100 100 ASP ASP A . n 
A 1 38  ARG 38  101 101 ARG ARG A . n 
A 1 39  TRP 39  102 102 TRP TRP A . n 
A 1 40  PHE 40  103 103 PHE PHE A . n 
A 1 41  ALA 41  104 104 ALA ALA A . n 
A 1 42  CYS 42  105 105 CYS CYS A . n 
A 1 43  VAL 43  106 106 VAL VAL A . n 
A 1 44  LEU 44  107 107 LEU LEU A . n 
A 1 45  VAL 45  108 108 VAL VAL A . n 
A 1 46  GLU 46  109 109 GLU GLU A . n 
A 1 47  PRO 47  110 110 PRO PRO A . n 
A 1 48  ASN 48  111 111 ASN ASN A . n 
A 1 49  VAL 49  112 112 VAL VAL A . n 
A 1 50  GLN 50  113 113 GLN GLN A . n 
A 1 51  ASN 51  114 114 ASN ASN A . n 
A 1 52  THR 52  115 115 THR THR A . n 
A 1 53  GLN 53  116 116 GLN GLN A . n 
A 1 54  ARG 54  117 117 ARG ARG A . n 
A 1 55  GLN 55  118 118 GLN GLN A . n 
A 1 56  TYR 56  119 119 TYR TYR A . n 
A 1 57  VAL 57  120 120 VAL VAL A . n 
A 1 58  LEU 58  121 121 LEU LEU A . n 
A 1 59  ASP 59  122 122 ASP ASP A . n 
A 1 60  GLY 60  123 123 GLY GLY A . n 
A 1 61  GLN 61  124 124 GLN GLN A . n 
A 1 62  ASN 62  125 125 ASN ASN A . n 
A 1 63  VAL 63  126 126 VAL VAL A . n 
A 1 64  GLN 64  127 127 GLN GLN A . n 
A 1 65  LEU 65  128 128 LEU LEU A . n 
A 1 66  HIS 66  129 129 HIS HIS A . n 
A 1 67  VAL 67  130 130 VAL VAL A . n 
A 1 68  SER 68  131 131 SER SER A . n 
A 1 69  ASN 69  132 132 ASN ASN A . n 
A 1 70  ASP 70  133 133 ASP ASP A . n 
A 1 71  SER 71  134 134 SER SER A . n 
A 1 72  SER 72  135 135 SER SER A . n 
A 1 73  THR 73  136 136 THR THR A . n 
A 1 74  SER 74  137 137 SER SER A . n 
A 1 75  TRP 75  138 138 TRP TRP A . n 
A 1 76  LYS 76  139 139 LYS LYS A . n 
A 1 77  PHE 77  140 140 PHE PHE A . n 
A 1 78  ILE 78  141 141 ILE ILE A . n 
A 1 79  LEU 79  142 142 LEU LEU A . n 
A 1 80  PHE 80  143 143 PHE PHE A . n 
A 1 81  ILE 81  144 144 ILE ILE A . n 
A 1 82  LYS 82  145 145 LYS LYS A . n 
A 1 83  LEU 83  146 146 LEU LEU A . n 
A 1 84  THR 84  147 147 THR THR A . n 
A 1 85  PRO 85  148 148 PRO PRO A . n 
A 1 86  ASP 86  149 149 ASP ASP A . n 
A 1 87  GLY 87  150 150 GLY GLY A . n 
A 1 88  THR 88  151 151 THR THR A . n 
A 1 89  TYR 89  152 152 TYR TYR A . n 
A 1 90  THR 90  153 153 THR THR A . n 
A 1 91  GLN 91  154 154 GLN GLN A . n 
A 1 92  TYR 92  155 155 TYR TYR A . n 
A 1 93  SER 93  156 156 SER SER A . n 
A 1 94  THR 94  157 157 THR THR A . n 
A 1 95  LEU 95  158 158 LEU LEU A . n 
A 1 96  SER 96  159 159 SER SER A . n 
A 1 97  THR 97  160 160 THR THR A . n 
A 1 98  PRO 98  161 161 PRO PRO A . n 
A 1 99  HIS 99  162 162 HIS HIS A . n 
A 1 100 LYS 100 163 163 LYS LYS A . n 
A 1 101 LEU 101 164 164 LEU LEU A . n 
A 1 102 CYS 102 165 165 CYS CYS A . n 
A 1 103 ALA 103 166 166 ALA ALA A . n 
A 1 104 TRP 104 167 167 TRP TRP A . n 
A 1 105 MET 105 168 168 MET MET A . n 
A 1 106 LYS 106 169 169 LYS LYS A . n 
A 1 107 ARG 107 170 170 ARG ARG A . n 
A 1 108 ASP 108 171 171 ASP ASP A . n 
A 1 109 ASN 109 172 172 ASN ASN A . n 
A 1 110 ARG 110 173 173 ARG ARG A . n 
A 1 111 VAL 111 174 174 VAL VAL A . n 
A 1 112 TYR 112 175 175 TYR TYR A . n 
A 1 113 TRP 113 176 176 TRP TRP A . n 
A 1 114 TYR 114 177 177 TYR TYR A . n 
A 1 115 GLN 115 178 178 GLN GLN A . n 
A 1 116 GLY 116 179 179 GLY GLY A . n 
A 1 117 ALA 117 180 180 ALA ALA A . n 
A 1 118 THR 118 181 181 THR THR A . n 
A 1 119 PRO 119 182 182 PRO PRO A . n 
A 1 120 ASN 120 183 183 ASN ASN A . n 
A 1 121 ALA 121 184 184 ALA ALA A . n 
A 1 122 SER 122 185 185 SER SER A . n 
A 1 123 GLU 123 186 186 GLU GLU A . n 
A 1 124 SER 124 187 187 SER SER A . n 
A 1 125 TYR 125 188 188 TYR TYR A . n 
A 1 126 TYR 126 189 189 TYR TYR A . n 
A 1 127 LEU 127 190 190 LEU LEU A . n 
A 1 128 THR 128 191 191 THR THR A . n 
A 1 129 ILE 129 192 192 ILE ILE A . n 
A 1 130 ASN 130 193 193 ASN ASN A . n 
A 1 131 ASN 131 194 194 ASN ASN A . n 
A 1 132 ASP 132 195 195 ASP ASP A . n 
A 1 133 ASN 133 196 196 ASN ASN A . n 
A 1 134 SER 134 197 197 SER SER A . n 
A 1 135 ASN 135 198 198 ASN ASN A . n 
A 1 136 VAL 136 199 199 VAL VAL A . n 
A 1 137 SER 137 200 200 SER SER A . n 
A 1 138 SER 138 201 201 SER SER A . n 
A 1 139 ASP 139 202 202 ASP ASP A . n 
A 1 140 ALA 140 203 203 ALA ALA A . n 
A 1 141 GLU 141 204 204 GLU GLU A . n 
A 1 142 PHE 142 205 205 PHE PHE A . n 
A 1 143 TYR 143 206 206 TYR TYR A . n 
A 1 144 LEU 144 207 207 LEU LEU A . n 
A 1 145 ILE 145 208 208 ILE ILE A . n 
A 1 146 PRO 146 209 209 PRO PRO A . n 
A 1 147 GLN 147 210 210 GLN GLN A . n 
A 1 148 SER 148 211 211 SER SER A . n 
A 1 149 GLN 149 212 212 GLN GLN A . n 
A 1 150 THR 150 213 213 THR THR A . n 
A 1 151 ALA 151 214 214 ALA ALA A . n 
A 1 152 MET 152 215 215 MET MET A . n 
A 1 153 CYS 153 216 216 CYS CYS A . n 
A 1 154 THR 154 217 217 THR THR A . n 
A 1 155 GLN 155 218 218 GLN GLN A . n 
A 1 156 TYR 156 219 219 TYR TYR A . n 
A 1 157 ILE 157 220 220 ILE ILE A . n 
A 1 158 ASN 158 221 221 ASN ASN A . n 
A 1 159 ASN 159 222 222 ASN ASN A . n 
A 1 160 GLY 160 223 223 GLY GLY A . n 
A 1 161 LEU 161 224 224 LEU LEU A . n 
# 
loop_
_pdbx_nonpoly_scheme.asym_id 
_pdbx_nonpoly_scheme.entity_id 
_pdbx_nonpoly_scheme.mon_id 
_pdbx_nonpoly_scheme.ndb_seq_num 
_pdbx_nonpoly_scheme.pdb_seq_num 
_pdbx_nonpoly_scheme.auth_seq_num 
_pdbx_nonpoly_scheme.pdb_mon_id 
_pdbx_nonpoly_scheme.auth_mon_id 
_pdbx_nonpoly_scheme.pdb_strand_id 
_pdbx_nonpoly_scheme.pdb_ins_code 
B 2 IPA 1   301 301 IPA IPA A . 
C 2 IPA 1   302 302 IPA IPA A . 
D 2 IPA 1   303 303 IPA IPA A . 
E 2 IPA 1   304 304 IPA IPA A . 
F 2 IPA 1   305 305 IPA IPA A . 
G 2 IPA 1   306 306 IPA IPA A . 
H 2 IPA 1   307 307 IPA IPA A . 
I 3 SO4 1   308 308 SO4 SO4 A . 
J 4 GOL 1   309 309 GOL GOL A . 
K 5 HOH 1   401 402 HOH HOH A . 
K 5 HOH 2   402 403 HOH HOH A . 
K 5 HOH 3   403 404 HOH HOH A . 
K 5 HOH 4   404 433 HOH HOH A . 
K 5 HOH 5   405 405 HOH HOH A . 
K 5 HOH 6   406 406 HOH HOH A . 
K 5 HOH 7   407 407 HOH HOH A . 
K 5 HOH 8   408 409 HOH HOH A . 
K 5 HOH 9   409 410 HOH HOH A . 
K 5 HOH 10  410 411 HOH HOH A . 
K 5 HOH 11  411 412 HOH HOH A . 
K 5 HOH 12  412 413 HOH HOH A . 
K 5 HOH 13  413 414 HOH HOH A . 
K 5 HOH 14  414 415 HOH HOH A . 
K 5 HOH 15  415 416 HOH HOH A . 
K 5 HOH 16  416 417 HOH HOH A . 
K 5 HOH 17  417 419 HOH HOH A . 
K 5 HOH 18  418 420 HOH HOH A . 
K 5 HOH 19  419 418 HOH HOH A . 
K 5 HOH 20  420 421 HOH HOH A . 
K 5 HOH 21  421 422 HOH HOH A . 
K 5 HOH 22  422 423 HOH HOH A . 
K 5 HOH 23  423 424 HOH HOH A . 
K 5 HOH 24  424 425 HOH HOH A . 
K 5 HOH 25  425 426 HOH HOH A . 
K 5 HOH 26  426 435 HOH HOH A . 
K 5 HOH 27  427 427 HOH HOH A . 
K 5 HOH 28  428 428 HOH HOH A . 
K 5 HOH 29  429 429 HOH HOH A . 
K 5 HOH 30  430 430 HOH HOH A . 
K 5 HOH 31  431 431 HOH HOH A . 
K 5 HOH 32  432 432 HOH HOH A . 
K 5 HOH 33  433 434 HOH HOH A . 
K 5 HOH 34  434 436 HOH HOH A . 
K 5 HOH 35  435 437 HOH HOH A . 
K 5 HOH 36  436 438 HOH HOH A . 
K 5 HOH 37  437 439 HOH HOH A . 
K 5 HOH 38  438 440 HOH HOH A . 
K 5 HOH 39  439 441 HOH HOH A . 
K 5 HOH 40  440 442 HOH HOH A . 
K 5 HOH 41  441 443 HOH HOH A . 
K 5 HOH 42  442 444 HOH HOH A . 
K 5 HOH 43  443 445 HOH HOH A . 
K 5 HOH 44  444 446 HOH HOH A . 
K 5 HOH 45  445 447 HOH HOH A . 
K 5 HOH 46  446 448 HOH HOH A . 
K 5 HOH 47  447 449 HOH HOH A . 
K 5 HOH 48  448 450 HOH HOH A . 
K 5 HOH 49  449 451 HOH HOH A . 
K 5 HOH 50  450 401 HOH HOH A . 
K 5 HOH 51  451 408 HOH HOH A . 
K 5 HOH 52  452 452 HOH HOH A . 
K 5 HOH 53  453 453 HOH HOH A . 
K 5 HOH 54  454 454 HOH HOH A . 
K 5 HOH 55  455 455 HOH HOH A . 
K 5 HOH 56  456 456 HOH HOH A . 
K 5 HOH 57  457 457 HOH HOH A . 
K 5 HOH 58  458 458 HOH HOH A . 
K 5 HOH 59  459 459 HOH HOH A . 
K 5 HOH 60  460 460 HOH HOH A . 
K 5 HOH 61  461 461 HOH HOH A . 
K 5 HOH 62  462 462 HOH HOH A . 
K 5 HOH 63  463 463 HOH HOH A . 
K 5 HOH 64  464 464 HOH HOH A . 
K 5 HOH 65  465 465 HOH HOH A . 
K 5 HOH 66  466 466 HOH HOH A . 
K 5 HOH 67  467 468 HOH HOH A . 
K 5 HOH 68  468 469 HOH HOH A . 
K 5 HOH 69  469 470 HOH HOH A . 
K 5 HOH 70  470 471 HOH HOH A . 
K 5 HOH 71  471 472 HOH HOH A . 
K 5 HOH 72  472 473 HOH HOH A . 
K 5 HOH 73  473 474 HOH HOH A . 
K 5 HOH 74  474 476 HOH HOH A . 
K 5 HOH 75  475 477 HOH HOH A . 
K 5 HOH 76  476 467 HOH HOH A . 
K 5 HOH 77  477 478 HOH HOH A . 
K 5 HOH 78  478 479 HOH HOH A . 
K 5 HOH 79  479 480 HOH HOH A . 
K 5 HOH 80  480 481 HOH HOH A . 
K 5 HOH 81  481 482 HOH HOH A . 
K 5 HOH 82  482 483 HOH HOH A . 
K 5 HOH 83  483 484 HOH HOH A . 
K 5 HOH 84  484 485 HOH HOH A . 
K 5 HOH 85  485 486 HOH HOH A . 
K 5 HOH 86  486 475 HOH HOH A . 
K 5 HOH 87  487 487 HOH HOH A . 
K 5 HOH 88  488 488 HOH HOH A . 
K 5 HOH 89  489 489 HOH HOH A . 
K 5 HOH 90  490 490 HOH HOH A . 
K 5 HOH 91  491 491 HOH HOH A . 
K 5 HOH 92  492 492 HOH HOH A . 
K 5 HOH 93  493 493 HOH HOH A . 
K 5 HOH 94  494 494 HOH HOH A . 
K 5 HOH 95  495 495 HOH HOH A . 
K 5 HOH 96  496 496 HOH HOH A . 
K 5 HOH 97  497 497 HOH HOH A . 
K 5 HOH 98  498 498 HOH HOH A . 
K 5 HOH 99  499 499 HOH HOH A . 
K 5 HOH 100 500 500 HOH HOH A . 
K 5 HOH 101 501 501 HOH HOH A . 
K 5 HOH 102 502 502 HOH HOH A . 
K 5 HOH 103 503 503 HOH HOH A . 
K 5 HOH 104 504 504 HOH HOH A . 
K 5 HOH 105 505 505 HOH HOH A . 
K 5 HOH 106 506 506 HOH HOH A . 
K 5 HOH 107 507 507 HOH HOH A . 
K 5 HOH 108 508 508 HOH HOH A . 
K 5 HOH 109 509 509 HOH HOH A . 
K 5 HOH 110 510 510 HOH HOH A . 
K 5 HOH 111 511 511 HOH HOH A . 
K 5 HOH 112 512 512 HOH HOH A . 
K 5 HOH 113 513 513 HOH HOH A . 
K 5 HOH 114 514 514 HOH HOH A . 
K 5 HOH 115 515 533 HOH HOH A . 
K 5 HOH 116 516 515 HOH HOH A . 
K 5 HOH 117 517 516 HOH HOH A . 
K 5 HOH 118 518 517 HOH HOH A . 
K 5 HOH 119 519 518 HOH HOH A . 
K 5 HOH 120 520 519 HOH HOH A . 
K 5 HOH 121 521 520 HOH HOH A . 
K 5 HOH 122 522 522 HOH HOH A . 
K 5 HOH 123 523 523 HOH HOH A . 
K 5 HOH 124 524 521 HOH HOH A . 
K 5 HOH 125 525 524 HOH HOH A . 
K 5 HOH 126 526 525 HOH HOH A . 
K 5 HOH 127 527 526 HOH HOH A . 
K 5 HOH 128 528 527 HOH HOH A . 
K 5 HOH 129 529 528 HOH HOH A . 
K 5 HOH 130 530 529 HOH HOH A . 
K 5 HOH 131 531 530 HOH HOH A . 
K 5 HOH 132 532 531 HOH HOH A . 
K 5 HOH 133 533 532 HOH HOH A . 
K 5 HOH 134 534 534 HOH HOH A . 
K 5 HOH 135 535 535 HOH HOH A . 
K 5 HOH 136 536 536 HOH HOH A . 
K 5 HOH 137 537 537 HOH HOH A . 
K 5 HOH 138 538 538 HOH HOH A . 
K 5 HOH 139 539 539 HOH HOH A . 
K 5 HOH 140 540 540 HOH HOH A . 
K 5 HOH 141 541 541 HOH HOH A . 
K 5 HOH 142 542 543 HOH HOH A . 
K 5 HOH 143 543 544 HOH HOH A . 
K 5 HOH 144 544 545 HOH HOH A . 
K 5 HOH 145 545 542 HOH HOH A . 
K 5 HOH 146 546 546 HOH HOH A . 
K 5 HOH 147 547 547 HOH HOH A . 
K 5 HOH 148 548 548 HOH HOH A . 
K 5 HOH 149 549 549 HOH HOH A . 
K 5 HOH 150 550 550 HOH HOH A . 
K 5 HOH 151 551 551 HOH HOH A . 
K 5 HOH 152 552 552 HOH HOH A . 
K 5 HOH 153 553 553 HOH HOH A . 
K 5 HOH 154 554 554 HOH HOH A . 
K 5 HOH 155 555 555 HOH HOH A . 
K 5 HOH 156 556 556 HOH HOH A . 
K 5 HOH 157 557 557 HOH HOH A . 
K 5 HOH 158 558 558 HOH HOH A . 
K 5 HOH 159 559 559 HOH HOH A . 
K 5 HOH 160 560 560 HOH HOH A . 
K 5 HOH 161 561 561 HOH HOH A . 
K 5 HOH 162 562 562 HOH HOH A . 
K 5 HOH 163 563 563 HOH HOH A . 
K 5 HOH 164 564 564 HOH HOH A . 
K 5 HOH 165 565 565 HOH HOH A . 
K 5 HOH 166 566 566 HOH HOH A . 
K 5 HOH 167 567 567 HOH HOH A . 
K 5 HOH 168 568 568 HOH HOH A . 
K 5 HOH 169 569 569 HOH HOH A . 
K 5 HOH 170 570 570 HOH HOH A . 
K 5 HOH 171 571 571 HOH HOH A . 
K 5 HOH 172 572 572 HOH HOH A . 
K 5 HOH 173 573 573 HOH HOH A . 
K 5 HOH 174 574 574 HOH HOH A . 
K 5 HOH 175 575 575 HOH HOH A . 
K 5 HOH 176 576 576 HOH HOH A . 
K 5 HOH 177 577 577 HOH HOH A . 
K 5 HOH 178 578 578 HOH HOH A . 
K 5 HOH 179 579 579 HOH HOH A . 
K 5 HOH 180 580 581 HOH HOH A . 
K 5 HOH 181 581 582 HOH HOH A . 
K 5 HOH 182 582 580 HOH HOH A . 
K 5 HOH 183 583 583 HOH HOH A . 
# 
_pdbx_struct_assembly.id                   1 
_pdbx_struct_assembly.details              author_and_software_defined_assembly 
_pdbx_struct_assembly.method_details       PISA 
_pdbx_struct_assembly.oligomeric_details   monomeric 
_pdbx_struct_assembly.oligomeric_count     1 
# 
_pdbx_struct_assembly_gen.assembly_id       1 
_pdbx_struct_assembly_gen.oper_expression   1 
_pdbx_struct_assembly_gen.asym_id_list      A,B,C,D,E,F,G,H,I,J,K 
# 
_pdbx_struct_oper_list.id                   1 
_pdbx_struct_oper_list.type                 'identity operation' 
_pdbx_struct_oper_list.name                 1_555 
_pdbx_struct_oper_list.symmetry_operation   x,y,z 
_pdbx_struct_oper_list.matrix[1][1]         1.0000000000 
_pdbx_struct_oper_list.matrix[1][2]         0.0000000000 
_pdbx_struct_oper_list.matrix[1][3]         0.0000000000 
_pdbx_struct_oper_list.vector[1]            0.0000000000 
_pdbx_struct_oper_list.matrix[2][1]         0.0000000000 
_pdbx_struct_oper_list.matrix[2][2]         1.0000000000 
_pdbx_struct_oper_list.matrix[2][3]         0.0000000000 
_pdbx_struct_oper_list.vector[2]            0.0000000000 
_pdbx_struct_oper_list.matrix[3][1]         0.0000000000 
_pdbx_struct_oper_list.matrix[3][2]         0.0000000000 
_pdbx_struct_oper_list.matrix[3][3]         1.0000000000 
_pdbx_struct_oper_list.vector[3]            0.0000000000 
# 
loop_
_pdbx_audit_revision_history.ordinal 
_pdbx_audit_revision_history.data_content_type 
_pdbx_audit_revision_history.major_revision 
_pdbx_audit_revision_history.minor_revision 
_pdbx_audit_revision_history.revision_date 
1 'Structure model' 1 0 2016-06-08 
2 'Structure model' 1 1 2017-09-20 
3 'Structure model' 1 2 2020-01-08 
4 'Structure model' 1 3 2023-09-27 
# 
_pdbx_audit_revision_details.ordinal             1 
_pdbx_audit_revision_details.revision_ordinal    1 
_pdbx_audit_revision_details.data_content_type   'Structure model' 
_pdbx_audit_revision_details.provider            repository 
_pdbx_audit_revision_details.type                'Initial release' 
_pdbx_audit_revision_details.description         ? 
_pdbx_audit_revision_details.details             ? 
# 
loop_
_pdbx_audit_revision_group.ordinal 
_pdbx_audit_revision_group.revision_ordinal 
_pdbx_audit_revision_group.data_content_type 
_pdbx_audit_revision_group.group 
1 2 'Structure model' Advisory                     
2 2 'Structure model' 'Author supporting evidence' 
3 2 'Structure model' 'Data collection'            
4 2 'Structure model' 'Derived calculations'       
5 3 'Structure model' 'Author supporting evidence' 
6 4 'Structure model' Advisory                     
7 4 'Structure model' 'Data collection'            
8 4 'Structure model' 'Database references'        
9 4 'Structure model' 'Refinement description'     
# 
loop_
_pdbx_audit_revision_category.ordinal 
_pdbx_audit_revision_category.revision_ordinal 
_pdbx_audit_revision_category.data_content_type 
_pdbx_audit_revision_category.category 
1  2 'Structure model' diffrn_source                 
2  2 'Structure model' pdbx_audit_support            
3  2 'Structure model' pdbx_struct_oper_list         
4  2 'Structure model' pdbx_unobs_or_zero_occ_atoms  
5  3 'Structure model' pdbx_audit_support            
6  4 'Structure model' chem_comp_atom                
7  4 'Structure model' chem_comp_bond                
8  4 'Structure model' database_2                    
9  4 'Structure model' pdbx_initial_refinement_model 
10 4 'Structure model' pdbx_unobs_or_zero_occ_atoms  
# 
loop_
_pdbx_audit_revision_item.ordinal 
_pdbx_audit_revision_item.revision_ordinal 
_pdbx_audit_revision_item.data_content_type 
_pdbx_audit_revision_item.item 
1 2 'Structure model' '_diffrn_source.pdbx_synchrotron_site'      
2 2 'Structure model' '_pdbx_audit_support.funding_organization'  
3 2 'Structure model' '_pdbx_struct_oper_list.symmetry_operation' 
4 3 'Structure model' '_pdbx_audit_support.funding_organization'  
5 4 'Structure model' '_database_2.pdbx_DOI'                      
6 4 'Structure model' '_database_2.pdbx_database_accession'       
# 
loop_
_software.citation_id 
_software.classification 
_software.compiler_name 
_software.compiler_version 
_software.contact_author 
_software.contact_author_email 
_software.date 
_software.description 
_software.dependencies 
_software.hardware 
_software.language 
_software.location 
_software.mods 
_software.name 
_software.os 
_software.os_version 
_software.type 
_software.version 
_software.pdbx_ordinal 
? refinement       ? ? ? ? ? ? ? ? ? ? ? REFMAC ? ? ? 5.8.0073 1 
? 'data reduction' ? ? ? ? ? ? ? ? ? ? ? MOSFLM ? ? ? .        2 
? 'data scaling'   ? ? ? ? ? ? ? ? ? ? ? SCALA  ? ? ? .        3 
? phasing          ? ? ? ? ? ? ? ? ? ? ? PHASER ? ? ? .        4 
# 
_pdbx_validate_rmsd_bond.id                        1 
_pdbx_validate_rmsd_bond.PDB_model_num             1 
_pdbx_validate_rmsd_bond.auth_atom_id_1            CB 
_pdbx_validate_rmsd_bond.auth_asym_id_1            A 
_pdbx_validate_rmsd_bond.auth_comp_id_1            ASN 
_pdbx_validate_rmsd_bond.auth_seq_id_1             172 
_pdbx_validate_rmsd_bond.PDB_ins_code_1            ? 
_pdbx_validate_rmsd_bond.label_alt_id_1            ? 
_pdbx_validate_rmsd_bond.auth_atom_id_2            CG 
_pdbx_validate_rmsd_bond.auth_asym_id_2            A 
_pdbx_validate_rmsd_bond.auth_comp_id_2            ASN 
_pdbx_validate_rmsd_bond.auth_seq_id_2             172 
_pdbx_validate_rmsd_bond.PDB_ins_code_2            ? 
_pdbx_validate_rmsd_bond.label_alt_id_2            B 
_pdbx_validate_rmsd_bond.bond_value                1.301 
_pdbx_validate_rmsd_bond.bond_target_value         1.506 
_pdbx_validate_rmsd_bond.bond_deviation            -0.205 
_pdbx_validate_rmsd_bond.bond_standard_deviation   0.023 
_pdbx_validate_rmsd_bond.linker_flag               N 
# 
_pdbx_validate_rmsd_angle.id                         1 
_pdbx_validate_rmsd_angle.PDB_model_num              1 
_pdbx_validate_rmsd_angle.auth_atom_id_1             CA 
_pdbx_validate_rmsd_angle.auth_asym_id_1             A 
_pdbx_validate_rmsd_angle.auth_comp_id_1             ASN 
_pdbx_validate_rmsd_angle.auth_seq_id_1              172 
_pdbx_validate_rmsd_angle.PDB_ins_code_1             ? 
_pdbx_validate_rmsd_angle.label_alt_id_1             ? 
_pdbx_validate_rmsd_angle.auth_atom_id_2             CB 
_pdbx_validate_rmsd_angle.auth_asym_id_2             A 
_pdbx_validate_rmsd_angle.auth_comp_id_2             ASN 
_pdbx_validate_rmsd_angle.auth_seq_id_2              172 
_pdbx_validate_rmsd_angle.PDB_ins_code_2             ? 
_pdbx_validate_rmsd_angle.label_alt_id_2             ? 
_pdbx_validate_rmsd_angle.auth_atom_id_3             CG 
_pdbx_validate_rmsd_angle.auth_asym_id_3             A 
_pdbx_validate_rmsd_angle.auth_comp_id_3             ASN 
_pdbx_validate_rmsd_angle.auth_seq_id_3              172 
_pdbx_validate_rmsd_angle.PDB_ins_code_3             ? 
_pdbx_validate_rmsd_angle.label_alt_id_3             B 
_pdbx_validate_rmsd_angle.angle_value                130.29 
_pdbx_validate_rmsd_angle.angle_target_value         113.40 
_pdbx_validate_rmsd_angle.angle_deviation            16.89 
_pdbx_validate_rmsd_angle.angle_standard_deviation   2.20 
_pdbx_validate_rmsd_angle.linker_flag                N 
# 
loop_
_pdbx_validate_torsion.id 
_pdbx_validate_torsion.PDB_model_num 
_pdbx_validate_torsion.auth_comp_id 
_pdbx_validate_torsion.auth_asym_id 
_pdbx_validate_torsion.auth_seq_id 
_pdbx_validate_torsion.PDB_ins_code 
_pdbx_validate_torsion.label_alt_id 
_pdbx_validate_torsion.phi 
_pdbx_validate_torsion.psi 
1 1 THR A 98  ? ? 71.95   -1.79 
2 1 ASP A 100 ? ? -146.11 15.33 
# 
loop_
_pdbx_unobs_or_zero_occ_atoms.id 
_pdbx_unobs_or_zero_occ_atoms.PDB_model_num 
_pdbx_unobs_or_zero_occ_atoms.polymer_flag 
_pdbx_unobs_or_zero_occ_atoms.occupancy_flag 
_pdbx_unobs_or_zero_occ_atoms.auth_asym_id 
_pdbx_unobs_or_zero_occ_atoms.auth_comp_id 
_pdbx_unobs_or_zero_occ_atoms.auth_seq_id 
_pdbx_unobs_or_zero_occ_atoms.PDB_ins_code 
_pdbx_unobs_or_zero_occ_atoms.auth_atom_id 
_pdbx_unobs_or_zero_occ_atoms.label_alt_id 
_pdbx_unobs_or_zero_occ_atoms.label_asym_id 
_pdbx_unobs_or_zero_occ_atoms.label_comp_id 
_pdbx_unobs_or_zero_occ_atoms.label_seq_id 
_pdbx_unobs_or_zero_occ_atoms.label_atom_id 
1 1 Y 0 A ASP 195 ? CB  ? A ASP 132 CB  
2 1 Y 0 A ASP 195 ? CG  ? A ASP 132 CG  
3 1 Y 0 A ASP 195 ? OD1 ? A ASP 132 OD1 
4 1 Y 0 A ASP 195 ? OD2 ? A ASP 132 OD2 
# 
loop_
_chem_comp_atom.comp_id 
_chem_comp_atom.atom_id 
_chem_comp_atom.type_symbol 
_chem_comp_atom.pdbx_aromatic_flag 
_chem_comp_atom.pdbx_stereo_config 
_chem_comp_atom.pdbx_ordinal 
ALA N    N N N 1   
ALA CA   C N S 2   
ALA C    C N N 3   
ALA O    O N N 4   
ALA CB   C N N 5   
ALA OXT  O N N 6   
ALA H    H N N 7   
ALA H2   H N N 8   
ALA HA   H N N 9   
ALA HB1  H N N 10  
ALA HB2  H N N 11  
ALA HB3  H N N 12  
ALA HXT  H N N 13  
ARG N    N N N 14  
ARG CA   C N S 15  
ARG C    C N N 16  
ARG O    O N N 17  
ARG CB   C N N 18  
ARG CG   C N N 19  
ARG CD   C N N 20  
ARG NE   N N N 21  
ARG CZ   C N N 22  
ARG NH1  N N N 23  
ARG NH2  N N N 24  
ARG OXT  O N N 25  
ARG H    H N N 26  
ARG H2   H N N 27  
ARG HA   H N N 28  
ARG HB2  H N N 29  
ARG HB3  H N N 30  
ARG HG2  H N N 31  
ARG HG3  H N N 32  
ARG HD2  H N N 33  
ARG HD3  H N N 34  
ARG HE   H N N 35  
ARG HH11 H N N 36  
ARG HH12 H N N 37  
ARG HH21 H N N 38  
ARG HH22 H N N 39  
ARG HXT  H N N 40  
ASN N    N N N 41  
ASN CA   C N S 42  
ASN C    C N N 43  
ASN O    O N N 44  
ASN CB   C N N 45  
ASN CG   C N N 46  
ASN OD1  O N N 47  
ASN ND2  N N N 48  
ASN OXT  O N N 49  
ASN H    H N N 50  
ASN H2   H N N 51  
ASN HA   H N N 52  
ASN HB2  H N N 53  
ASN HB3  H N N 54  
ASN HD21 H N N 55  
ASN HD22 H N N 56  
ASN HXT  H N N 57  
ASP N    N N N 58  
ASP CA   C N S 59  
ASP C    C N N 60  
ASP O    O N N 61  
ASP CB   C N N 62  
ASP CG   C N N 63  
ASP OD1  O N N 64  
ASP OD2  O N N 65  
ASP OXT  O N N 66  
ASP H    H N N 67  
ASP H2   H N N 68  
ASP HA   H N N 69  
ASP HB2  H N N 70  
ASP HB3  H N N 71  
ASP HD2  H N N 72  
ASP HXT  H N N 73  
CYS N    N N N 74  
CYS CA   C N R 75  
CYS C    C N N 76  
CYS O    O N N 77  
CYS CB   C N N 78  
CYS SG   S N N 79  
CYS OXT  O N N 80  
CYS H    H N N 81  
CYS H2   H N N 82  
CYS HA   H N N 83  
CYS HB2  H N N 84  
CYS HB3  H N N 85  
CYS HG   H N N 86  
CYS HXT  H N N 87  
GLN N    N N N 88  
GLN CA   C N S 89  
GLN C    C N N 90  
GLN O    O N N 91  
GLN CB   C N N 92  
GLN CG   C N N 93  
GLN CD   C N N 94  
GLN OE1  O N N 95  
GLN NE2  N N N 96  
GLN OXT  O N N 97  
GLN H    H N N 98  
GLN H2   H N N 99  
GLN HA   H N N 100 
GLN HB2  H N N 101 
GLN HB3  H N N 102 
GLN HG2  H N N 103 
GLN HG3  H N N 104 
GLN HE21 H N N 105 
GLN HE22 H N N 106 
GLN HXT  H N N 107 
GLU N    N N N 108 
GLU CA   C N S 109 
GLU C    C N N 110 
GLU O    O N N 111 
GLU CB   C N N 112 
GLU CG   C N N 113 
GLU CD   C N N 114 
GLU OE1  O N N 115 
GLU OE2  O N N 116 
GLU OXT  O N N 117 
GLU H    H N N 118 
GLU H2   H N N 119 
GLU HA   H N N 120 
GLU HB2  H N N 121 
GLU HB3  H N N 122 
GLU HG2  H N N 123 
GLU HG3  H N N 124 
GLU HE2  H N N 125 
GLU HXT  H N N 126 
GLY N    N N N 127 
GLY CA   C N N 128 
GLY C    C N N 129 
GLY O    O N N 130 
GLY OXT  O N N 131 
GLY H    H N N 132 
GLY H2   H N N 133 
GLY HA2  H N N 134 
GLY HA3  H N N 135 
GLY HXT  H N N 136 
GOL C1   C N N 137 
GOL O1   O N N 138 
GOL C2   C N N 139 
GOL O2   O N N 140 
GOL C3   C N N 141 
GOL O3   O N N 142 
GOL H11  H N N 143 
GOL H12  H N N 144 
GOL HO1  H N N 145 
GOL H2   H N N 146 
GOL HO2  H N N 147 
GOL H31  H N N 148 
GOL H32  H N N 149 
GOL HO3  H N N 150 
HIS N    N N N 151 
HIS CA   C N S 152 
HIS C    C N N 153 
HIS O    O N N 154 
HIS CB   C N N 155 
HIS CG   C Y N 156 
HIS ND1  N Y N 157 
HIS CD2  C Y N 158 
HIS CE1  C Y N 159 
HIS NE2  N Y N 160 
HIS OXT  O N N 161 
HIS H    H N N 162 
HIS H2   H N N 163 
HIS HA   H N N 164 
HIS HB2  H N N 165 
HIS HB3  H N N 166 
HIS HD1  H N N 167 
HIS HD2  H N N 168 
HIS HE1  H N N 169 
HIS HE2  H N N 170 
HIS HXT  H N N 171 
HOH O    O N N 172 
HOH H1   H N N 173 
HOH H2   H N N 174 
ILE N    N N N 175 
ILE CA   C N S 176 
ILE C    C N N 177 
ILE O    O N N 178 
ILE CB   C N S 179 
ILE CG1  C N N 180 
ILE CG2  C N N 181 
ILE CD1  C N N 182 
ILE OXT  O N N 183 
ILE H    H N N 184 
ILE H2   H N N 185 
ILE HA   H N N 186 
ILE HB   H N N 187 
ILE HG12 H N N 188 
ILE HG13 H N N 189 
ILE HG21 H N N 190 
ILE HG22 H N N 191 
ILE HG23 H N N 192 
ILE HD11 H N N 193 
ILE HD12 H N N 194 
ILE HD13 H N N 195 
ILE HXT  H N N 196 
IPA C1   C N N 197 
IPA C2   C N N 198 
IPA C3   C N N 199 
IPA O2   O N N 200 
IPA H11  H N N 201 
IPA H12  H N N 202 
IPA H13  H N N 203 
IPA H2   H N N 204 
IPA H31  H N N 205 
IPA H32  H N N 206 
IPA H33  H N N 207 
IPA HO2  H N N 208 
LEU N    N N N 209 
LEU CA   C N S 210 
LEU C    C N N 211 
LEU O    O N N 212 
LEU CB   C N N 213 
LEU CG   C N N 214 
LEU CD1  C N N 215 
LEU CD2  C N N 216 
LEU OXT  O N N 217 
LEU H    H N N 218 
LEU H2   H N N 219 
LEU HA   H N N 220 
LEU HB2  H N N 221 
LEU HB3  H N N 222 
LEU HG   H N N 223 
LEU HD11 H N N 224 
LEU HD12 H N N 225 
LEU HD13 H N N 226 
LEU HD21 H N N 227 
LEU HD22 H N N 228 
LEU HD23 H N N 229 
LEU HXT  H N N 230 
LYS N    N N N 231 
LYS CA   C N S 232 
LYS C    C N N 233 
LYS O    O N N 234 
LYS CB   C N N 235 
LYS CG   C N N 236 
LYS CD   C N N 237 
LYS CE   C N N 238 
LYS NZ   N N N 239 
LYS OXT  O N N 240 
LYS H    H N N 241 
LYS H2   H N N 242 
LYS HA   H N N 243 
LYS HB2  H N N 244 
LYS HB3  H N N 245 
LYS HG2  H N N 246 
LYS HG3  H N N 247 
LYS HD2  H N N 248 
LYS HD3  H N N 249 
LYS HE2  H N N 250 
LYS HE3  H N N 251 
LYS HZ1  H N N 252 
LYS HZ2  H N N 253 
LYS HZ3  H N N 254 
LYS HXT  H N N 255 
MET N    N N N 256 
MET CA   C N S 257 
MET C    C N N 258 
MET O    O N N 259 
MET CB   C N N 260 
MET CG   C N N 261 
MET SD   S N N 262 
MET CE   C N N 263 
MET OXT  O N N 264 
MET H    H N N 265 
MET H2   H N N 266 
MET HA   H N N 267 
MET HB2  H N N 268 
MET HB3  H N N 269 
MET HG2  H N N 270 
MET HG3  H N N 271 
MET HE1  H N N 272 
MET HE2  H N N 273 
MET HE3  H N N 274 
MET HXT  H N N 275 
PHE N    N N N 276 
PHE CA   C N S 277 
PHE C    C N N 278 
PHE O    O N N 279 
PHE CB   C N N 280 
PHE CG   C Y N 281 
PHE CD1  C Y N 282 
PHE CD2  C Y N 283 
PHE CE1  C Y N 284 
PHE CE2  C Y N 285 
PHE CZ   C Y N 286 
PHE OXT  O N N 287 
PHE H    H N N 288 
PHE H2   H N N 289 
PHE HA   H N N 290 
PHE HB2  H N N 291 
PHE HB3  H N N 292 
PHE HD1  H N N 293 
PHE HD2  H N N 294 
PHE HE1  H N N 295 
PHE HE2  H N N 296 
PHE HZ   H N N 297 
PHE HXT  H N N 298 
PRO N    N N N 299 
PRO CA   C N S 300 
PRO C    C N N 301 
PRO O    O N N 302 
PRO CB   C N N 303 
PRO CG   C N N 304 
PRO CD   C N N 305 
PRO OXT  O N N 306 
PRO H    H N N 307 
PRO HA   H N N 308 
PRO HB2  H N N 309 
PRO HB3  H N N 310 
PRO HG2  H N N 311 
PRO HG3  H N N 312 
PRO HD2  H N N 313 
PRO HD3  H N N 314 
PRO HXT  H N N 315 
SER N    N N N 316 
SER CA   C N S 317 
SER C    C N N 318 
SER O    O N N 319 
SER CB   C N N 320 
SER OG   O N N 321 
SER OXT  O N N 322 
SER H    H N N 323 
SER H2   H N N 324 
SER HA   H N N 325 
SER HB2  H N N 326 
SER HB3  H N N 327 
SER HG   H N N 328 
SER HXT  H N N 329 
SO4 S    S N N 330 
SO4 O1   O N N 331 
SO4 O2   O N N 332 
SO4 O3   O N N 333 
SO4 O4   O N N 334 
THR N    N N N 335 
THR CA   C N S 336 
THR C    C N N 337 
THR O    O N N 338 
THR CB   C N R 339 
THR OG1  O N N 340 
THR CG2  C N N 341 
THR OXT  O N N 342 
THR H    H N N 343 
THR H2   H N N 344 
THR HA   H N N 345 
THR HB   H N N 346 
THR HG1  H N N 347 
THR HG21 H N N 348 
THR HG22 H N N 349 
THR HG23 H N N 350 
THR HXT  H N N 351 
TRP N    N N N 352 
TRP CA   C N S 353 
TRP C    C N N 354 
TRP O    O N N 355 
TRP CB   C N N 356 
TRP CG   C Y N 357 
TRP CD1  C Y N 358 
TRP CD2  C Y N 359 
TRP NE1  N Y N 360 
TRP CE2  C Y N 361 
TRP CE3  C Y N 362 
TRP CZ2  C Y N 363 
TRP CZ3  C Y N 364 
TRP CH2  C Y N 365 
TRP OXT  O N N 366 
TRP H    H N N 367 
TRP H2   H N N 368 
TRP HA   H N N 369 
TRP HB2  H N N 370 
TRP HB3  H N N 371 
TRP HD1  H N N 372 
TRP HE1  H N N 373 
TRP HE3  H N N 374 
TRP HZ2  H N N 375 
TRP HZ3  H N N 376 
TRP HH2  H N N 377 
TRP HXT  H N N 378 
TYR N    N N N 379 
TYR CA   C N S 380 
TYR C    C N N 381 
TYR O    O N N 382 
TYR CB   C N N 383 
TYR CG   C Y N 384 
TYR CD1  C Y N 385 
TYR CD2  C Y N 386 
TYR CE1  C Y N 387 
TYR CE2  C Y N 388 
TYR CZ   C Y N 389 
TYR OH   O N N 390 
TYR OXT  O N N 391 
TYR H    H N N 392 
TYR H2   H N N 393 
TYR HA   H N N 394 
TYR HB2  H N N 395 
TYR HB3  H N N 396 
TYR HD1  H N N 397 
TYR HD2  H N N 398 
TYR HE1  H N N 399 
TYR HE2  H N N 400 
TYR HH   H N N 401 
TYR HXT  H N N 402 
VAL N    N N N 403 
VAL CA   C N S 404 
VAL C    C N N 405 
VAL O    O N N 406 
VAL CB   C N N 407 
VAL CG1  C N N 408 
VAL CG2  C N N 409 
VAL OXT  O N N 410 
VAL H    H N N 411 
VAL H2   H N N 412 
VAL HA   H N N 413 
VAL HB   H N N 414 
VAL HG11 H N N 415 
VAL HG12 H N N 416 
VAL HG13 H N N 417 
VAL HG21 H N N 418 
VAL HG22 H N N 419 
VAL HG23 H N N 420 
VAL HXT  H N N 421 
# 
loop_
_chem_comp_bond.comp_id 
_chem_comp_bond.atom_id_1 
_chem_comp_bond.atom_id_2 
_chem_comp_bond.value_order 
_chem_comp_bond.pdbx_aromatic_flag 
_chem_comp_bond.pdbx_stereo_config 
_chem_comp_bond.pdbx_ordinal 
ALA N   CA   sing N N 1   
ALA N   H    sing N N 2   
ALA N   H2   sing N N 3   
ALA CA  C    sing N N 4   
ALA CA  CB   sing N N 5   
ALA CA  HA   sing N N 6   
ALA C   O    doub N N 7   
ALA C   OXT  sing N N 8   
ALA CB  HB1  sing N N 9   
ALA CB  HB2  sing N N 10  
ALA CB  HB3  sing N N 11  
ALA OXT HXT  sing N N 12  
ARG N   CA   sing N N 13  
ARG N   H    sing N N 14  
ARG N   H2   sing N N 15  
ARG CA  C    sing N N 16  
ARG CA  CB   sing N N 17  
ARG CA  HA   sing N N 18  
ARG C   O    doub N N 19  
ARG C   OXT  sing N N 20  
ARG CB  CG   sing N N 21  
ARG CB  HB2  sing N N 22  
ARG CB  HB3  sing N N 23  
ARG CG  CD   sing N N 24  
ARG CG  HG2  sing N N 25  
ARG CG  HG3  sing N N 26  
ARG CD  NE   sing N N 27  
ARG CD  HD2  sing N N 28  
ARG CD  HD3  sing N N 29  
ARG NE  CZ   sing N N 30  
ARG NE  HE   sing N N 31  
ARG CZ  NH1  sing N N 32  
ARG CZ  NH2  doub N N 33  
ARG NH1 HH11 sing N N 34  
ARG NH1 HH12 sing N N 35  
ARG NH2 HH21 sing N N 36  
ARG NH2 HH22 sing N N 37  
ARG OXT HXT  sing N N 38  
ASN N   CA   sing N N 39  
ASN N   H    sing N N 40  
ASN N   H2   sing N N 41  
ASN CA  C    sing N N 42  
ASN CA  CB   sing N N 43  
ASN CA  HA   sing N N 44  
ASN C   O    doub N N 45  
ASN C   OXT  sing N N 46  
ASN CB  CG   sing N N 47  
ASN CB  HB2  sing N N 48  
ASN CB  HB3  sing N N 49  
ASN CG  OD1  doub N N 50  
ASN CG  ND2  sing N N 51  
ASN ND2 HD21 sing N N 52  
ASN ND2 HD22 sing N N 53  
ASN OXT HXT  sing N N 54  
ASP N   CA   sing N N 55  
ASP N   H    sing N N 56  
ASP N   H2   sing N N 57  
ASP CA  C    sing N N 58  
ASP CA  CB   sing N N 59  
ASP CA  HA   sing N N 60  
ASP C   O    doub N N 61  
ASP C   OXT  sing N N 62  
ASP CB  CG   sing N N 63  
ASP CB  HB2  sing N N 64  
ASP CB  HB3  sing N N 65  
ASP CG  OD1  doub N N 66  
ASP CG  OD2  sing N N 67  
ASP OD2 HD2  sing N N 68  
ASP OXT HXT  sing N N 69  
CYS N   CA   sing N N 70  
CYS N   H    sing N N 71  
CYS N   H2   sing N N 72  
CYS CA  C    sing N N 73  
CYS CA  CB   sing N N 74  
CYS CA  HA   sing N N 75  
CYS C   O    doub N N 76  
CYS C   OXT  sing N N 77  
CYS CB  SG   sing N N 78  
CYS CB  HB2  sing N N 79  
CYS CB  HB3  sing N N 80  
CYS SG  HG   sing N N 81  
CYS OXT HXT  sing N N 82  
GLN N   CA   sing N N 83  
GLN N   H    sing N N 84  
GLN N   H2   sing N N 85  
GLN CA  C    sing N N 86  
GLN CA  CB   sing N N 87  
GLN CA  HA   sing N N 88  
GLN C   O    doub N N 89  
GLN C   OXT  sing N N 90  
GLN CB  CG   sing N N 91  
GLN CB  HB2  sing N N 92  
GLN CB  HB3  sing N N 93  
GLN CG  CD   sing N N 94  
GLN CG  HG2  sing N N 95  
GLN CG  HG3  sing N N 96  
GLN CD  OE1  doub N N 97  
GLN CD  NE2  sing N N 98  
GLN NE2 HE21 sing N N 99  
GLN NE2 HE22 sing N N 100 
GLN OXT HXT  sing N N 101 
GLU N   CA   sing N N 102 
GLU N   H    sing N N 103 
GLU N   H2   sing N N 104 
GLU CA  C    sing N N 105 
GLU CA  CB   sing N N 106 
GLU CA  HA   sing N N 107 
GLU C   O    doub N N 108 
GLU C   OXT  sing N N 109 
GLU CB  CG   sing N N 110 
GLU CB  HB2  sing N N 111 
GLU CB  HB3  sing N N 112 
GLU CG  CD   sing N N 113 
GLU CG  HG2  sing N N 114 
GLU CG  HG3  sing N N 115 
GLU CD  OE1  doub N N 116 
GLU CD  OE2  sing N N 117 
GLU OE2 HE2  sing N N 118 
GLU OXT HXT  sing N N 119 
GLY N   CA   sing N N 120 
GLY N   H    sing N N 121 
GLY N   H2   sing N N 122 
GLY CA  C    sing N N 123 
GLY CA  HA2  sing N N 124 
GLY CA  HA3  sing N N 125 
GLY C   O    doub N N 126 
GLY C   OXT  sing N N 127 
GLY OXT HXT  sing N N 128 
GOL C1  O1   sing N N 129 
GOL C1  C2   sing N N 130 
GOL C1  H11  sing N N 131 
GOL C1  H12  sing N N 132 
GOL O1  HO1  sing N N 133 
GOL C2  O2   sing N N 134 
GOL C2  C3   sing N N 135 
GOL C2  H2   sing N N 136 
GOL O2  HO2  sing N N 137 
GOL C3  O3   sing N N 138 
GOL C3  H31  sing N N 139 
GOL C3  H32  sing N N 140 
GOL O3  HO3  sing N N 141 
HIS N   CA   sing N N 142 
HIS N   H    sing N N 143 
HIS N   H2   sing N N 144 
HIS CA  C    sing N N 145 
HIS CA  CB   sing N N 146 
HIS CA  HA   sing N N 147 
HIS C   O    doub N N 148 
HIS C   OXT  sing N N 149 
HIS CB  CG   sing N N 150 
HIS CB  HB2  sing N N 151 
HIS CB  HB3  sing N N 152 
HIS CG  ND1  sing Y N 153 
HIS CG  CD2  doub Y N 154 
HIS ND1 CE1  doub Y N 155 
HIS ND1 HD1  sing N N 156 
HIS CD2 NE2  sing Y N 157 
HIS CD2 HD2  sing N N 158 
HIS CE1 NE2  sing Y N 159 
HIS CE1 HE1  sing N N 160 
HIS NE2 HE2  sing N N 161 
HIS OXT HXT  sing N N 162 
HOH O   H1   sing N N 163 
HOH O   H2   sing N N 164 
ILE N   CA   sing N N 165 
ILE N   H    sing N N 166 
ILE N   H2   sing N N 167 
ILE CA  C    sing N N 168 
ILE CA  CB   sing N N 169 
ILE CA  HA   sing N N 170 
ILE C   O    doub N N 171 
ILE C   OXT  sing N N 172 
ILE CB  CG1  sing N N 173 
ILE CB  CG2  sing N N 174 
ILE CB  HB   sing N N 175 
ILE CG1 CD1  sing N N 176 
ILE CG1 HG12 sing N N 177 
ILE CG1 HG13 sing N N 178 
ILE CG2 HG21 sing N N 179 
ILE CG2 HG22 sing N N 180 
ILE CG2 HG23 sing N N 181 
ILE CD1 HD11 sing N N 182 
ILE CD1 HD12 sing N N 183 
ILE CD1 HD13 sing N N 184 
ILE OXT HXT  sing N N 185 
IPA C1  C2   sing N N 186 
IPA C1  H11  sing N N 187 
IPA C1  H12  sing N N 188 
IPA C1  H13  sing N N 189 
IPA C2  C3   sing N N 190 
IPA C2  O2   sing N N 191 
IPA C2  H2   sing N N 192 
IPA C3  H31  sing N N 193 
IPA C3  H32  sing N N 194 
IPA C3  H33  sing N N 195 
IPA O2  HO2  sing N N 196 
LEU N   CA   sing N N 197 
LEU N   H    sing N N 198 
LEU N   H2   sing N N 199 
LEU CA  C    sing N N 200 
LEU CA  CB   sing N N 201 
LEU CA  HA   sing N N 202 
LEU C   O    doub N N 203 
LEU C   OXT  sing N N 204 
LEU CB  CG   sing N N 205 
LEU CB  HB2  sing N N 206 
LEU CB  HB3  sing N N 207 
LEU CG  CD1  sing N N 208 
LEU CG  CD2  sing N N 209 
LEU CG  HG   sing N N 210 
LEU CD1 HD11 sing N N 211 
LEU CD1 HD12 sing N N 212 
LEU CD1 HD13 sing N N 213 
LEU CD2 HD21 sing N N 214 
LEU CD2 HD22 sing N N 215 
LEU CD2 HD23 sing N N 216 
LEU OXT HXT  sing N N 217 
LYS N   CA   sing N N 218 
LYS N   H    sing N N 219 
LYS N   H2   sing N N 220 
LYS CA  C    sing N N 221 
LYS CA  CB   sing N N 222 
LYS CA  HA   sing N N 223 
LYS C   O    doub N N 224 
LYS C   OXT  sing N N 225 
LYS CB  CG   sing N N 226 
LYS CB  HB2  sing N N 227 
LYS CB  HB3  sing N N 228 
LYS CG  CD   sing N N 229 
LYS CG  HG2  sing N N 230 
LYS CG  HG3  sing N N 231 
LYS CD  CE   sing N N 232 
LYS CD  HD2  sing N N 233 
LYS CD  HD3  sing N N 234 
LYS CE  NZ   sing N N 235 
LYS CE  HE2  sing N N 236 
LYS CE  HE3  sing N N 237 
LYS NZ  HZ1  sing N N 238 
LYS NZ  HZ2  sing N N 239 
LYS NZ  HZ3  sing N N 240 
LYS OXT HXT  sing N N 241 
MET N   CA   sing N N 242 
MET N   H    sing N N 243 
MET N   H2   sing N N 244 
MET CA  C    sing N N 245 
MET CA  CB   sing N N 246 
MET CA  HA   sing N N 247 
MET C   O    doub N N 248 
MET C   OXT  sing N N 249 
MET CB  CG   sing N N 250 
MET CB  HB2  sing N N 251 
MET CB  HB3  sing N N 252 
MET CG  SD   sing N N 253 
MET CG  HG2  sing N N 254 
MET CG  HG3  sing N N 255 
MET SD  CE   sing N N 256 
MET CE  HE1  sing N N 257 
MET CE  HE2  sing N N 258 
MET CE  HE3  sing N N 259 
MET OXT HXT  sing N N 260 
PHE N   CA   sing N N 261 
PHE N   H    sing N N 262 
PHE N   H2   sing N N 263 
PHE CA  C    sing N N 264 
PHE CA  CB   sing N N 265 
PHE CA  HA   sing N N 266 
PHE C   O    doub N N 267 
PHE C   OXT  sing N N 268 
PHE CB  CG   sing N N 269 
PHE CB  HB2  sing N N 270 
PHE CB  HB3  sing N N 271 
PHE CG  CD1  doub Y N 272 
PHE CG  CD2  sing Y N 273 
PHE CD1 CE1  sing Y N 274 
PHE CD1 HD1  sing N N 275 
PHE CD2 CE2  doub Y N 276 
PHE CD2 HD2  sing N N 277 
PHE CE1 CZ   doub Y N 278 
PHE CE1 HE1  sing N N 279 
PHE CE2 CZ   sing Y N 280 
PHE CE2 HE2  sing N N 281 
PHE CZ  HZ   sing N N 282 
PHE OXT HXT  sing N N 283 
PRO N   CA   sing N N 284 
PRO N   CD   sing N N 285 
PRO N   H    sing N N 286 
PRO CA  C    sing N N 287 
PRO CA  CB   sing N N 288 
PRO CA  HA   sing N N 289 
PRO C   O    doub N N 290 
PRO C   OXT  sing N N 291 
PRO CB  CG   sing N N 292 
PRO CB  HB2  sing N N 293 
PRO CB  HB3  sing N N 294 
PRO CG  CD   sing N N 295 
PRO CG  HG2  sing N N 296 
PRO CG  HG3  sing N N 297 
PRO CD  HD2  sing N N 298 
PRO CD  HD3  sing N N 299 
PRO OXT HXT  sing N N 300 
SER N   CA   sing N N 301 
SER N   H    sing N N 302 
SER N   H2   sing N N 303 
SER CA  C    sing N N 304 
SER CA  CB   sing N N 305 
SER CA  HA   sing N N 306 
SER C   O    doub N N 307 
SER C   OXT  sing N N 308 
SER CB  OG   sing N N 309 
SER CB  HB2  sing N N 310 
SER CB  HB3  sing N N 311 
SER OG  HG   sing N N 312 
SER OXT HXT  sing N N 313 
SO4 S   O1   doub N N 314 
SO4 S   O2   doub N N 315 
SO4 S   O3   sing N N 316 
SO4 S   O4   sing N N 317 
THR N   CA   sing N N 318 
THR N   H    sing N N 319 
THR N   H2   sing N N 320 
THR CA  C    sing N N 321 
THR CA  CB   sing N N 322 
THR CA  HA   sing N N 323 
THR C   O    doub N N 324 
THR C   OXT  sing N N 325 
THR CB  OG1  sing N N 326 
THR CB  CG2  sing N N 327 
THR CB  HB   sing N N 328 
THR OG1 HG1  sing N N 329 
THR CG2 HG21 sing N N 330 
THR CG2 HG22 sing N N 331 
THR CG2 HG23 sing N N 332 
THR OXT HXT  sing N N 333 
TRP N   CA   sing N N 334 
TRP N   H    sing N N 335 
TRP N   H2   sing N N 336 
TRP CA  C    sing N N 337 
TRP CA  CB   sing N N 338 
TRP CA  HA   sing N N 339 
TRP C   O    doub N N 340 
TRP C   OXT  sing N N 341 
TRP CB  CG   sing N N 342 
TRP CB  HB2  sing N N 343 
TRP CB  HB3  sing N N 344 
TRP CG  CD1  doub Y N 345 
TRP CG  CD2  sing Y N 346 
TRP CD1 NE1  sing Y N 347 
TRP CD1 HD1  sing N N 348 
TRP CD2 CE2  doub Y N 349 
TRP CD2 CE3  sing Y N 350 
TRP NE1 CE2  sing Y N 351 
TRP NE1 HE1  sing N N 352 
TRP CE2 CZ2  sing Y N 353 
TRP CE3 CZ3  doub Y N 354 
TRP CE3 HE3  sing N N 355 
TRP CZ2 CH2  doub Y N 356 
TRP CZ2 HZ2  sing N N 357 
TRP CZ3 CH2  sing Y N 358 
TRP CZ3 HZ3  sing N N 359 
TRP CH2 HH2  sing N N 360 
TRP OXT HXT  sing N N 361 
TYR N   CA   sing N N 362 
TYR N   H    sing N N 363 
TYR N   H2   sing N N 364 
TYR CA  C    sing N N 365 
TYR CA  CB   sing N N 366 
TYR CA  HA   sing N N 367 
TYR C   O    doub N N 368 
TYR C   OXT  sing N N 369 
TYR CB  CG   sing N N 370 
TYR CB  HB2  sing N N 371 
TYR CB  HB3  sing N N 372 
TYR CG  CD1  doub Y N 373 
TYR CG  CD2  sing Y N 374 
TYR CD1 CE1  sing Y N 375 
TYR CD1 HD1  sing N N 376 
TYR CD2 CE2  doub Y N 377 
TYR CD2 HD2  sing N N 378 
TYR CE1 CZ   doub Y N 379 
TYR CE1 HE1  sing N N 380 
TYR CE2 CZ   sing Y N 381 
TYR CE2 HE2  sing N N 382 
TYR CZ  OH   sing N N 383 
TYR OH  HH   sing N N 384 
TYR OXT HXT  sing N N 385 
VAL N   CA   sing N N 386 
VAL N   H    sing N N 387 
VAL N   H2   sing N N 388 
VAL CA  C    sing N N 389 
VAL CA  CB   sing N N 390 
VAL CA  HA   sing N N 391 
VAL C   O    doub N N 392 
VAL C   OXT  sing N N 393 
VAL CB  CG1  sing N N 394 
VAL CB  CG2  sing N N 395 
VAL CB  HB   sing N N 396 
VAL CG1 HG11 sing N N 397 
VAL CG1 HG12 sing N N 398 
VAL CG1 HG13 sing N N 399 
VAL CG2 HG21 sing N N 400 
VAL CG2 HG22 sing N N 401 
VAL CG2 HG23 sing N N 402 
VAL OXT HXT  sing N N 403 
# 
_pdbx_audit_support.funding_organization   'National Health and Medical Research Council (NHMRC, Australia)' 
_pdbx_audit_support.country                Australia 
_pdbx_audit_support.grant_number           APP1085596 
_pdbx_audit_support.ordinal                1 
# 
loop_
_pdbx_entity_nonpoly.entity_id 
_pdbx_entity_nonpoly.name 
_pdbx_entity_nonpoly.comp_id 
2 'ISOPROPYL ALCOHOL' IPA 
3 'SULFATE ION'       SO4 
4 GLYCEROL            GOL 
5 water               HOH 
# 
_pdbx_initial_refinement_model.id               1 
_pdbx_initial_refinement_model.entity_id_list   ? 
_pdbx_initial_refinement_model.type             'experimental model' 
_pdbx_initial_refinement_model.source_name      PDB 
_pdbx_initial_refinement_model.accession_code   4DRR 
_pdbx_initial_refinement_model.details          ? 
# 
